data_2KFL
#
_entry.id   2KFL
#
_entity_poly.entity_id   1
_entity_poly.type   'polypeptide(L)'
_entity_poly.pdbx_seq_one_letter_code
;GSVVGGLGGYMLGSAMSRPVMHFGNEYEDRYYRENQYRYPNQVMYRPIDQYGSQNSFVHDCVNITVKQHTTTTTTKGENF
TETDIKIMERVVEQMCITQYQNEYQAAQRYYN
;
_entity_poly.pdbx_strand_id   A
#
# COMPACT_ATOMS: atom_id res chain seq x y z
N GLY A 1 -11.88 -1.66 7.58
CA GLY A 1 -11.88 -3.03 7.03
C GLY A 1 -11.49 -4.04 8.09
N SER A 2 -10.95 -5.19 7.67
CA SER A 2 -10.57 -6.30 8.55
C SER A 2 -9.32 -7.04 8.04
N VAL A 3 -8.69 -7.83 8.89
CA VAL A 3 -7.74 -8.87 8.55
C VAL A 3 -8.12 -10.13 9.30
N VAL A 4 -7.62 -11.28 8.85
CA VAL A 4 -7.76 -12.59 9.47
C VAL A 4 -7.35 -12.50 10.95
N GLY A 5 -8.33 -12.22 11.80
CA GLY A 5 -8.23 -12.29 13.25
C GLY A 5 -7.33 -11.23 13.90
N GLY A 6 -6.79 -10.27 13.14
CA GLY A 6 -5.80 -9.32 13.63
C GLY A 6 -4.65 -9.18 12.64
N LEU A 7 -3.84 -8.12 12.76
CA LEU A 7 -2.85 -7.82 11.74
C LEU A 7 -1.68 -8.78 11.86
N GLY A 8 -1.10 -9.13 10.72
CA GLY A 8 -0.36 -10.37 10.50
C GLY A 8 1.14 -10.20 10.69
N GLY A 9 1.56 -9.30 11.57
CA GLY A 9 2.99 -9.07 11.83
C GLY A 9 3.67 -8.38 10.65
N TYR A 10 2.93 -7.59 9.89
CA TYR A 10 3.41 -6.87 8.72
C TYR A 10 4.47 -5.84 9.12
N MET A 11 5.16 -5.26 8.14
CA MET A 11 6.10 -4.16 8.38
C MET A 11 5.93 -3.08 7.32
N LEU A 12 6.27 -1.85 7.71
CA LEU A 12 6.28 -0.65 6.89
C LEU A 12 7.49 -0.71 5.95
N GLY A 13 7.27 -0.49 4.65
CA GLY A 13 8.25 -0.64 3.58
C GLY A 13 9.13 0.60 3.34
N SER A 14 9.35 1.40 4.37
CA SER A 14 9.87 2.76 4.38
C SER A 14 9.19 3.70 3.37
N ALA A 15 9.50 4.98 3.48
CA ALA A 15 8.88 6.00 2.66
C ALA A 15 9.59 6.13 1.33
N MET A 16 8.85 5.84 0.26
CA MET A 16 9.28 5.93 -1.12
C MET A 16 8.89 7.30 -1.68
N SER A 17 8.94 7.44 -3.00
CA SER A 17 8.48 8.62 -3.69
C SER A 17 6.95 8.63 -3.74
N ARG A 18 6.38 9.75 -4.18
CA ARG A 18 5.00 9.89 -4.58
C ARG A 18 4.93 9.61 -6.09
N PRO A 19 4.45 8.44 -6.54
CA PRO A 19 4.21 8.23 -7.95
C PRO A 19 2.94 8.96 -8.39
N VAL A 20 2.72 8.98 -9.69
CA VAL A 20 1.42 9.32 -10.25
C VAL A 20 0.44 8.17 -10.02
N MET A 21 -0.74 8.32 -10.60
CA MET A 21 -1.81 7.35 -10.62
C MET A 21 -2.58 7.66 -11.90
N HIS A 22 -2.75 6.66 -12.75
CA HIS A 22 -3.40 6.75 -14.03
C HIS A 22 -4.42 5.62 -14.07
N PHE A 23 -5.70 5.94 -13.86
CA PHE A 23 -6.80 5.00 -14.04
C PHE A 23 -7.18 4.92 -15.51
N GLY A 24 -6.95 6.00 -16.25
CA GLY A 24 -7.32 6.12 -17.65
C GLY A 24 -8.74 6.66 -17.78
N ASN A 25 -9.21 7.39 -16.76
CA ASN A 25 -10.46 8.14 -16.82
C ASN A 25 -10.07 9.61 -16.77
N GLU A 26 -11.06 10.45 -16.52
CA GLU A 26 -10.86 11.83 -16.10
C GLU A 26 -11.32 11.99 -14.66
N TYR A 27 -12.35 11.29 -14.18
CA TYR A 27 -12.93 11.59 -12.89
C TYR A 27 -12.01 11.08 -11.79
N GLU A 28 -11.69 9.80 -11.85
CA GLU A 28 -10.89 9.08 -10.86
C GLU A 28 -9.48 9.69 -10.88
N ASP A 29 -8.98 9.96 -12.09
CA ASP A 29 -7.70 10.58 -12.37
C ASP A 29 -7.59 11.99 -11.79
N ARG A 30 -8.61 12.81 -11.99
CA ARG A 30 -8.73 14.14 -11.41
C ARG A 30 -8.79 14.01 -9.89
N TYR A 31 -9.68 13.18 -9.35
CA TYR A 31 -9.89 13.01 -7.91
C TYR A 31 -8.58 12.66 -7.22
N TYR A 32 -7.76 11.81 -7.85
CA TYR A 32 -6.43 11.50 -7.40
C TYR A 32 -5.59 12.77 -7.30
N ARG A 33 -5.44 13.49 -8.42
CA ARG A 33 -4.58 14.68 -8.48
C ARG A 33 -5.03 15.68 -7.41
N GLU A 34 -6.33 15.89 -7.29
CA GLU A 34 -6.99 16.76 -6.34
C GLU A 34 -6.65 16.46 -4.87
N ASN A 35 -6.22 15.24 -4.56
CA ASN A 35 -5.97 14.79 -3.19
C ASN A 35 -4.64 14.06 -3.09
N GLN A 36 -3.71 14.30 -4.02
CA GLN A 36 -2.46 13.54 -4.15
C GLN A 36 -1.60 13.61 -2.89
N TYR A 37 -1.82 14.65 -2.08
CA TYR A 37 -1.18 14.86 -0.80
C TYR A 37 -1.70 13.89 0.28
N ARG A 38 -3.00 13.60 0.28
CA ARG A 38 -3.62 12.71 1.27
C ARG A 38 -3.10 11.29 1.09
N TYR A 39 -2.85 10.85 -0.13
CA TYR A 39 -2.42 9.49 -0.41
C TYR A 39 -0.97 9.29 0.09
N PRO A 40 -0.71 8.20 0.84
CA PRO A 40 0.62 7.92 1.38
C PRO A 40 1.65 7.65 0.28
N ASN A 41 2.93 7.73 0.64
CA ASN A 41 4.09 7.32 -0.16
C ASN A 41 4.75 6.10 0.49
N GLN A 42 3.96 5.30 1.20
CA GLN A 42 4.38 4.14 1.95
C GLN A 42 3.38 3.00 1.69
N VAL A 43 3.83 1.77 1.93
CA VAL A 43 3.05 0.55 1.91
C VAL A 43 3.53 -0.32 3.07
N MET A 44 2.77 -1.36 3.41
CA MET A 44 3.17 -2.36 4.37
C MET A 44 2.97 -3.74 3.79
N TYR A 45 3.76 -4.70 4.24
CA TYR A 45 3.85 -6.01 3.61
C TYR A 45 4.25 -7.10 4.58
N ARG A 46 4.09 -8.34 4.13
CA ARG A 46 4.47 -9.55 4.82
C ARG A 46 5.79 -10.04 4.22
N PRO A 47 6.63 -10.76 4.98
CA PRO A 47 7.93 -11.16 4.47
C PRO A 47 7.73 -12.12 3.30
N ILE A 48 8.64 -12.09 2.33
CA ILE A 48 8.58 -12.91 1.12
C ILE A 48 8.51 -14.41 1.45
N ASP A 49 9.02 -14.79 2.63
CA ASP A 49 8.84 -16.03 3.37
C ASP A 49 7.42 -16.61 3.24
N GLN A 50 6.41 -15.79 3.50
CA GLN A 50 5.01 -16.23 3.64
C GLN A 50 4.49 -16.86 2.35
N TYR A 51 4.88 -16.27 1.22
CA TYR A 51 4.32 -16.48 -0.10
C TYR A 51 5.48 -16.56 -1.09
N GLY A 52 5.41 -15.90 -2.23
CA GLY A 52 6.46 -15.96 -3.24
C GLY A 52 5.86 -15.65 -4.59
N SER A 53 5.34 -14.44 -4.73
CA SER A 53 4.63 -13.94 -5.89
C SER A 53 4.74 -12.42 -5.92
N GLN A 54 4.44 -11.81 -7.06
CA GLN A 54 4.09 -10.41 -7.10
C GLN A 54 2.63 -10.34 -6.69
N ASN A 55 1.70 -10.95 -7.44
CA ASN A 55 0.27 -10.70 -7.23
C ASN A 55 -0.22 -10.93 -5.79
N SER A 56 0.13 -12.06 -5.15
CA SER A 56 -0.35 -12.34 -3.80
C SER A 56 0.30 -11.39 -2.77
N PHE A 57 1.54 -10.98 -3.02
CA PHE A 57 2.19 -9.93 -2.24
C PHE A 57 1.38 -8.64 -2.45
N VAL A 58 1.20 -8.18 -3.69
CA VAL A 58 0.49 -6.95 -4.04
C VAL A 58 -0.87 -6.93 -3.34
N HIS A 59 -1.69 -7.97 -3.54
CA HIS A 59 -3.06 -7.96 -3.07
C HIS A 59 -3.07 -7.77 -1.55
N ASP A 60 -2.27 -8.54 -0.81
CA ASP A 60 -2.28 -8.45 0.66
C ASP A 60 -1.60 -7.19 1.16
N CYS A 61 -0.48 -6.81 0.55
CA CYS A 61 0.31 -5.60 0.83
C CYS A 61 -0.62 -4.39 0.75
N VAL A 62 -1.31 -4.24 -0.37
CA VAL A 62 -2.27 -3.18 -0.59
C VAL A 62 -3.32 -3.30 0.50
N ASN A 63 -3.95 -4.47 0.66
CA ASN A 63 -5.10 -4.61 1.51
C ASN A 63 -4.79 -4.37 2.98
N ILE A 64 -3.54 -4.45 3.41
CA ILE A 64 -3.14 -4.07 4.76
C ILE A 64 -2.88 -2.57 4.77
N THR A 65 -2.11 -2.06 3.80
CA THR A 65 -1.75 -0.66 3.66
C THR A 65 -3.00 0.19 3.84
N VAL A 66 -4.06 -0.03 3.05
CA VAL A 66 -5.34 0.69 3.19
C VAL A 66 -5.71 0.78 4.65
N LYS A 67 -5.91 -0.39 5.25
CA LYS A 67 -6.27 -0.48 6.66
C LYS A 67 -5.37 0.35 7.55
N GLN A 68 -4.04 0.31 7.41
CA GLN A 68 -3.16 1.04 8.32
C GLN A 68 -3.57 2.50 8.40
N HIS A 69 -3.84 3.10 7.25
CA HIS A 69 -4.32 4.46 7.17
C HIS A 69 -5.76 4.53 7.70
N THR A 70 -6.64 3.63 7.28
CA THR A 70 -8.06 3.61 7.62
C THR A 70 -8.38 2.94 8.98
N THR A 71 -7.40 2.78 9.85
CA THR A 71 -7.53 2.10 11.14
C THR A 71 -6.69 2.81 12.23
N THR A 72 -5.86 3.79 11.85
CA THR A 72 -4.94 4.49 12.70
C THR A 72 -4.92 5.98 12.34
N THR A 73 -4.65 6.34 11.08
CA THR A 73 -4.67 7.75 10.71
C THR A 73 -6.10 8.32 10.79
N THR A 74 -7.14 7.52 10.54
CA THR A 74 -8.54 7.93 10.75
C THR A 74 -8.74 8.46 12.17
N THR A 75 -8.35 7.72 13.20
CA THR A 75 -8.47 8.19 14.58
C THR A 75 -7.46 9.30 14.93
N LYS A 76 -6.45 9.57 14.08
CA LYS A 76 -5.58 10.72 14.13
C LYS A 76 -6.15 11.93 13.38
N GLY A 77 -7.35 11.80 12.82
CA GLY A 77 -8.10 12.90 12.26
C GLY A 77 -8.23 12.83 10.74
N GLU A 78 -8.04 11.68 10.09
CA GLU A 78 -8.31 11.51 8.67
C GLU A 78 -9.75 11.07 8.43
N ASN A 79 -10.21 11.33 7.21
CA ASN A 79 -11.50 10.93 6.73
C ASN A 79 -11.35 10.42 5.30
N PHE A 80 -10.65 9.30 5.22
CA PHE A 80 -10.62 8.50 4.01
C PHE A 80 -12.04 7.99 3.73
N THR A 81 -12.56 8.32 2.56
CA THR A 81 -13.81 7.75 2.07
C THR A 81 -13.49 6.43 1.39
N GLU A 82 -14.51 5.64 1.09
CA GLU A 82 -14.32 4.41 0.36
C GLU A 82 -13.88 4.70 -1.07
N THR A 83 -14.40 5.77 -1.68
CA THR A 83 -13.93 6.24 -2.98
C THR A 83 -12.42 6.57 -2.93
N ASP A 84 -11.96 7.14 -1.82
CA ASP A 84 -10.55 7.47 -1.60
C ASP A 84 -9.71 6.19 -1.49
N ILE A 85 -10.35 5.08 -1.07
CA ILE A 85 -9.71 3.79 -0.84
C ILE A 85 -9.55 3.11 -2.17
N LYS A 86 -10.53 3.19 -3.07
CA LYS A 86 -10.41 2.59 -4.38
C LYS A 86 -9.17 3.13 -5.07
N ILE A 87 -8.99 4.45 -5.02
CA ILE A 87 -7.80 5.11 -5.52
C ILE A 87 -6.58 4.52 -4.84
N MET A 88 -6.48 4.63 -3.50
CA MET A 88 -5.36 4.16 -2.70
C MET A 88 -4.99 2.72 -3.07
N GLU A 89 -5.95 1.81 -3.20
CA GLU A 89 -5.71 0.42 -3.56
C GLU A 89 -5.12 0.22 -4.97
N ARG A 90 -4.86 1.29 -5.72
CA ARG A 90 -4.17 1.27 -7.02
C ARG A 90 -2.86 2.04 -6.96
N VAL A 91 -2.85 3.22 -6.37
CA VAL A 91 -1.59 3.99 -6.22
C VAL A 91 -0.64 3.19 -5.33
N VAL A 92 -1.14 2.63 -4.22
CA VAL A 92 -0.33 1.83 -3.32
C VAL A 92 0.03 0.48 -3.95
N GLU A 93 -0.67 0.04 -5.01
CA GLU A 93 -0.37 -1.16 -5.78
C GLU A 93 1.00 -1.01 -6.45
N GLN A 94 1.25 0.13 -7.12
CA GLN A 94 2.50 0.38 -7.82
C GLN A 94 3.67 0.43 -6.83
N MET A 95 3.42 1.00 -5.64
CA MET A 95 4.41 1.08 -4.58
C MET A 95 4.68 -0.33 -4.02
N CYS A 96 3.64 -1.12 -3.74
CA CYS A 96 3.77 -2.52 -3.31
C CYS A 96 4.62 -3.31 -4.32
N ILE A 97 4.36 -3.16 -5.62
CA ILE A 97 5.13 -3.83 -6.66
C ILE A 97 6.61 -3.51 -6.52
N THR A 98 6.94 -2.23 -6.30
CA THR A 98 8.32 -1.78 -6.16
C THR A 98 8.88 -2.30 -4.83
N GLN A 99 8.06 -2.42 -3.77
CA GLN A 99 8.51 -2.80 -2.45
C GLN A 99 8.79 -4.29 -2.32
N TYR A 100 8.04 -5.17 -2.98
CA TYR A 100 8.38 -6.58 -3.07
C TYR A 100 9.79 -6.71 -3.62
N GLN A 101 10.01 -6.07 -4.78
CA GLN A 101 11.31 -6.04 -5.43
C GLN A 101 12.36 -5.48 -4.46
N ASN A 102 12.08 -4.38 -3.76
CA ASN A 102 13.02 -3.75 -2.84
C ASN A 102 13.33 -4.64 -1.65
N GLU A 103 12.49 -5.61 -1.25
CA GLU A 103 12.84 -6.53 -0.16
C GLU A 103 13.60 -7.71 -0.74
N TYR A 104 13.07 -8.33 -1.78
CA TYR A 104 13.64 -9.48 -2.47
C TYR A 104 15.08 -9.20 -2.84
N GLN A 105 15.29 -8.12 -3.60
CA GLN A 105 16.60 -7.74 -4.07
C GLN A 105 17.53 -7.56 -2.85
N ALA A 106 16.99 -6.90 -1.83
CA ALA A 106 17.61 -6.58 -0.57
C ALA A 106 17.71 -7.75 0.43
N ALA A 107 17.61 -8.98 -0.05
CA ALA A 107 17.68 -10.20 0.74
C ALA A 107 18.46 -11.25 -0.01
N GLN A 108 18.08 -11.52 -1.26
CA GLN A 108 18.84 -12.43 -2.11
C GLN A 108 20.27 -11.94 -2.36
N ARG A 109 20.61 -10.70 -1.99
CA ARG A 109 21.99 -10.22 -2.07
C ARG A 109 22.93 -10.94 -1.13
N TYR A 110 22.48 -11.22 0.10
CA TYR A 110 23.27 -11.87 1.14
C TYR A 110 22.80 -13.26 1.51
N TYR A 111 21.58 -13.59 1.11
CA TYR A 111 20.75 -14.70 1.54
C TYR A 111 20.49 -14.51 3.03
N ASN A 112 19.26 -14.11 3.37
CA ASN A 112 18.65 -14.11 4.68
C ASN A 112 19.59 -14.03 5.87
N GLY A 1 -10.44 -2.08 11.13
CA GLY A 1 -10.06 -3.15 10.20
C GLY A 1 -8.73 -3.74 10.61
N SER A 2 -8.74 -4.99 11.09
CA SER A 2 -7.61 -5.66 11.72
C SER A 2 -7.25 -6.93 10.96
N VAL A 3 -6.34 -7.73 11.51
CA VAL A 3 -6.26 -9.17 11.29
C VAL A 3 -6.50 -9.73 12.70
N VAL A 4 -7.09 -10.93 12.84
CA VAL A 4 -6.87 -11.88 13.93
C VAL A 4 -6.32 -11.24 15.23
N GLY A 5 -7.17 -10.48 15.92
CA GLY A 5 -6.81 -9.77 17.15
C GLY A 5 -6.05 -8.47 16.86
N GLY A 6 -5.00 -8.53 16.06
CA GLY A 6 -4.19 -7.44 15.56
C GLY A 6 -3.35 -7.98 14.41
N LEU A 7 -2.52 -7.13 13.81
CA LEU A 7 -1.71 -7.52 12.66
C LEU A 7 -0.68 -8.58 13.07
N GLY A 8 -0.21 -9.38 12.10
CA GLY A 8 0.69 -10.50 12.31
C GLY A 8 2.14 -10.03 12.23
N GLY A 9 2.44 -8.88 12.82
CA GLY A 9 3.80 -8.37 12.94
C GLY A 9 4.33 -7.84 11.62
N TYR A 10 3.47 -7.15 10.86
CA TYR A 10 3.82 -6.52 9.61
C TYR A 10 4.92 -5.49 9.82
N MET A 11 5.64 -5.19 8.75
CA MET A 11 6.62 -4.09 8.69
C MET A 11 6.21 -3.11 7.59
N LEU A 12 6.89 -1.96 7.51
CA LEU A 12 6.60 -0.88 6.60
C LEU A 12 7.76 -0.73 5.63
N GLY A 13 7.49 -0.98 4.36
CA GLY A 13 8.45 -1.03 3.28
C GLY A 13 8.89 0.36 2.87
N SER A 14 9.90 0.83 3.60
CA SER A 14 10.60 2.09 3.42
C SER A 14 9.63 3.24 3.34
N ALA A 15 10.11 4.40 2.95
CA ALA A 15 9.31 5.47 2.40
C ALA A 15 9.87 5.83 1.03
N MET A 16 8.98 5.92 0.05
CA MET A 16 9.29 6.24 -1.33
C MET A 16 8.87 7.69 -1.62
N SER A 17 8.94 8.09 -2.89
CA SER A 17 8.48 9.39 -3.32
C SER A 17 6.95 9.37 -3.48
N ARG A 18 6.41 10.47 -3.98
CA ARG A 18 5.03 10.59 -4.46
C ARG A 18 5.04 10.21 -5.96
N PRO A 19 4.67 8.98 -6.35
CA PRO A 19 4.57 8.63 -7.76
C PRO A 19 3.26 9.17 -8.33
N VAL A 20 3.11 9.08 -9.64
CA VAL A 20 1.85 9.37 -10.29
C VAL A 20 0.82 8.27 -10.03
N MET A 21 -0.39 8.51 -10.52
CA MET A 21 -1.48 7.60 -10.70
C MET A 21 -2.18 8.04 -11.99
N HIS A 22 -2.62 7.08 -12.80
CA HIS A 22 -3.32 7.29 -14.05
C HIS A 22 -4.39 6.19 -14.13
N PHE A 23 -5.67 6.57 -14.15
CA PHE A 23 -6.78 5.64 -14.33
C PHE A 23 -7.21 5.62 -15.79
N GLY A 24 -7.00 6.72 -16.48
CA GLY A 24 -7.45 6.93 -17.85
C GLY A 24 -8.83 7.51 -17.91
N ASN A 25 -9.27 8.19 -16.86
CA ASN A 25 -10.52 8.94 -16.86
C ASN A 25 -10.19 10.42 -16.75
N GLU A 26 -11.24 11.22 -16.59
CA GLU A 26 -11.12 12.60 -16.16
C GLU A 26 -11.28 12.66 -14.64
N TYR A 27 -12.33 12.01 -14.11
CA TYR A 27 -12.82 12.26 -12.78
C TYR A 27 -11.85 11.64 -11.80
N GLU A 28 -11.61 10.34 -11.95
CA GLU A 28 -10.78 9.54 -11.09
C GLU A 28 -9.36 10.12 -11.09
N ASP A 29 -8.89 10.52 -12.28
CA ASP A 29 -7.59 11.11 -12.47
C ASP A 29 -7.52 12.41 -11.66
N ARG A 30 -8.50 13.31 -11.80
CA ARG A 30 -8.53 14.57 -11.07
C ARG A 30 -8.61 14.32 -9.57
N TYR A 31 -9.54 13.47 -9.11
CA TYR A 31 -9.80 13.18 -7.72
C TYR A 31 -8.51 12.75 -7.03
N TYR A 32 -7.70 11.94 -7.72
CA TYR A 32 -6.37 11.60 -7.28
C TYR A 32 -5.52 12.86 -7.09
N ARG A 33 -5.33 13.73 -8.11
CA ARG A 33 -4.42 14.86 -7.93
C ARG A 33 -4.90 15.83 -6.85
N GLU A 34 -6.21 16.00 -6.73
CA GLU A 34 -6.85 16.80 -5.71
C GLU A 34 -6.48 16.31 -4.30
N ASN A 35 -6.27 15.00 -4.11
CA ASN A 35 -6.24 14.38 -2.78
C ASN A 35 -4.97 13.56 -2.56
N GLN A 36 -3.96 13.74 -3.41
CA GLN A 36 -2.72 12.98 -3.40
C GLN A 36 -1.97 13.08 -2.07
N TYR A 37 -2.20 14.18 -1.34
CA TYR A 37 -1.62 14.43 -0.04
C TYR A 37 -2.13 13.45 1.03
N ARG A 38 -3.34 12.91 0.85
CA ARG A 38 -3.97 11.97 1.79
C ARG A 38 -3.28 10.62 1.71
N TYR A 39 -2.96 10.19 0.50
CA TYR A 39 -2.47 8.84 0.25
C TYR A 39 -1.07 8.70 0.85
N PRO A 40 -0.58 7.47 1.08
CA PRO A 40 0.70 7.22 1.72
C PRO A 40 1.84 7.45 0.72
N ASN A 41 3.08 7.44 1.21
CA ASN A 41 4.26 7.28 0.37
C ASN A 41 5.04 6.03 0.84
N GLN A 42 4.39 5.12 1.56
CA GLN A 42 4.93 3.87 2.08
C GLN A 42 3.86 2.79 1.96
N VAL A 43 4.23 1.52 2.18
CA VAL A 43 3.36 0.33 2.04
C VAL A 43 3.78 -0.72 3.06
N MET A 44 2.85 -1.35 3.79
CA MET A 44 3.18 -2.39 4.78
C MET A 44 3.02 -3.79 4.21
N TYR A 45 3.69 -4.78 4.80
CA TYR A 45 3.73 -6.16 4.30
C TYR A 45 4.27 -7.16 5.33
N ARG A 46 4.37 -8.44 4.92
CA ARG A 46 4.93 -9.58 5.66
C ARG A 46 6.09 -10.17 4.84
N PRO A 47 7.08 -10.84 5.44
CA PRO A 47 8.32 -11.12 4.74
C PRO A 47 8.06 -12.06 3.55
N ILE A 48 8.86 -11.94 2.51
CA ILE A 48 8.69 -12.62 1.23
C ILE A 48 8.62 -14.15 1.41
N ASP A 49 9.29 -14.64 2.45
CA ASP A 49 9.35 -16.03 2.89
C ASP A 49 7.96 -16.65 3.09
N GLN A 50 6.94 -15.84 3.38
CA GLN A 50 5.61 -16.33 3.72
C GLN A 50 4.80 -16.77 2.51
N TYR A 51 5.14 -16.30 1.30
CA TYR A 51 4.35 -16.53 0.09
C TYR A 51 5.23 -16.76 -1.14
N GLY A 52 6.28 -15.97 -1.33
CA GLY A 52 7.17 -16.07 -2.47
C GLY A 52 6.45 -15.82 -3.80
N SER A 53 5.59 -14.81 -3.88
CA SER A 53 4.88 -14.45 -5.10
C SER A 53 4.64 -12.94 -5.10
N GLN A 54 4.40 -12.34 -6.28
CA GLN A 54 4.04 -10.93 -6.39
C GLN A 54 2.58 -10.84 -5.97
N ASN A 55 1.70 -11.56 -6.67
CA ASN A 55 0.26 -11.40 -6.52
C ASN A 55 -0.17 -11.52 -5.06
N SER A 56 0.12 -12.65 -4.39
CA SER A 56 -0.31 -12.84 -3.01
C SER A 56 0.25 -11.77 -2.07
N PHE A 57 1.47 -11.29 -2.34
CA PHE A 57 2.08 -10.19 -1.62
C PHE A 57 1.24 -8.94 -1.83
N VAL A 58 1.08 -8.45 -3.08
CA VAL A 58 0.31 -7.25 -3.42
C VAL A 58 -1.06 -7.33 -2.75
N HIS A 59 -1.76 -8.45 -2.91
CA HIS A 59 -3.12 -8.64 -2.43
C HIS A 59 -3.20 -8.47 -0.90
N ASP A 60 -2.16 -8.84 -0.16
CA ASP A 60 -2.07 -8.72 1.30
C ASP A 60 -1.66 -7.31 1.71
N CYS A 61 -0.65 -6.80 1.01
CA CYS A 61 -0.02 -5.51 1.19
C CYS A 61 -1.03 -4.39 1.00
N VAL A 62 -1.72 -4.41 -0.14
CA VAL A 62 -2.68 -3.40 -0.54
C VAL A 62 -3.97 -3.53 0.28
N ASN A 63 -4.15 -4.65 0.98
CA ASN A 63 -5.12 -4.78 2.04
C ASN A 63 -4.62 -4.01 3.25
N ILE A 64 -3.53 -4.47 3.87
CA ILE A 64 -3.09 -3.97 5.17
C ILE A 64 -2.78 -2.49 5.09
N THR A 65 -1.97 -2.05 4.12
CA THR A 65 -1.60 -0.64 3.94
C THR A 65 -2.90 0.17 4.01
N VAL A 66 -3.89 -0.14 3.18
CA VAL A 66 -5.17 0.58 3.17
C VAL A 66 -5.71 0.69 4.59
N LYS A 67 -5.87 -0.47 5.26
CA LYS A 67 -6.37 -0.55 6.63
C LYS A 67 -5.56 0.39 7.51
N GLN A 68 -4.24 0.45 7.42
CA GLN A 68 -3.42 1.27 8.32
C GLN A 68 -3.86 2.73 8.29
N HIS A 69 -4.23 3.24 7.12
CA HIS A 69 -4.73 4.60 6.98
C HIS A 69 -6.18 4.66 7.47
N THR A 70 -6.99 3.66 7.12
CA THR A 70 -8.43 3.69 7.30
C THR A 70 -8.87 3.04 8.61
N THR A 71 -7.93 2.86 9.53
CA THR A 71 -8.08 2.22 10.83
C THR A 71 -7.31 2.97 11.92
N THR A 72 -6.57 4.03 11.58
CA THR A 72 -5.69 4.73 12.51
C THR A 72 -5.67 6.22 12.16
N THR A 73 -5.23 6.59 10.96
CA THR A 73 -5.25 8.00 10.58
C THR A 73 -6.69 8.54 10.58
N THR A 74 -7.70 7.69 10.34
CA THR A 74 -9.12 8.00 10.45
C THR A 74 -9.48 8.62 11.80
N THR A 75 -9.10 7.98 12.91
CA THR A 75 -9.41 8.53 14.23
C THR A 75 -8.50 9.71 14.56
N LYS A 76 -7.30 9.78 13.96
CA LYS A 76 -6.43 10.92 14.03
C LYS A 76 -6.94 12.12 13.20
N GLY A 77 -8.05 11.99 12.47
CA GLY A 77 -8.64 13.11 11.74
C GLY A 77 -9.11 12.75 10.34
N GLU A 78 -8.59 11.69 9.72
CA GLU A 78 -8.91 11.42 8.32
C GLU A 78 -10.32 10.94 8.17
N ASN A 79 -10.78 11.05 6.94
CA ASN A 79 -12.05 10.48 6.55
C ASN A 79 -12.02 10.14 5.08
N PHE A 80 -11.18 9.16 4.79
CA PHE A 80 -11.19 8.49 3.52
C PHE A 80 -12.57 7.86 3.29
N THR A 81 -13.06 7.99 2.07
CA THR A 81 -14.24 7.31 1.58
C THR A 81 -13.79 6.15 0.72
N GLU A 82 -14.67 5.21 0.42
CA GLU A 82 -14.36 4.05 -0.40
C GLU A 82 -13.74 4.50 -1.73
N THR A 83 -14.32 5.49 -2.38
CA THR A 83 -13.82 6.02 -3.64
C THR A 83 -12.36 6.50 -3.51
N ASP A 84 -12.00 7.10 -2.37
CA ASP A 84 -10.65 7.55 -2.07
C ASP A 84 -9.74 6.34 -1.78
N ILE A 85 -10.32 5.18 -1.43
CA ILE A 85 -9.60 3.93 -1.19
C ILE A 85 -9.31 3.29 -2.53
N LYS A 86 -10.26 3.30 -3.47
CA LYS A 86 -10.06 2.67 -4.78
C LYS A 86 -8.83 3.25 -5.45
N ILE A 87 -8.67 4.58 -5.38
CA ILE A 87 -7.49 5.27 -5.85
C ILE A 87 -6.27 4.67 -5.16
N MET A 88 -6.17 4.79 -3.83
CA MET A 88 -5.07 4.30 -3.00
C MET A 88 -4.74 2.85 -3.35
N GLU A 89 -5.72 1.95 -3.47
CA GLU A 89 -5.56 0.54 -3.87
C GLU A 89 -4.85 0.36 -5.21
N ARG A 90 -4.66 1.40 -6.01
CA ARG A 90 -3.91 1.37 -7.26
C ARG A 90 -2.57 2.06 -7.02
N VAL A 91 -2.55 3.31 -6.56
CA VAL A 91 -1.32 4.08 -6.41
C VAL A 91 -0.35 3.42 -5.41
N VAL A 92 -0.85 2.76 -4.36
CA VAL A 92 0.00 2.04 -3.42
C VAL A 92 0.34 0.65 -3.96
N GLU A 93 -0.51 0.02 -4.77
CA GLU A 93 -0.26 -1.27 -5.41
C GLU A 93 0.94 -1.13 -6.34
N GLN A 94 0.99 -0.06 -7.14
CA GLN A 94 2.10 0.20 -8.04
C GLN A 94 3.41 0.26 -7.24
N MET A 95 3.40 0.98 -6.10
CA MET A 95 4.61 1.08 -5.28
C MET A 95 4.92 -0.27 -4.62
N CYS A 96 3.93 -1.00 -4.13
CA CYS A 96 4.08 -2.29 -3.44
C CYS A 96 4.73 -3.32 -4.35
N ILE A 97 4.33 -3.35 -5.62
CA ILE A 97 4.95 -4.18 -6.64
C ILE A 97 6.45 -3.83 -6.74
N THR A 98 6.81 -2.55 -6.68
CA THR A 98 8.19 -2.11 -6.69
C THR A 98 8.88 -2.45 -5.36
N GLN A 99 8.22 -2.34 -4.21
CA GLN A 99 8.80 -2.61 -2.90
C GLN A 99 9.08 -4.11 -2.74
N TYR A 100 8.12 -5.03 -2.91
CA TYR A 100 8.39 -6.47 -2.92
C TYR A 100 9.62 -6.83 -3.77
N GLN A 101 9.68 -6.25 -4.97
CA GLN A 101 10.81 -6.49 -5.85
C GLN A 101 12.08 -5.87 -5.27
N ASN A 102 12.05 -4.62 -4.78
CA ASN A 102 13.18 -3.95 -4.16
C ASN A 102 13.63 -4.68 -2.90
N GLU A 103 12.79 -5.49 -2.25
CA GLU A 103 13.18 -6.36 -1.16
C GLU A 103 13.92 -7.55 -1.75
N TYR A 104 13.22 -8.40 -2.50
CA TYR A 104 13.71 -9.67 -3.02
C TYR A 104 15.05 -9.47 -3.73
N GLN A 105 15.07 -8.48 -4.61
CA GLN A 105 16.19 -8.16 -5.50
C GLN A 105 17.35 -7.53 -4.74
N ALA A 106 17.19 -7.33 -3.44
CA ALA A 106 18.12 -6.75 -2.49
C ALA A 106 18.26 -7.67 -1.26
N ALA A 107 17.85 -8.94 -1.37
CA ALA A 107 17.72 -9.90 -0.28
C ALA A 107 18.43 -11.18 -0.66
N GLN A 108 18.11 -11.74 -1.85
CA GLN A 108 18.73 -12.97 -2.35
C GLN A 108 20.25 -12.88 -2.45
N ARG A 109 20.82 -11.68 -2.38
CA ARG A 109 22.26 -11.44 -2.33
C ARG A 109 22.94 -11.97 -1.08
N TYR A 110 22.28 -11.85 0.07
CA TYR A 110 22.86 -12.24 1.35
C TYR A 110 22.07 -13.32 2.07
N TYR A 111 20.90 -13.65 1.54
CA TYR A 111 19.95 -14.65 1.96
C TYR A 111 19.23 -14.19 3.22
N ASN A 112 17.99 -13.78 3.03
CA ASN A 112 17.11 -13.18 4.02
C ASN A 112 15.72 -13.69 3.77
N GLY A 1 -11.64 -3.99 8.10
CA GLY A 1 -10.83 -5.23 8.05
C GLY A 1 -9.88 -5.31 9.24
N SER A 2 -9.85 -6.45 9.93
CA SER A 2 -8.97 -6.73 11.07
C SER A 2 -8.33 -8.12 10.88
N VAL A 3 -7.46 -8.53 11.80
CA VAL A 3 -6.75 -9.81 11.81
C VAL A 3 -6.61 -10.30 13.24
N VAL A 4 -6.40 -11.61 13.36
CA VAL A 4 -6.11 -12.35 14.57
C VAL A 4 -5.12 -11.56 15.42
N GLY A 5 -5.66 -10.85 16.39
CA GLY A 5 -4.90 -10.25 17.48
C GLY A 5 -4.19 -8.95 17.09
N GLY A 6 -4.44 -8.41 15.91
CA GLY A 6 -3.81 -7.20 15.44
C GLY A 6 -3.56 -7.33 13.95
N LEU A 7 -2.34 -7.73 13.57
CA LEU A 7 -1.94 -8.08 12.21
C LEU A 7 -1.09 -9.35 12.24
N GLY A 8 -0.79 -9.90 11.06
CA GLY A 8 0.00 -11.11 10.87
C GLY A 8 1.49 -10.81 10.91
N GLY A 9 1.90 -9.92 11.83
CA GLY A 9 3.27 -9.49 12.03
C GLY A 9 3.88 -8.93 10.76
N TYR A 10 3.20 -7.91 10.23
CA TYR A 10 3.65 -7.09 9.11
C TYR A 10 4.79 -6.17 9.54
N MET A 11 5.32 -5.39 8.60
CA MET A 11 6.23 -4.30 8.85
C MET A 11 6.00 -3.20 7.82
N LEU A 12 6.52 -2.02 8.15
CA LEU A 12 6.69 -0.90 7.25
C LEU A 12 8.00 -1.11 6.50
N GLY A 13 8.01 -0.83 5.20
CA GLY A 13 9.21 -0.95 4.40
C GLY A 13 10.03 0.33 4.47
N SER A 14 9.65 1.31 3.66
CA SER A 14 10.33 2.58 3.48
C SER A 14 9.32 3.69 3.19
N ALA A 15 9.78 4.89 2.85
CA ALA A 15 9.00 5.92 2.20
C ALA A 15 9.62 6.23 0.84
N MET A 16 8.83 6.14 -0.23
CA MET A 16 9.32 6.04 -1.60
C MET A 16 8.77 7.19 -2.46
N SER A 17 9.06 7.19 -3.76
CA SER A 17 8.58 8.23 -4.66
C SER A 17 7.11 8.02 -4.91
N ARG A 18 6.49 9.12 -5.32
CA ARG A 18 5.07 9.20 -5.55
C ARG A 18 4.79 8.69 -6.96
N PRO A 19 4.04 7.59 -7.15
CA PRO A 19 3.69 7.17 -8.50
C PRO A 19 2.58 8.07 -9.05
N VAL A 20 2.44 8.10 -10.37
CA VAL A 20 1.26 8.67 -10.98
C VAL A 20 0.07 7.72 -10.76
N MET A 21 -1.07 8.02 -11.36
CA MET A 21 -2.18 7.10 -11.52
C MET A 21 -3.03 7.67 -12.65
N HIS A 22 -3.44 6.84 -13.60
CA HIS A 22 -4.26 7.25 -14.72
C HIS A 22 -5.39 6.25 -14.88
N PHE A 23 -6.56 6.52 -14.29
CA PHE A 23 -7.72 5.65 -14.45
C PHE A 23 -8.28 5.73 -15.86
N GLY A 24 -8.03 6.84 -16.55
CA GLY A 24 -8.59 7.09 -17.87
C GLY A 24 -9.99 7.67 -17.69
N ASN A 25 -10.19 8.47 -16.65
CA ASN A 25 -11.31 9.35 -16.48
C ASN A 25 -10.78 10.77 -16.43
N GLU A 26 -11.71 11.72 -16.33
CA GLU A 26 -11.41 13.07 -15.87
C GLU A 26 -11.54 13.10 -14.35
N TYR A 27 -12.67 12.66 -13.82
CA TYR A 27 -13.07 12.95 -12.44
C TYR A 27 -12.15 12.20 -11.49
N GLU A 28 -12.02 10.90 -11.70
CA GLU A 28 -11.26 9.99 -10.87
C GLU A 28 -9.79 10.43 -10.85
N ASP A 29 -9.29 10.83 -12.01
CA ASP A 29 -7.93 11.25 -12.26
C ASP A 29 -7.68 12.58 -11.55
N ARG A 30 -8.58 13.55 -11.70
CA ARG A 30 -8.52 14.84 -11.03
C ARG A 30 -8.59 14.65 -9.52
N TYR A 31 -9.55 13.89 -8.99
CA TYR A 31 -9.70 13.56 -7.59
C TYR A 31 -8.39 13.02 -7.04
N TYR A 32 -7.81 12.02 -7.68
CA TYR A 32 -6.54 11.43 -7.29
C TYR A 32 -5.44 12.49 -7.18
N ARG A 33 -5.31 13.36 -8.18
CA ARG A 33 -4.24 14.36 -8.19
C ARG A 33 -4.51 15.42 -7.13
N GLU A 34 -5.74 15.95 -7.07
CA GLU A 34 -6.16 17.00 -6.16
C GLU A 34 -5.86 16.61 -4.73
N ASN A 35 -6.21 15.38 -4.36
CA ASN A 35 -6.12 14.90 -2.99
C ASN A 35 -4.92 13.98 -2.80
N GLN A 36 -3.90 14.11 -3.64
CA GLN A 36 -2.73 13.24 -3.62
C GLN A 36 -2.07 13.20 -2.25
N TYR A 37 -2.15 14.32 -1.50
CA TYR A 37 -1.64 14.47 -0.16
C TYR A 37 -2.29 13.53 0.86
N ARG A 38 -3.56 13.13 0.67
CA ARG A 38 -4.23 12.24 1.63
C ARG A 38 -3.68 10.83 1.48
N TYR A 39 -3.27 10.41 0.28
CA TYR A 39 -2.79 9.07 0.03
C TYR A 39 -1.38 8.87 0.61
N PRO A 40 -0.94 7.62 0.85
CA PRO A 40 0.38 7.35 1.39
C PRO A 40 1.52 7.66 0.41
N ASN A 41 2.75 7.63 0.91
CA ASN A 41 3.98 7.50 0.14
C ASN A 41 4.84 6.40 0.77
N GLN A 42 4.22 5.47 1.50
CA GLN A 42 4.83 4.30 2.11
C GLN A 42 3.85 3.14 1.94
N VAL A 43 4.31 1.94 2.28
CA VAL A 43 3.59 0.70 2.11
C VAL A 43 4.19 -0.35 3.04
N MET A 44 3.39 -1.36 3.31
CA MET A 44 3.59 -2.37 4.35
C MET A 44 3.39 -3.77 3.79
N TYR A 45 3.98 -4.78 4.43
CA TYR A 45 4.03 -6.14 3.92
C TYR A 45 4.48 -7.14 5.00
N ARG A 46 4.51 -8.44 4.66
CA ARG A 46 5.08 -9.53 5.47
C ARG A 46 6.36 -9.99 4.76
N PRO A 47 7.25 -10.79 5.36
CA PRO A 47 8.46 -11.23 4.64
C PRO A 47 8.11 -12.15 3.46
N ILE A 48 9.00 -12.23 2.46
CA ILE A 48 8.76 -13.07 1.27
C ILE A 48 8.65 -14.54 1.68
N ASP A 49 9.24 -14.90 2.83
CA ASP A 49 9.16 -16.23 3.44
C ASP A 49 7.75 -16.67 3.79
N GLN A 50 6.76 -15.78 3.84
CA GLN A 50 5.36 -16.17 3.95
C GLN A 50 4.96 -16.85 2.64
N TYR A 51 4.98 -16.08 1.57
CA TYR A 51 4.04 -16.23 0.46
C TYR A 51 4.66 -16.31 -0.93
N GLY A 52 5.91 -15.86 -1.13
CA GLY A 52 6.78 -16.19 -2.26
C GLY A 52 6.27 -15.93 -3.68
N SER A 53 5.16 -15.22 -3.86
CA SER A 53 4.52 -14.93 -5.15
C SER A 53 4.36 -13.41 -5.32
N GLN A 54 4.24 -12.94 -6.56
CA GLN A 54 4.14 -11.52 -6.88
C GLN A 54 2.72 -11.04 -6.60
N ASN A 55 1.71 -11.79 -7.02
CA ASN A 55 0.31 -11.42 -6.84
C ASN A 55 -0.06 -11.36 -5.36
N SER A 56 0.09 -12.47 -4.64
CA SER A 56 -0.39 -12.58 -3.27
C SER A 56 0.38 -11.69 -2.30
N PHE A 57 1.57 -11.20 -2.68
CA PHE A 57 2.22 -10.11 -1.96
C PHE A 57 1.28 -8.92 -2.05
N VAL A 58 1.07 -8.39 -3.25
CA VAL A 58 0.32 -7.18 -3.52
C VAL A 58 -1.08 -7.26 -2.89
N HIS A 59 -1.77 -8.39 -3.07
CA HIS A 59 -3.13 -8.61 -2.57
C HIS A 59 -3.27 -8.47 -1.05
N ASP A 60 -2.19 -8.63 -0.27
CA ASP A 60 -2.16 -8.67 1.19
C ASP A 60 -1.41 -7.48 1.76
N CYS A 61 -0.63 -6.81 0.93
CA CYS A 61 0.25 -5.65 1.16
C CYS A 61 -0.53 -4.36 0.98
N VAL A 62 -1.14 -4.17 -0.19
CA VAL A 62 -1.98 -3.02 -0.52
C VAL A 62 -3.09 -2.96 0.52
N ASN A 63 -3.68 -4.12 0.78
CA ASN A 63 -4.65 -4.41 1.80
C ASN A 63 -4.25 -3.74 3.12
N ILE A 64 -3.16 -4.23 3.71
CA ILE A 64 -2.69 -3.81 5.02
C ILE A 64 -2.40 -2.34 5.01
N THR A 65 -1.68 -1.85 4.02
CA THR A 65 -1.29 -0.45 3.92
C THR A 65 -2.57 0.38 4.07
N VAL A 66 -3.55 0.15 3.20
CA VAL A 66 -4.86 0.80 3.27
C VAL A 66 -5.43 0.69 4.68
N LYS A 67 -5.45 -0.50 5.29
CA LYS A 67 -5.95 -0.66 6.67
C LYS A 67 -5.19 0.23 7.64
N GLN A 68 -3.86 0.24 7.61
CA GLN A 68 -2.95 0.96 8.50
C GLN A 68 -3.09 2.48 8.46
N HIS A 69 -3.94 2.94 7.54
CA HIS A 69 -4.46 4.27 7.47
C HIS A 69 -5.95 4.28 7.84
N THR A 70 -6.78 3.45 7.19
CA THR A 70 -8.24 3.42 7.33
C THR A 70 -8.75 2.71 8.60
N THR A 71 -7.84 2.48 9.54
CA THR A 71 -8.03 1.88 10.85
C THR A 71 -7.34 2.75 11.93
N THR A 72 -6.57 3.76 11.53
CA THR A 72 -5.52 4.39 12.28
C THR A 72 -5.51 5.90 12.09
N THR A 73 -5.26 6.40 10.88
CA THR A 73 -5.26 7.81 10.59
C THR A 73 -6.65 8.40 10.84
N THR A 74 -7.71 7.61 10.79
CA THR A 74 -9.06 8.06 11.06
C THR A 74 -9.16 8.68 12.46
N THR A 75 -8.69 8.02 13.53
CA THR A 75 -8.64 8.65 14.84
C THR A 75 -7.68 9.85 14.84
N LYS A 76 -6.60 9.78 14.04
CA LYS A 76 -5.59 10.83 13.86
C LYS A 76 -6.13 12.03 13.04
N GLY A 77 -7.39 12.00 12.64
CA GLY A 77 -8.11 13.13 12.08
C GLY A 77 -8.63 12.91 10.66
N GLU A 78 -8.47 11.72 10.07
CA GLU A 78 -8.83 11.48 8.68
C GLU A 78 -10.22 10.90 8.50
N ASN A 79 -10.73 10.99 7.28
CA ASN A 79 -12.06 10.55 6.89
C ASN A 79 -12.06 10.13 5.43
N PHE A 80 -11.27 9.10 5.18
CA PHE A 80 -11.28 8.36 3.93
C PHE A 80 -12.67 7.79 3.69
N THR A 81 -13.08 7.82 2.43
CA THR A 81 -14.32 7.29 1.91
C THR A 81 -14.00 6.13 0.99
N GLU A 82 -14.98 5.30 0.64
CA GLU A 82 -14.70 4.15 -0.19
C GLU A 82 -14.16 4.59 -1.56
N THR A 83 -14.73 5.62 -2.18
CA THR A 83 -14.27 6.20 -3.43
C THR A 83 -12.76 6.51 -3.36
N ASP A 84 -12.31 6.97 -2.20
CA ASP A 84 -10.93 7.31 -1.90
C ASP A 84 -10.06 6.06 -1.90
N ILE A 85 -10.60 4.93 -1.43
CA ILE A 85 -9.89 3.65 -1.30
C ILE A 85 -9.80 3.00 -2.69
N LYS A 86 -10.81 3.19 -3.54
CA LYS A 86 -10.81 2.69 -4.92
C LYS A 86 -9.64 3.26 -5.70
N ILE A 87 -9.32 4.54 -5.46
CA ILE A 87 -8.10 5.16 -5.96
C ILE A 87 -6.91 4.53 -5.23
N MET A 88 -6.89 4.60 -3.90
CA MET A 88 -5.73 4.34 -3.08
C MET A 88 -5.15 2.95 -3.33
N GLU A 89 -5.98 1.92 -3.50
CA GLU A 89 -5.50 0.56 -3.77
C GLU A 89 -4.59 0.56 -5.00
N ARG A 90 -4.97 1.27 -6.06
CA ARG A 90 -4.24 1.30 -7.33
C ARG A 90 -2.93 2.07 -7.20
N VAL A 91 -2.96 3.19 -6.48
CA VAL A 91 -1.75 3.96 -6.18
C VAL A 91 -0.79 3.08 -5.38
N VAL A 92 -1.26 2.50 -4.28
CA VAL A 92 -0.47 1.73 -3.35
C VAL A 92 0.07 0.45 -4.02
N GLU A 93 -0.68 -0.18 -4.94
CA GLU A 93 -0.24 -1.32 -5.76
C GLU A 93 1.14 -1.05 -6.35
N GLN A 94 1.36 0.15 -6.89
CA GLN A 94 2.58 0.43 -7.65
C GLN A 94 3.77 0.41 -6.69
N MET A 95 3.60 1.08 -5.54
CA MET A 95 4.64 1.22 -4.53
C MET A 95 4.87 -0.14 -3.89
N CYS A 96 3.82 -0.91 -3.65
CA CYS A 96 3.86 -2.24 -3.08
C CYS A 96 4.76 -3.14 -3.95
N ILE A 97 4.54 -3.15 -5.26
CA ILE A 97 5.35 -3.91 -6.19
C ILE A 97 6.82 -3.43 -6.13
N THR A 98 7.08 -2.12 -5.95
CA THR A 98 8.45 -1.61 -5.77
C THR A 98 9.02 -2.05 -4.42
N GLN A 99 8.21 -2.13 -3.37
CA GLN A 99 8.62 -2.49 -2.03
C GLN A 99 9.00 -3.97 -1.95
N TYR A 100 8.25 -4.84 -2.63
CA TYR A 100 8.55 -6.25 -2.77
C TYR A 100 9.95 -6.44 -3.37
N GLN A 101 10.21 -5.76 -4.47
CA GLN A 101 11.49 -5.87 -5.16
C GLN A 101 12.60 -5.39 -4.20
N ASN A 102 12.40 -4.29 -3.48
CA ASN A 102 13.28 -3.77 -2.44
C ASN A 102 13.41 -4.73 -1.24
N GLU A 103 12.67 -5.83 -1.17
CA GLU A 103 12.89 -6.88 -0.19
C GLU A 103 13.66 -8.03 -0.83
N TYR A 104 13.16 -8.61 -1.93
CA TYR A 104 13.84 -9.71 -2.60
C TYR A 104 15.29 -9.36 -2.87
N GLN A 105 15.51 -8.17 -3.45
CA GLN A 105 16.82 -7.71 -3.82
C GLN A 105 17.68 -7.54 -2.56
N ALA A 106 17.04 -7.10 -1.48
CA ALA A 106 17.63 -6.85 -0.17
C ALA A 106 17.69 -8.08 0.74
N ALA A 107 17.33 -9.23 0.19
CA ALA A 107 17.31 -10.52 0.85
C ALA A 107 18.38 -11.36 0.17
N GLN A 108 18.20 -11.68 -1.11
CA GLN A 108 19.09 -12.56 -1.85
C GLN A 108 20.52 -12.02 -1.99
N ARG A 109 20.73 -10.73 -1.71
CA ARG A 109 22.08 -10.16 -1.60
C ARG A 109 22.99 -10.87 -0.61
N TYR A 110 22.40 -11.51 0.38
CA TYR A 110 23.09 -12.33 1.36
C TYR A 110 22.37 -13.63 1.72
N TYR A 111 21.14 -13.79 1.25
CA TYR A 111 20.13 -14.81 1.51
C TYR A 111 19.50 -14.60 2.88
N ASN A 112 18.20 -14.31 2.89
CA ASN A 112 17.35 -14.56 4.03
C ASN A 112 17.23 -16.06 4.15
N GLY A 1 -12.52 -4.06 6.43
CA GLY A 1 -11.09 -4.36 6.61
C GLY A 1 -10.89 -5.12 7.91
N SER A 2 -10.13 -4.55 8.86
CA SER A 2 -9.68 -5.18 10.10
C SER A 2 -8.86 -6.45 9.82
N VAL A 3 -8.26 -7.06 10.83
CA VAL A 3 -7.45 -8.25 10.67
C VAL A 3 -7.81 -9.24 11.80
N VAL A 4 -7.27 -10.46 11.74
CA VAL A 4 -7.53 -11.57 12.65
C VAL A 4 -6.95 -11.28 14.04
N GLY A 5 -7.59 -10.38 14.79
CA GLY A 5 -7.22 -10.04 16.15
C GLY A 5 -5.86 -9.37 16.22
N GLY A 6 -5.67 -8.28 15.48
CA GLY A 6 -4.37 -7.62 15.32
C GLY A 6 -3.68 -8.16 14.07
N LEU A 7 -2.61 -7.50 13.61
CA LEU A 7 -2.01 -7.85 12.33
C LEU A 7 -1.11 -9.08 12.53
N GLY A 8 -0.81 -9.80 11.44
CA GLY A 8 -0.06 -11.05 11.43
C GLY A 8 1.42 -10.78 11.29
N GLY A 9 1.92 -9.82 12.07
CA GLY A 9 3.35 -9.51 12.12
C GLY A 9 3.82 -8.77 10.87
N TYR A 10 2.93 -7.99 10.28
CA TYR A 10 3.25 -7.07 9.20
C TYR A 10 4.31 -6.07 9.64
N MET A 11 4.99 -5.48 8.65
CA MET A 11 5.91 -4.39 8.86
C MET A 11 5.81 -3.39 7.72
N LEU A 12 6.39 -2.23 7.96
CA LEU A 12 6.57 -1.17 6.98
C LEU A 12 8.00 -1.26 6.49
N GLY A 13 8.17 -1.29 5.17
CA GLY A 13 9.47 -1.32 4.55
C GLY A 13 10.14 0.04 4.62
N SER A 14 9.93 0.80 3.56
CA SER A 14 10.55 2.10 3.34
C SER A 14 9.49 3.12 3.00
N ALA A 15 9.90 4.32 2.63
CA ALA A 15 9.05 5.32 2.01
C ALA A 15 9.58 5.65 0.64
N MET A 16 8.64 5.86 -0.26
CA MET A 16 8.88 6.16 -1.66
C MET A 16 8.56 7.64 -1.92
N SER A 17 8.76 8.06 -3.16
CA SER A 17 8.28 9.33 -3.65
C SER A 17 6.80 9.20 -4.03
N ARG A 18 6.29 10.20 -4.74
CA ARG A 18 4.98 10.16 -5.39
C ARG A 18 5.15 9.56 -6.78
N PRO A 19 4.63 8.34 -7.05
CA PRO A 19 4.40 7.89 -8.41
C PRO A 19 3.13 8.56 -8.92
N VAL A 20 2.86 8.41 -10.22
CA VAL A 20 1.59 8.82 -10.78
C VAL A 20 0.54 7.74 -10.56
N MET A 21 -0.67 8.12 -10.93
CA MET A 21 -1.82 7.29 -11.08
C MET A 21 -2.62 7.92 -12.22
N HIS A 22 -3.20 7.08 -13.06
CA HIS A 22 -4.15 7.42 -14.10
C HIS A 22 -5.20 6.30 -14.04
N PHE A 23 -6.43 6.62 -14.43
CA PHE A 23 -7.51 5.64 -14.58
C PHE A 23 -8.05 5.70 -16.00
N GLY A 24 -7.83 6.82 -16.68
CA GLY A 24 -8.43 7.08 -17.97
C GLY A 24 -9.82 7.63 -17.75
N ASN A 25 -9.95 8.48 -16.73
CA ASN A 25 -11.14 9.22 -16.38
C ASN A 25 -10.80 10.71 -16.42
N GLU A 26 -11.81 11.51 -16.15
CA GLU A 26 -11.63 12.90 -15.75
C GLU A 26 -11.89 13.00 -14.25
N TYR A 27 -12.90 12.30 -13.73
CA TYR A 27 -13.35 12.45 -12.36
C TYR A 27 -12.33 11.81 -11.44
N GLU A 28 -12.01 10.54 -11.72
CA GLU A 28 -11.15 9.69 -10.91
C GLU A 28 -9.73 10.22 -10.96
N ASP A 29 -9.28 10.55 -12.18
CA ASP A 29 -7.96 11.13 -12.41
C ASP A 29 -7.83 12.44 -11.62
N ARG A 30 -8.87 13.31 -11.63
CA ARG A 30 -8.87 14.49 -10.77
C ARG A 30 -8.86 14.08 -9.30
N TYR A 31 -9.74 13.18 -8.85
CA TYR A 31 -9.95 12.83 -7.45
C TYR A 31 -8.63 12.46 -6.81
N TYR A 32 -7.89 11.60 -7.53
CA TYR A 32 -6.52 11.25 -7.23
C TYR A 32 -5.66 12.52 -7.08
N ARG A 33 -5.58 13.36 -8.12
CA ARG A 33 -4.68 14.52 -8.12
C ARG A 33 -5.02 15.50 -7.00
N GLU A 34 -6.31 15.68 -6.70
CA GLU A 34 -6.83 16.59 -5.69
C GLU A 34 -6.39 16.21 -4.28
N ASN A 35 -6.08 14.93 -4.02
CA ASN A 35 -5.71 14.45 -2.69
C ASN A 35 -4.45 13.58 -2.77
N GLN A 36 -3.60 13.78 -3.80
CA GLN A 36 -2.38 13.00 -4.04
C GLN A 36 -1.42 13.10 -2.85
N TYR A 37 -1.42 14.26 -2.18
CA TYR A 37 -0.65 14.54 -0.99
C TYR A 37 -1.15 13.73 0.22
N ARG A 38 -2.45 13.41 0.22
CA ARG A 38 -3.18 12.87 1.35
C ARG A 38 -2.96 11.37 1.44
N TYR A 39 -2.88 10.71 0.28
CA TYR A 39 -2.54 9.31 0.15
C TYR A 39 -1.10 9.09 0.66
N PRO A 40 -0.85 7.95 1.32
CA PRO A 40 0.44 7.64 1.94
C PRO A 40 1.50 7.42 0.87
N ASN A 41 2.77 7.68 1.21
CA ASN A 41 3.91 7.41 0.34
C ASN A 41 4.71 6.23 0.89
N GLN A 42 4.06 5.31 1.61
CA GLN A 42 4.65 4.02 1.96
C GLN A 42 3.65 2.88 1.78
N VAL A 43 4.09 1.64 2.03
CA VAL A 43 3.35 0.41 1.89
C VAL A 43 3.84 -0.56 2.97
N MET A 44 2.96 -1.41 3.50
CA MET A 44 3.31 -2.40 4.51
C MET A 44 3.10 -3.81 3.97
N TYR A 45 3.88 -4.77 4.47
CA TYR A 45 4.03 -6.09 3.87
C TYR A 45 4.38 -7.16 4.89
N ARG A 46 4.42 -8.42 4.42
CA ARG A 46 4.83 -9.60 5.18
C ARG A 46 6.09 -10.16 4.52
N PRO A 47 6.95 -10.85 5.28
CA PRO A 47 8.24 -11.25 4.74
C PRO A 47 8.02 -12.25 3.62
N ILE A 48 8.85 -12.18 2.59
CA ILE A 48 8.80 -13.08 1.42
C ILE A 48 9.09 -14.54 1.83
N ASP A 49 9.60 -14.74 3.04
CA ASP A 49 9.74 -16.03 3.71
C ASP A 49 8.40 -16.74 3.90
N GLN A 50 7.28 -16.01 3.83
CA GLN A 50 5.93 -16.51 4.08
C GLN A 50 5.22 -16.98 2.82
N TYR A 51 5.56 -16.46 1.63
CA TYR A 51 4.77 -16.60 0.42
C TYR A 51 5.60 -16.22 -0.81
N GLY A 52 5.23 -16.72 -2.00
CA GLY A 52 6.12 -16.75 -3.15
C GLY A 52 5.45 -16.31 -4.45
N SER A 53 4.83 -15.13 -4.50
CA SER A 53 4.22 -14.56 -5.68
C SER A 53 4.10 -13.04 -5.53
N GLN A 54 4.34 -12.27 -6.60
CA GLN A 54 4.01 -10.84 -6.70
C GLN A 54 2.54 -10.62 -6.29
N ASN A 55 1.58 -11.27 -6.96
CA ASN A 55 0.16 -11.11 -6.68
C ASN A 55 -0.17 -11.35 -5.24
N SER A 56 0.12 -12.57 -4.80
CA SER A 56 -0.29 -13.02 -3.50
C SER A 56 0.45 -12.19 -2.44
N PHE A 57 1.42 -11.36 -2.85
CA PHE A 57 2.08 -10.39 -1.99
C PHE A 57 1.31 -9.07 -2.07
N VAL A 58 1.25 -8.46 -3.26
CA VAL A 58 0.61 -7.18 -3.56
C VAL A 58 -0.77 -7.13 -2.92
N HIS A 59 -1.59 -8.16 -3.08
CA HIS A 59 -2.98 -8.08 -2.70
C HIS A 59 -3.09 -7.93 -1.18
N ASP A 60 -2.33 -8.71 -0.42
CA ASP A 60 -2.36 -8.74 1.04
C ASP A 60 -1.66 -7.48 1.61
N CYS A 61 -0.57 -7.06 0.97
CA CYS A 61 0.19 -5.83 1.20
C CYS A 61 -0.68 -4.59 1.05
N VAL A 62 -1.37 -4.45 -0.08
CA VAL A 62 -2.21 -3.31 -0.41
C VAL A 62 -3.39 -3.29 0.56
N ASN A 63 -3.95 -4.48 0.86
CA ASN A 63 -4.98 -4.65 1.86
C ASN A 63 -4.53 -3.96 3.14
N ILE A 64 -3.38 -4.38 3.68
CA ILE A 64 -2.82 -3.87 4.92
C ILE A 64 -2.54 -2.40 4.85
N THR A 65 -1.85 -1.95 3.80
CA THR A 65 -1.45 -0.58 3.61
C THR A 65 -2.70 0.24 3.83
N VAL A 66 -3.73 0.05 3.02
CA VAL A 66 -5.04 0.69 3.15
C VAL A 66 -5.48 0.67 4.62
N LYS A 67 -5.48 -0.51 5.26
CA LYS A 67 -5.87 -0.62 6.65
C LYS A 67 -5.14 0.36 7.53
N GLN A 68 -3.83 0.53 7.42
CA GLN A 68 -3.11 1.41 8.34
C GLN A 68 -3.69 2.82 8.29
N HIS A 69 -4.17 3.25 7.13
CA HIS A 69 -4.76 4.55 6.91
C HIS A 69 -6.25 4.54 7.28
N THR A 70 -6.93 3.39 7.16
CA THR A 70 -8.35 3.19 7.43
C THR A 70 -8.64 2.49 8.78
N THR A 71 -7.65 2.48 9.67
CA THR A 71 -7.69 1.82 10.98
C THR A 71 -7.03 2.70 12.06
N THR A 72 -6.22 3.68 11.67
CA THR A 72 -5.43 4.53 12.53
C THR A 72 -5.74 6.00 12.23
N THR A 73 -5.29 6.52 11.08
CA THR A 73 -5.40 7.94 10.78
C THR A 73 -6.86 8.41 10.72
N THR A 74 -7.81 7.52 10.46
CA THR A 74 -9.22 7.83 10.38
C THR A 74 -9.76 8.33 11.73
N THR A 75 -9.13 7.95 12.85
CA THR A 75 -9.49 8.45 14.18
C THR A 75 -8.61 9.65 14.56
N LYS A 76 -7.39 9.71 14.00
CA LYS A 76 -6.54 10.89 14.03
C LYS A 76 -7.19 12.07 13.29
N GLY A 77 -8.16 11.79 12.41
CA GLY A 77 -9.07 12.76 11.84
C GLY A 77 -9.25 12.65 10.32
N GLU A 78 -8.75 11.59 9.66
CA GLU A 78 -9.04 11.40 8.23
C GLU A 78 -10.45 10.91 8.06
N ASN A 79 -10.92 11.12 6.85
CA ASN A 79 -12.18 10.59 6.38
C ASN A 79 -12.03 10.22 4.92
N PHE A 80 -11.28 9.12 4.78
CA PHE A 80 -11.30 8.33 3.57
C PHE A 80 -12.73 7.89 3.28
N THR A 81 -13.06 7.92 2.00
CA THR A 81 -14.29 7.40 1.41
C THR A 81 -13.88 6.16 0.61
N GLU A 82 -14.83 5.34 0.21
CA GLU A 82 -14.50 4.10 -0.46
C GLU A 82 -13.80 4.37 -1.78
N THR A 83 -14.20 5.41 -2.53
CA THR A 83 -13.44 5.89 -3.70
C THR A 83 -11.98 6.19 -3.34
N ASP A 84 -11.75 6.78 -2.17
CA ASP A 84 -10.43 7.14 -1.65
C ASP A 84 -9.65 5.87 -1.30
N ILE A 85 -10.33 4.74 -1.06
CA ILE A 85 -9.71 3.45 -0.83
C ILE A 85 -9.38 2.86 -2.19
N LYS A 86 -10.27 2.95 -3.18
CA LYS A 86 -10.02 2.43 -4.52
C LYS A 86 -8.76 3.05 -5.09
N ILE A 87 -8.68 4.38 -5.06
CA ILE A 87 -7.53 5.11 -5.56
C ILE A 87 -6.30 4.68 -4.76
N MET A 88 -6.32 4.74 -3.42
CA MET A 88 -5.23 4.23 -2.57
C MET A 88 -4.84 2.80 -2.94
N GLU A 89 -5.77 1.84 -3.11
CA GLU A 89 -5.44 0.47 -3.50
C GLU A 89 -4.57 0.46 -4.76
N ARG A 90 -4.91 1.28 -5.76
CA ARG A 90 -4.21 1.33 -7.04
C ARG A 90 -2.87 2.04 -6.91
N VAL A 91 -2.86 3.22 -6.27
CA VAL A 91 -1.63 3.99 -6.10
C VAL A 91 -0.62 3.12 -5.33
N VAL A 92 -1.06 2.56 -4.21
CA VAL A 92 -0.17 1.87 -3.29
C VAL A 92 0.18 0.47 -3.84
N GLU A 93 -0.61 -0.12 -4.75
CA GLU A 93 -0.23 -1.30 -5.51
C GLU A 93 1.07 -1.04 -6.25
N GLN A 94 1.16 0.06 -7.00
CA GLN A 94 2.35 0.35 -7.81
C GLN A 94 3.57 0.49 -6.89
N MET A 95 3.41 1.08 -5.71
CA MET A 95 4.48 1.20 -4.73
C MET A 95 4.83 -0.15 -4.12
N CYS A 96 3.84 -0.97 -3.78
CA CYS A 96 4.03 -2.29 -3.19
C CYS A 96 4.79 -3.20 -4.14
N ILE A 97 4.52 -3.07 -5.44
CA ILE A 97 5.23 -3.77 -6.50
C ILE A 97 6.72 -3.40 -6.44
N THR A 98 7.08 -2.13 -6.22
CA THR A 98 8.45 -1.69 -6.08
C THR A 98 9.05 -2.19 -4.75
N GLN A 99 8.31 -2.09 -3.63
CA GLN A 99 8.80 -2.43 -2.30
C GLN A 99 9.24 -3.88 -2.25
N TYR A 100 8.39 -4.82 -2.69
CA TYR A 100 8.68 -6.25 -2.76
C TYR A 100 9.94 -6.55 -3.55
N GLN A 101 10.05 -5.99 -4.75
CA GLN A 101 11.23 -6.18 -5.56
C GLN A 101 12.45 -5.66 -4.79
N ASN A 102 12.37 -4.50 -4.18
CA ASN A 102 13.48 -3.92 -3.43
C ASN A 102 13.74 -4.67 -2.12
N GLU A 103 12.85 -5.54 -1.64
CA GLU A 103 13.10 -6.45 -0.52
C GLU A 103 13.84 -7.67 -1.05
N TYR A 104 13.17 -8.49 -1.86
CA TYR A 104 13.63 -9.76 -2.39
C TYR A 104 15.00 -9.60 -3.01
N GLN A 105 15.14 -8.63 -3.90
CA GLN A 105 16.41 -8.45 -4.59
C GLN A 105 17.52 -8.10 -3.59
N ALA A 106 17.15 -7.41 -2.51
CA ALA A 106 18.01 -6.95 -1.42
C ALA A 106 18.15 -7.98 -0.30
N ALA A 107 17.67 -9.21 -0.53
CA ALA A 107 17.56 -10.28 0.45
C ALA A 107 18.24 -11.52 -0.10
N GLN A 108 17.94 -11.89 -1.35
CA GLN A 108 18.60 -12.96 -2.09
C GLN A 108 20.12 -12.80 -2.15
N ARG A 109 20.66 -11.61 -1.88
CA ARG A 109 22.09 -11.36 -1.86
C ARG A 109 22.82 -12.04 -0.70
N TYR A 110 22.15 -12.17 0.44
CA TYR A 110 22.71 -12.72 1.66
C TYR A 110 21.90 -13.89 2.23
N TYR A 111 20.72 -14.12 1.67
CA TYR A 111 19.74 -15.16 1.94
C TYR A 111 19.01 -14.86 3.26
N ASN A 112 17.73 -14.49 3.15
CA ASN A 112 16.91 -14.07 4.28
C ASN A 112 15.46 -14.36 3.98
N GLY A 1 -11.06 -1.36 12.18
CA GLY A 1 -10.92 -2.21 10.99
C GLY A 1 -10.34 -3.56 11.33
N SER A 2 -9.01 -3.71 11.25
CA SER A 2 -8.30 -4.97 11.43
C SER A 2 -8.64 -5.97 10.31
N VAL A 3 -8.02 -7.15 10.31
CA VAL A 3 -8.24 -8.21 9.36
C VAL A 3 -8.20 -9.57 10.06
N VAL A 4 -9.35 -10.25 10.17
CA VAL A 4 -9.53 -11.58 10.75
C VAL A 4 -8.70 -11.78 12.02
N GLY A 5 -8.79 -10.81 12.93
CA GLY A 5 -7.92 -10.66 14.08
C GLY A 5 -7.28 -9.28 14.03
N GLY A 6 -6.37 -9.05 13.07
CA GLY A 6 -5.49 -7.90 13.13
C GLY A 6 -4.09 -8.36 12.81
N LEU A 7 -3.89 -8.56 11.51
CA LEU A 7 -2.68 -8.71 10.77
C LEU A 7 -1.78 -9.85 11.25
N GLY A 8 -0.71 -10.07 10.49
CA GLY A 8 0.30 -11.08 10.75
C GLY A 8 1.60 -10.43 11.21
N GLY A 9 1.55 -9.36 12.01
CA GLY A 9 2.74 -8.63 12.42
C GLY A 9 3.50 -8.15 11.19
N TYR A 10 2.83 -7.36 10.36
CA TYR A 10 3.41 -6.77 9.15
C TYR A 10 4.47 -5.73 9.54
N MET A 11 5.20 -5.22 8.55
CA MET A 11 6.15 -4.12 8.71
C MET A 11 5.97 -3.10 7.60
N LEU A 12 6.48 -1.89 7.83
CA LEU A 12 6.46 -0.79 6.86
C LEU A 12 7.86 -0.71 6.27
N GLY A 13 8.01 -0.99 4.98
CA GLY A 13 9.33 -1.19 4.37
C GLY A 13 10.14 0.08 4.38
N SER A 14 9.76 1.01 3.51
CA SER A 14 10.30 2.35 3.47
C SER A 14 9.22 3.28 2.95
N ALA A 15 9.43 4.59 3.12
CA ALA A 15 8.81 5.56 2.25
C ALA A 15 9.45 5.48 0.86
N MET A 16 8.68 5.82 -0.16
CA MET A 16 9.13 5.89 -1.55
C MET A 16 8.71 7.22 -2.19
N SER A 17 9.06 7.40 -3.47
CA SER A 17 8.66 8.56 -4.22
C SER A 17 7.17 8.46 -4.49
N ARG A 18 6.61 9.59 -4.93
CA ARG A 18 5.19 9.73 -5.12
C ARG A 18 4.84 9.29 -6.54
N PRO A 19 4.04 8.23 -6.73
CA PRO A 19 3.77 7.69 -8.05
C PRO A 19 2.66 8.48 -8.74
N VAL A 20 2.44 8.16 -10.01
CA VAL A 20 1.23 8.50 -10.74
C VAL A 20 0.12 7.48 -10.40
N MET A 21 -1.02 7.63 -11.07
CA MET A 21 -1.99 6.60 -11.35
C MET A 21 -2.75 7.08 -12.59
N HIS A 22 -3.18 6.14 -13.43
CA HIS A 22 -3.98 6.40 -14.60
C HIS A 22 -5.14 5.40 -14.56
N PHE A 23 -6.22 5.77 -13.86
CA PHE A 23 -7.43 4.97 -13.78
C PHE A 23 -8.04 4.81 -15.16
N GLY A 24 -7.92 5.85 -16.00
CA GLY A 24 -8.56 5.91 -17.30
C GLY A 24 -9.93 6.56 -17.19
N ASN A 25 -10.15 7.36 -16.15
CA ASN A 25 -11.30 8.22 -15.97
C ASN A 25 -10.78 9.64 -16.13
N GLU A 26 -11.70 10.58 -16.11
CA GLU A 26 -11.35 11.94 -15.76
C GLU A 26 -11.43 12.08 -14.25
N TYR A 27 -12.53 11.64 -13.64
CA TYR A 27 -12.93 12.08 -12.33
C TYR A 27 -12.02 11.46 -11.28
N GLU A 28 -11.87 10.15 -11.35
CA GLU A 28 -11.06 9.38 -10.41
C GLU A 28 -9.62 9.90 -10.46
N ASP A 29 -9.14 10.16 -11.67
CA ASP A 29 -7.81 10.66 -11.98
C ASP A 29 -7.65 12.05 -11.38
N ARG A 30 -8.56 12.96 -11.71
CA ARG A 30 -8.57 14.33 -11.25
C ARG A 30 -8.64 14.37 -9.73
N TYR A 31 -9.60 13.68 -9.11
CA TYR A 31 -9.82 13.67 -7.68
C TYR A 31 -8.59 13.14 -6.96
N TYR A 32 -7.95 12.07 -7.47
CA TYR A 32 -6.67 11.60 -6.95
C TYR A 32 -5.65 12.73 -7.03
N ARG A 33 -5.48 13.36 -8.19
CA ARG A 33 -4.38 14.28 -8.43
C ARG A 33 -4.58 15.58 -7.64
N GLU A 34 -5.81 16.03 -7.47
CA GLU A 34 -6.19 17.12 -6.58
C GLU A 34 -5.77 16.81 -5.15
N ASN A 35 -5.93 15.56 -4.70
CA ASN A 35 -5.77 15.18 -3.30
C ASN A 35 -4.54 14.30 -3.12
N GLN A 36 -3.59 14.32 -4.05
CA GLN A 36 -2.45 13.42 -4.12
C GLN A 36 -1.64 13.48 -2.82
N TYR A 37 -1.60 14.66 -2.22
CA TYR A 37 -0.94 14.99 -0.99
C TYR A 37 -1.59 14.42 0.29
N ARG A 38 -2.79 13.83 0.22
CA ARG A 38 -3.44 13.15 1.33
C ARG A 38 -2.86 11.75 1.51
N TYR A 39 -2.90 10.94 0.44
CA TYR A 39 -2.68 9.50 0.49
C TYR A 39 -1.22 9.17 0.88
N PRO A 40 -0.88 7.91 1.22
CA PRO A 40 0.45 7.55 1.71
C PRO A 40 1.56 7.84 0.70
N ASN A 41 2.79 7.68 1.17
CA ASN A 41 3.98 7.60 0.36
C ASN A 41 4.84 6.41 0.84
N GLN A 42 4.24 5.39 1.48
CA GLN A 42 4.89 4.16 1.93
C GLN A 42 3.90 3.00 1.72
N VAL A 43 4.33 1.75 1.96
CA VAL A 43 3.52 0.54 1.80
C VAL A 43 4.01 -0.56 2.77
N MET A 44 3.10 -1.20 3.52
CA MET A 44 3.39 -2.28 4.47
C MET A 44 3.34 -3.67 3.80
N TYR A 45 3.93 -4.71 4.43
CA TYR A 45 3.98 -6.08 3.90
C TYR A 45 4.34 -7.13 4.97
N ARG A 46 4.19 -8.42 4.62
CA ARG A 46 4.78 -9.57 5.32
C ARG A 46 6.11 -9.93 4.67
N PRO A 47 7.05 -10.59 5.38
CA PRO A 47 8.36 -10.88 4.81
C PRO A 47 8.20 -11.93 3.72
N ILE A 48 9.04 -11.85 2.69
CA ILE A 48 9.00 -12.75 1.53
C ILE A 48 9.24 -14.21 1.91
N ASP A 49 9.83 -14.47 3.08
CA ASP A 49 9.95 -15.80 3.68
C ASP A 49 8.57 -16.47 3.85
N GLN A 50 7.49 -15.70 3.96
CA GLN A 50 6.15 -16.23 4.20
C GLN A 50 5.46 -16.75 2.94
N TYR A 51 5.78 -16.23 1.76
CA TYR A 51 4.97 -16.32 0.55
C TYR A 51 5.78 -15.99 -0.70
N GLY A 52 5.40 -16.51 -1.88
CA GLY A 52 6.32 -16.69 -3.00
C GLY A 52 5.90 -16.09 -4.34
N SER A 53 4.72 -15.45 -4.44
CA SER A 53 4.17 -14.95 -5.71
C SER A 53 3.97 -13.43 -5.65
N GLN A 54 4.09 -12.70 -6.77
CA GLN A 54 4.02 -11.24 -6.74
C GLN A 54 2.58 -10.80 -6.55
N ASN A 55 1.62 -11.46 -7.20
CA ASN A 55 0.21 -11.13 -7.09
C ASN A 55 -0.24 -11.18 -5.62
N SER A 56 -0.07 -12.33 -4.95
CA SER A 56 -0.42 -12.47 -3.54
C SER A 56 0.55 -11.74 -2.59
N PHE A 57 1.60 -11.08 -3.09
CA PHE A 57 2.24 -10.01 -2.36
C PHE A 57 1.33 -8.78 -2.53
N VAL A 58 1.27 -8.21 -3.74
CA VAL A 58 0.55 -6.99 -4.12
C VAL A 58 -0.82 -6.96 -3.45
N HIS A 59 -1.67 -7.94 -3.74
CA HIS A 59 -3.08 -7.94 -3.37
C HIS A 59 -3.23 -7.71 -1.86
N ASP A 60 -2.46 -8.44 -1.05
CA ASP A 60 -2.55 -8.44 0.41
C ASP A 60 -1.81 -7.24 1.00
N CYS A 61 -0.62 -6.91 0.48
CA CYS A 61 0.21 -5.84 1.01
C CYS A 61 -0.48 -4.48 0.82
N VAL A 62 -1.08 -4.26 -0.35
CA VAL A 62 -1.93 -3.12 -0.66
C VAL A 62 -3.07 -3.11 0.34
N ASN A 63 -3.69 -4.27 0.56
CA ASN A 63 -4.85 -4.42 1.41
C ASN A 63 -4.52 -3.85 2.77
N ILE A 64 -3.50 -4.44 3.39
CA ILE A 64 -3.08 -4.08 4.72
C ILE A 64 -2.72 -2.60 4.75
N THR A 65 -1.81 -2.14 3.87
CA THR A 65 -1.34 -0.76 3.81
C THR A 65 -2.53 0.17 3.96
N VAL A 66 -3.49 0.09 3.04
CA VAL A 66 -4.69 0.91 3.03
C VAL A 66 -5.32 0.90 4.41
N LYS A 67 -5.56 -0.27 5.00
CA LYS A 67 -6.18 -0.36 6.31
C LYS A 67 -5.29 0.29 7.36
N GLN A 68 -3.96 0.21 7.31
CA GLN A 68 -3.10 0.84 8.33
C GLN A 68 -3.26 2.35 8.41
N HIS A 69 -3.86 2.94 7.40
CA HIS A 69 -4.35 4.30 7.42
C HIS A 69 -5.80 4.30 7.92
N THR A 70 -6.73 3.62 7.23
CA THR A 70 -8.17 3.68 7.57
C THR A 70 -8.60 2.74 8.72
N THR A 71 -7.68 2.35 9.59
CA THR A 71 -7.85 1.59 10.82
C THR A 71 -7.10 2.30 11.96
N THR A 72 -6.44 3.44 11.70
CA THR A 72 -5.52 4.12 12.56
C THR A 72 -5.74 5.62 12.48
N THR A 73 -5.42 6.23 11.34
CA THR A 73 -5.49 7.66 11.09
C THR A 73 -6.95 8.14 11.22
N THR A 74 -7.91 7.24 11.08
CA THR A 74 -9.30 7.49 11.36
C THR A 74 -9.49 8.02 12.78
N THR A 75 -8.97 7.33 13.81
CA THR A 75 -8.97 7.86 15.17
C THR A 75 -8.19 9.18 15.27
N LYS A 76 -7.10 9.33 14.50
CA LYS A 76 -6.28 10.52 14.44
C LYS A 76 -6.99 11.65 13.66
N GLY A 77 -8.24 11.45 13.26
CA GLY A 77 -9.11 12.48 12.73
C GLY A 77 -9.27 12.38 11.22
N GLU A 78 -9.42 11.17 10.67
CA GLU A 78 -9.83 10.97 9.29
C GLU A 78 -11.11 10.14 9.21
N ASN A 79 -11.72 10.17 8.02
CA ASN A 79 -13.02 9.58 7.78
C ASN A 79 -13.09 9.01 6.37
N PHE A 80 -12.00 8.34 5.98
CA PHE A 80 -11.82 7.76 4.66
C PHE A 80 -13.06 7.02 4.18
N THR A 81 -13.34 7.18 2.90
CA THR A 81 -14.50 6.65 2.24
C THR A 81 -14.04 5.61 1.25
N GLU A 82 -14.93 4.68 0.88
CA GLU A 82 -14.55 3.61 -0.01
C GLU A 82 -14.00 4.17 -1.31
N THR A 83 -14.61 5.22 -1.87
CA THR A 83 -14.20 5.84 -3.12
C THR A 83 -12.73 6.27 -3.08
N ASP A 84 -12.31 6.80 -1.94
CA ASP A 84 -10.95 7.25 -1.70
C ASP A 84 -10.01 6.04 -1.63
N ILE A 85 -10.51 4.91 -1.12
CA ILE A 85 -9.78 3.67 -0.99
C ILE A 85 -9.58 3.04 -2.37
N LYS A 86 -10.51 3.21 -3.31
CA LYS A 86 -10.36 2.69 -4.68
C LYS A 86 -9.22 3.36 -5.44
N ILE A 87 -8.71 4.50 -4.94
CA ILE A 87 -7.55 5.16 -5.49
C ILE A 87 -6.35 4.62 -4.74
N MET A 88 -6.36 4.67 -3.41
CA MET A 88 -5.31 4.14 -2.53
C MET A 88 -4.95 2.72 -2.95
N GLU A 89 -5.91 1.82 -3.17
CA GLU A 89 -5.72 0.44 -3.60
C GLU A 89 -5.00 0.30 -4.96
N ARG A 90 -4.70 1.38 -5.68
CA ARG A 90 -3.97 1.35 -6.95
C ARG A 90 -2.72 2.22 -6.88
N VAL A 91 -2.85 3.42 -6.34
CA VAL A 91 -1.72 4.31 -6.12
C VAL A 91 -0.70 3.57 -5.26
N VAL A 92 -1.12 2.93 -4.15
CA VAL A 92 -0.20 2.16 -3.33
C VAL A 92 0.18 0.83 -4.00
N GLU A 93 -0.62 0.28 -4.91
CA GLU A 93 -0.27 -0.89 -5.70
C GLU A 93 1.03 -0.65 -6.46
N GLN A 94 1.16 0.50 -7.12
CA GLN A 94 2.34 0.81 -7.91
C GLN A 94 3.54 1.20 -7.04
N MET A 95 3.35 1.23 -5.72
CA MET A 95 4.43 1.26 -4.73
C MET A 95 4.71 -0.13 -4.19
N CYS A 96 3.71 -0.96 -3.89
CA CYS A 96 3.93 -2.26 -3.26
C CYS A 96 4.65 -3.22 -4.22
N ILE A 97 4.45 -3.10 -5.54
CA ILE A 97 5.22 -3.86 -6.54
C ILE A 97 6.70 -3.49 -6.41
N THR A 98 7.00 -2.22 -6.18
CA THR A 98 8.36 -1.77 -5.92
C THR A 98 8.85 -2.27 -4.55
N GLN A 99 8.04 -2.24 -3.49
CA GLN A 99 8.49 -2.66 -2.17
C GLN A 99 8.88 -4.13 -2.17
N TYR A 100 8.06 -4.99 -2.80
CA TYR A 100 8.36 -6.40 -2.98
C TYR A 100 9.70 -6.57 -3.67
N GLN A 101 9.84 -5.93 -4.84
CA GLN A 101 11.07 -6.00 -5.61
C GLN A 101 12.25 -5.55 -4.74
N ASN A 102 12.18 -4.37 -4.12
CA ASN A 102 13.23 -3.77 -3.32
C ASN A 102 13.71 -4.79 -2.32
N GLU A 103 12.84 -5.29 -1.46
CA GLU A 103 13.21 -6.20 -0.38
C GLU A 103 13.70 -7.54 -0.94
N TYR A 104 13.04 -8.12 -1.94
CA TYR A 104 13.45 -9.38 -2.54
C TYR A 104 14.85 -9.27 -3.11
N GLN A 105 15.05 -8.23 -3.92
CA GLN A 105 16.32 -7.95 -4.55
C GLN A 105 17.36 -7.78 -3.46
N ALA A 106 16.97 -7.05 -2.41
CA ALA A 106 17.74 -6.75 -1.22
C ALA A 106 17.88 -7.92 -0.25
N ALA A 107 17.41 -9.10 -0.64
CA ALA A 107 17.45 -10.32 0.15
C ALA A 107 18.26 -11.35 -0.58
N GLN A 108 17.91 -11.65 -1.84
CA GLN A 108 18.63 -12.63 -2.66
C GLN A 108 20.12 -12.29 -2.82
N ARG A 109 20.53 -11.06 -2.52
CA ARG A 109 21.93 -10.68 -2.48
C ARG A 109 22.76 -11.47 -1.47
N TYR A 110 22.14 -11.90 -0.36
CA TYR A 110 22.75 -12.70 0.67
C TYR A 110 21.91 -13.90 1.14
N TYR A 111 20.70 -14.04 0.63
CA TYR A 111 19.64 -15.00 0.92
C TYR A 111 19.03 -14.78 2.32
N ASN A 112 17.72 -14.57 2.40
CA ASN A 112 16.99 -14.41 3.66
C ASN A 112 15.53 -14.79 3.49
N GLY A 1 -12.71 -2.60 9.15
CA GLY A 1 -11.48 -3.25 8.66
C GLY A 1 -10.61 -3.66 9.82
N SER A 2 -10.38 -4.95 10.04
CA SER A 2 -9.51 -5.44 11.10
C SER A 2 -8.72 -6.67 10.61
N VAL A 3 -7.75 -7.11 11.39
CA VAL A 3 -7.31 -8.49 11.43
C VAL A 3 -7.59 -8.96 12.85
N VAL A 4 -7.64 -10.27 13.06
CA VAL A 4 -8.07 -10.87 14.31
C VAL A 4 -7.01 -10.55 15.37
N GLY A 5 -7.23 -9.46 16.10
CA GLY A 5 -6.44 -9.08 17.26
C GLY A 5 -5.26 -8.17 16.95
N GLY A 6 -5.13 -7.66 15.72
CA GLY A 6 -4.11 -6.68 15.37
C GLY A 6 -3.85 -6.70 13.87
N LEU A 7 -2.78 -7.38 13.47
CA LEU A 7 -2.34 -7.66 12.09
C LEU A 7 -1.78 -9.08 12.06
N GLY A 8 -1.10 -9.42 10.96
CA GLY A 8 -0.25 -10.58 10.84
C GLY A 8 1.21 -10.11 10.88
N GLY A 9 1.58 -9.38 11.92
CA GLY A 9 3.00 -9.10 12.19
C GLY A 9 3.68 -8.21 11.14
N TYR A 10 2.89 -7.45 10.38
CA TYR A 10 3.35 -6.66 9.24
C TYR A 10 4.41 -5.64 9.63
N MET A 11 5.19 -5.24 8.63
CA MET A 11 6.25 -4.26 8.75
C MET A 11 6.10 -3.21 7.65
N LEU A 12 6.94 -2.18 7.68
CA LEU A 12 6.88 -1.00 6.85
C LEU A 12 8.25 -0.81 6.25
N GLY A 13 8.35 -1.00 4.93
CA GLY A 13 9.61 -0.93 4.21
C GLY A 13 10.23 0.46 4.22
N SER A 14 9.82 1.33 3.30
CA SER A 14 10.42 2.65 3.09
C SER A 14 9.36 3.66 2.62
N ALA A 15 9.74 4.94 2.67
CA ALA A 15 8.98 6.08 2.20
C ALA A 15 9.52 6.52 0.83
N MET A 16 8.85 6.00 -0.20
CA MET A 16 9.26 6.12 -1.60
C MET A 16 8.73 7.42 -2.22
N SER A 17 8.89 7.62 -3.52
CA SER A 17 8.36 8.79 -4.20
C SER A 17 6.91 8.51 -4.58
N ARG A 18 6.12 9.57 -4.76
CA ARG A 18 4.72 9.47 -5.18
C ARG A 18 4.70 9.14 -6.68
N PRO A 19 4.15 8.00 -7.11
CA PRO A 19 3.98 7.71 -8.53
C PRO A 19 2.82 8.55 -9.09
N VAL A 20 2.55 8.40 -10.37
CA VAL A 20 1.29 8.82 -10.93
C VAL A 20 0.23 7.74 -10.63
N MET A 21 -0.97 8.01 -11.12
CA MET A 21 -1.99 7.04 -11.40
C MET A 21 -2.66 7.52 -12.69
N HIS A 22 -3.20 6.61 -13.51
CA HIS A 22 -3.93 6.91 -14.72
C HIS A 22 -5.06 5.89 -14.92
N PHE A 23 -6.21 6.10 -14.27
CA PHE A 23 -7.41 5.26 -14.43
C PHE A 23 -8.02 5.31 -15.84
N GLY A 24 -7.60 6.26 -16.66
CA GLY A 24 -8.06 6.43 -18.03
C GLY A 24 -9.41 7.14 -18.08
N ASN A 25 -9.74 7.85 -16.99
CA ASN A 25 -10.93 8.65 -16.82
C ASN A 25 -10.54 10.11 -16.70
N GLU A 26 -11.56 10.97 -16.69
CA GLU A 26 -11.43 12.35 -16.25
C GLU A 26 -11.48 12.42 -14.72
N TYR A 27 -12.54 11.89 -14.14
CA TYR A 27 -12.95 12.20 -12.77
C TYR A 27 -11.96 11.60 -11.80
N GLU A 28 -11.69 10.32 -11.97
CA GLU A 28 -10.83 9.54 -11.13
C GLU A 28 -9.42 10.13 -11.13
N ASP A 29 -9.00 10.69 -12.26
CA ASP A 29 -7.69 11.31 -12.40
C ASP A 29 -7.60 12.62 -11.63
N ARG A 30 -8.60 13.49 -11.79
CA ARG A 30 -8.63 14.78 -11.12
C ARG A 30 -8.70 14.50 -9.63
N TYR A 31 -9.65 13.67 -9.18
CA TYR A 31 -9.82 13.28 -7.80
C TYR A 31 -8.47 12.87 -7.24
N TYR A 32 -7.79 11.90 -7.87
CA TYR A 32 -6.49 11.44 -7.46
C TYR A 32 -5.51 12.60 -7.29
N ARG A 33 -5.49 13.55 -8.22
CA ARG A 33 -4.54 14.65 -8.15
C ARG A 33 -4.91 15.72 -7.14
N GLU A 34 -6.17 15.90 -6.82
CA GLU A 34 -6.68 17.00 -6.00
C GLU A 34 -6.68 16.66 -4.51
N ASN A 35 -6.25 15.47 -4.12
CA ASN A 35 -5.96 15.10 -2.74
C ASN A 35 -4.65 14.30 -2.68
N GLN A 36 -3.69 14.59 -3.58
CA GLN A 36 -2.43 13.86 -3.78
C GLN A 36 -1.43 14.02 -2.62
N TYR A 37 -1.89 14.51 -1.47
CA TYR A 37 -1.13 14.66 -0.25
C TYR A 37 -1.62 13.72 0.85
N ARG A 38 -2.93 13.42 0.88
CA ARG A 38 -3.54 12.57 1.89
C ARG A 38 -3.05 11.14 1.70
N TYR A 39 -3.04 10.70 0.44
CA TYR A 39 -2.52 9.41 0.05
C TYR A 39 -1.05 9.27 0.52
N PRO A 40 -0.67 8.13 1.10
CA PRO A 40 0.68 7.91 1.60
C PRO A 40 1.68 7.79 0.46
N ASN A 41 2.97 7.73 0.82
CA ASN A 41 4.09 7.33 -0.04
C ASN A 41 4.87 6.16 0.58
N GLN A 42 4.25 5.44 1.52
CA GLN A 42 4.81 4.29 2.22
C GLN A 42 3.91 3.07 2.00
N VAL A 43 4.42 1.86 2.19
CA VAL A 43 3.69 0.60 1.98
C VAL A 43 4.13 -0.44 3.02
N MET A 44 3.18 -1.22 3.52
CA MET A 44 3.42 -2.26 4.52
C MET A 44 3.11 -3.63 3.96
N TYR A 45 3.80 -4.64 4.51
CA TYR A 45 3.81 -6.00 3.96
C TYR A 45 4.27 -7.04 5.00
N ARG A 46 4.25 -8.32 4.61
CA ARG A 46 4.74 -9.47 5.37
C ARG A 46 5.99 -10.01 4.66
N PRO A 47 6.84 -10.79 5.34
CA PRO A 47 8.14 -11.10 4.79
C PRO A 47 8.00 -12.02 3.58
N ILE A 48 8.96 -11.94 2.66
CA ILE A 48 8.98 -12.84 1.52
C ILE A 48 9.34 -14.27 1.95
N ASP A 49 9.72 -14.49 3.21
CA ASP A 49 9.77 -15.81 3.82
C ASP A 49 8.43 -16.54 3.69
N GLN A 50 7.32 -15.81 3.56
CA GLN A 50 5.98 -16.39 3.50
C GLN A 50 5.59 -16.79 2.08
N TYR A 51 6.15 -16.17 1.02
CA TYR A 51 5.65 -16.32 -0.34
C TYR A 51 6.68 -15.88 -1.40
N GLY A 52 6.45 -16.29 -2.66
CA GLY A 52 7.25 -15.94 -3.82
C GLY A 52 6.36 -15.77 -5.03
N SER A 53 5.31 -14.94 -4.90
CA SER A 53 4.43 -14.53 -5.98
C SER A 53 4.10 -13.05 -5.74
N GLN A 54 3.95 -12.29 -6.84
CA GLN A 54 3.67 -10.86 -6.77
C GLN A 54 2.22 -10.70 -6.31
N ASN A 55 1.29 -11.43 -6.92
CA ASN A 55 -0.14 -11.28 -6.66
C ASN A 55 -0.42 -11.42 -5.16
N SER A 56 -0.16 -12.58 -4.55
CA SER A 56 -0.37 -12.81 -3.13
C SER A 56 0.32 -11.76 -2.25
N PHE A 57 1.52 -11.28 -2.64
CA PHE A 57 2.21 -10.23 -1.91
C PHE A 57 1.38 -8.95 -1.98
N VAL A 58 1.10 -8.46 -3.17
CA VAL A 58 0.44 -7.18 -3.43
C VAL A 58 -0.97 -7.21 -2.85
N HIS A 59 -1.69 -8.33 -2.97
CA HIS A 59 -3.06 -8.50 -2.52
C HIS A 59 -3.20 -8.40 -1.00
N ASP A 60 -2.12 -8.62 -0.24
CA ASP A 60 -2.10 -8.48 1.21
C ASP A 60 -1.39 -7.18 1.61
N CYS A 61 -0.39 -6.74 0.84
CA CYS A 61 0.36 -5.50 1.01
C CYS A 61 -0.56 -4.29 0.84
N VAL A 62 -1.23 -4.19 -0.31
CA VAL A 62 -2.16 -3.11 -0.60
C VAL A 62 -3.22 -3.08 0.49
N ASN A 63 -3.64 -4.26 0.93
CA ASN A 63 -4.69 -4.45 1.90
C ASN A 63 -4.27 -3.76 3.17
N ILE A 64 -3.22 -4.26 3.82
CA ILE A 64 -2.81 -3.81 5.12
C ILE A 64 -2.41 -2.35 5.06
N THR A 65 -1.68 -1.92 4.02
CA THR A 65 -1.29 -0.52 3.87
C THR A 65 -2.55 0.33 4.02
N VAL A 66 -3.54 0.13 3.14
CA VAL A 66 -4.83 0.85 3.18
C VAL A 66 -5.41 0.76 4.59
N LYS A 67 -5.56 -0.45 5.15
CA LYS A 67 -6.11 -0.66 6.50
C LYS A 67 -5.37 0.20 7.50
N GLN A 68 -4.05 0.26 7.53
CA GLN A 68 -3.34 1.05 8.52
C GLN A 68 -3.80 2.50 8.50
N HIS A 69 -4.02 3.07 7.33
CA HIS A 69 -4.59 4.40 7.23
C HIS A 69 -6.05 4.37 7.69
N THR A 70 -6.89 3.52 7.08
CA THR A 70 -8.33 3.39 7.37
C THR A 70 -8.66 2.67 8.68
N THR A 71 -7.71 2.55 9.60
CA THR A 71 -7.85 1.88 10.88
C THR A 71 -7.12 2.65 12.00
N THR A 72 -6.46 3.78 11.68
CA THR A 72 -5.66 4.55 12.63
C THR A 72 -5.58 6.02 12.24
N THR A 73 -5.35 6.39 10.98
CA THR A 73 -5.35 7.79 10.61
C THR A 73 -6.78 8.35 10.70
N THR A 74 -7.82 7.54 10.53
CA THR A 74 -9.20 7.96 10.70
C THR A 74 -9.42 8.56 12.08
N THR A 75 -9.09 7.85 13.16
CA THR A 75 -9.22 8.34 14.52
C THR A 75 -8.31 9.55 14.80
N LYS A 76 -7.27 9.75 13.97
CA LYS A 76 -6.38 10.88 14.04
C LYS A 76 -7.00 12.15 13.46
N GLY A 77 -8.08 12.03 12.69
CA GLY A 77 -8.81 13.12 12.08
C GLY A 77 -9.24 12.88 10.64
N GLU A 78 -8.84 11.78 10.00
CA GLU A 78 -9.24 11.51 8.63
C GLU A 78 -10.61 10.86 8.55
N ASN A 79 -11.18 10.87 7.35
CA ASN A 79 -12.53 10.40 7.11
C ASN A 79 -12.67 9.76 5.73
N PHE A 80 -11.67 8.94 5.40
CA PHE A 80 -11.56 8.22 4.15
C PHE A 80 -12.88 7.58 3.76
N THR A 81 -13.17 7.61 2.46
CA THR A 81 -14.39 7.13 1.85
C THR A 81 -14.03 6.05 0.85
N GLU A 82 -14.98 5.19 0.51
CA GLU A 82 -14.73 4.07 -0.39
C GLU A 82 -14.08 4.56 -1.67
N THR A 83 -14.59 5.63 -2.29
CA THR A 83 -14.00 6.20 -3.49
C THR A 83 -12.53 6.55 -3.30
N ASP A 84 -12.17 7.09 -2.14
CA ASP A 84 -10.79 7.41 -1.82
C ASP A 84 -9.95 6.15 -1.72
N ILE A 85 -10.55 5.02 -1.31
CA ILE A 85 -9.86 3.74 -1.15
C ILE A 85 -9.71 3.12 -2.53
N LYS A 86 -10.70 3.25 -3.40
CA LYS A 86 -10.66 2.72 -4.76
C LYS A 86 -9.44 3.22 -5.48
N ILE A 87 -9.25 4.54 -5.41
CA ILE A 87 -8.07 5.21 -5.93
C ILE A 87 -6.86 4.65 -5.18
N MET A 88 -6.82 4.80 -3.84
CA MET A 88 -5.66 4.51 -3.02
C MET A 88 -5.13 3.09 -3.28
N GLU A 89 -5.99 2.09 -3.48
CA GLU A 89 -5.60 0.71 -3.75
C GLU A 89 -4.64 0.65 -4.94
N ARG A 90 -4.86 1.45 -6.00
CA ARG A 90 -4.16 1.30 -7.27
C ARG A 90 -2.82 2.00 -7.20
N VAL A 91 -2.81 3.18 -6.59
CA VAL A 91 -1.59 3.93 -6.35
C VAL A 91 -0.69 3.16 -5.36
N VAL A 92 -1.27 2.54 -4.32
CA VAL A 92 -0.56 1.66 -3.40
C VAL A 92 -0.02 0.44 -4.17
N GLU A 93 -0.77 -0.11 -5.13
CA GLU A 93 -0.40 -1.29 -5.92
C GLU A 93 1.02 -1.12 -6.50
N GLN A 94 1.31 0.06 -7.05
CA GLN A 94 2.59 0.35 -7.67
C GLN A 94 3.72 0.27 -6.65
N MET A 95 3.52 0.92 -5.50
CA MET A 95 4.54 0.95 -4.46
C MET A 95 4.70 -0.44 -3.86
N CYS A 96 3.62 -1.20 -3.68
CA CYS A 96 3.68 -2.59 -3.21
C CYS A 96 4.52 -3.46 -4.14
N ILE A 97 4.32 -3.36 -5.47
CA ILE A 97 5.13 -4.08 -6.45
C ILE A 97 6.60 -3.67 -6.31
N THR A 98 6.87 -2.37 -6.09
CA THR A 98 8.22 -1.86 -5.89
C THR A 98 8.81 -2.43 -4.58
N GLN A 99 8.03 -2.47 -3.49
CA GLN A 99 8.46 -2.87 -2.17
C GLN A 99 8.75 -4.37 -2.12
N TYR A 100 7.97 -5.19 -2.83
CA TYR A 100 8.24 -6.63 -2.97
C TYR A 100 9.63 -6.82 -3.58
N GLN A 101 9.89 -6.20 -4.73
CA GLN A 101 11.15 -6.34 -5.42
C GLN A 101 12.28 -5.83 -4.52
N ASN A 102 12.08 -4.71 -3.81
CA ASN A 102 13.06 -4.12 -2.92
C ASN A 102 13.33 -4.99 -1.70
N GLU A 103 12.50 -5.98 -1.39
CA GLU A 103 12.79 -6.97 -0.35
C GLU A 103 13.65 -8.05 -1.00
N TYR A 104 13.09 -8.71 -2.00
CA TYR A 104 13.69 -9.85 -2.70
C TYR A 104 15.12 -9.51 -3.11
N GLN A 105 15.29 -8.42 -3.83
CA GLN A 105 16.60 -8.06 -4.35
C GLN A 105 17.58 -7.82 -3.17
N ALA A 106 17.06 -7.22 -2.11
CA ALA A 106 17.78 -6.85 -0.90
C ALA A 106 17.98 -8.01 0.08
N ALA A 107 17.57 -9.20 -0.34
CA ALA A 107 17.58 -10.43 0.43
C ALA A 107 18.44 -11.45 -0.30
N GLN A 108 18.17 -11.73 -1.58
CA GLN A 108 18.95 -12.64 -2.43
C GLN A 108 20.42 -12.19 -2.58
N ARG A 109 20.78 -10.99 -2.12
CA ARG A 109 22.17 -10.55 -2.05
C ARG A 109 22.98 -11.31 -1.01
N TYR A 110 22.35 -11.72 0.10
CA TYR A 110 23.00 -12.47 1.15
C TYR A 110 22.26 -13.75 1.56
N TYR A 111 21.09 -13.97 0.97
CA TYR A 111 20.11 -15.03 1.19
C TYR A 111 19.47 -14.83 2.57
N ASN A 112 18.14 -14.70 2.60
CA ASN A 112 17.39 -14.36 3.81
C ASN A 112 15.99 -14.88 3.70
N GLY A 1 -10.73 -2.29 9.73
CA GLY A 1 -9.31 -2.66 9.71
C GLY A 1 -9.01 -3.64 10.82
N SER A 2 -7.72 -3.85 11.14
CA SER A 2 -7.26 -4.81 12.13
C SER A 2 -7.57 -6.23 11.65
N VAL A 3 -7.20 -7.20 12.47
CA VAL A 3 -7.31 -8.61 12.20
C VAL A 3 -7.44 -9.30 13.57
N VAL A 4 -7.71 -10.59 13.60
CA VAL A 4 -7.75 -11.35 14.85
C VAL A 4 -6.32 -11.52 15.37
N GLY A 5 -5.88 -10.53 16.15
CA GLY A 5 -4.57 -10.45 16.78
C GLY A 5 -4.21 -8.98 16.88
N GLY A 6 -3.91 -8.36 15.74
CA GLY A 6 -3.55 -6.95 15.65
C GLY A 6 -3.19 -6.67 14.20
N LEU A 7 -2.08 -7.26 13.74
CA LEU A 7 -1.82 -7.72 12.39
C LEU A 7 -1.11 -9.08 12.48
N GLY A 8 -0.90 -9.71 11.33
CA GLY A 8 -0.23 -10.99 11.19
C GLY A 8 1.30 -10.85 11.24
N GLY A 9 1.82 -9.81 11.91
CA GLY A 9 3.25 -9.58 11.99
C GLY A 9 3.79 -8.86 10.76
N TYR A 10 3.02 -7.90 10.26
CA TYR A 10 3.42 -7.07 9.13
C TYR A 10 4.58 -6.15 9.53
N MET A 11 5.18 -5.52 8.52
CA MET A 11 6.21 -4.51 8.67
C MET A 11 5.96 -3.41 7.65
N LEU A 12 6.72 -2.33 7.76
CA LEU A 12 6.65 -1.14 6.94
C LEU A 12 8.06 -0.93 6.41
N GLY A 13 8.22 -0.96 5.09
CA GLY A 13 9.53 -0.95 4.42
C GLY A 13 10.27 0.37 4.64
N SER A 14 9.93 1.38 3.84
CA SER A 14 10.45 2.74 3.90
C SER A 14 9.52 3.61 3.03
N ALA A 15 9.72 4.92 3.05
CA ALA A 15 8.82 5.92 2.49
C ALA A 15 9.28 6.37 1.10
N MET A 16 8.61 5.86 0.07
CA MET A 16 8.99 5.99 -1.34
C MET A 16 8.73 7.39 -1.91
N SER A 17 9.16 7.59 -3.16
CA SER A 17 8.67 8.66 -4.00
C SER A 17 7.17 8.43 -4.21
N ARG A 18 6.37 9.49 -4.24
CA ARG A 18 4.99 9.36 -4.65
C ARG A 18 4.99 8.97 -6.14
N PRO A 19 4.42 7.82 -6.52
CA PRO A 19 4.20 7.51 -7.93
C PRO A 19 3.02 8.34 -8.41
N VAL A 20 2.73 8.26 -9.70
CA VAL A 20 1.50 8.81 -10.23
C VAL A 20 0.34 7.84 -9.91
N MET A 21 -0.84 8.15 -10.45
CA MET A 21 -1.79 7.19 -10.92
C MET A 21 -2.36 7.77 -12.21
N HIS A 22 -2.73 6.90 -13.14
CA HIS A 22 -3.49 7.24 -14.31
C HIS A 22 -4.53 6.11 -14.45
N PHE A 23 -5.79 6.37 -14.10
CA PHE A 23 -6.86 5.38 -14.27
C PHE A 23 -7.24 5.29 -15.74
N GLY A 24 -7.25 6.46 -16.40
CA GLY A 24 -7.68 6.64 -17.77
C GLY A 24 -8.97 7.44 -17.83
N ASN A 25 -9.62 7.65 -16.67
CA ASN A 25 -10.76 8.53 -16.51
C ASN A 25 -10.26 9.96 -16.48
N GLU A 26 -11.20 10.89 -16.45
CA GLU A 26 -10.93 12.27 -16.09
C GLU A 26 -11.26 12.47 -14.62
N TYR A 27 -12.41 11.95 -14.16
CA TYR A 27 -12.96 12.21 -12.83
C TYR A 27 -12.02 11.65 -11.78
N GLU A 28 -11.77 10.36 -11.88
CA GLU A 28 -10.98 9.58 -10.94
C GLU A 28 -9.57 10.17 -10.87
N ASP A 29 -9.01 10.46 -12.05
CA ASP A 29 -7.69 11.03 -12.23
C ASP A 29 -7.61 12.40 -11.57
N ARG A 30 -8.56 13.30 -11.84
CA ARG A 30 -8.60 14.64 -11.29
C ARG A 30 -8.71 14.57 -9.78
N TYR A 31 -9.69 13.83 -9.26
CA TYR A 31 -9.91 13.60 -7.85
C TYR A 31 -8.61 13.16 -7.20
N TYR A 32 -7.97 12.12 -7.73
CA TYR A 32 -6.68 11.65 -7.26
C TYR A 32 -5.66 12.80 -7.23
N ARG A 33 -5.51 13.55 -8.33
CA ARG A 33 -4.40 14.48 -8.51
C ARG A 33 -4.54 15.62 -7.52
N GLU A 34 -5.72 16.22 -7.46
CA GLU A 34 -5.93 17.44 -6.69
C GLU A 34 -5.64 17.22 -5.19
N ASN A 35 -5.69 15.96 -4.74
CA ASN A 35 -5.43 15.54 -3.37
C ASN A 35 -4.34 14.48 -3.31
N GLN A 36 -3.43 14.42 -4.31
CA GLN A 36 -2.48 13.33 -4.47
C GLN A 36 -1.58 13.17 -3.25
N TYR A 37 -1.31 14.29 -2.59
CA TYR A 37 -0.51 14.42 -1.39
C TYR A 37 -1.11 13.69 -0.18
N ARG A 38 -2.43 13.51 -0.16
CA ARG A 38 -3.13 12.88 0.94
C ARG A 38 -2.74 11.41 1.00
N TYR A 39 -2.71 10.73 -0.16
CA TYR A 39 -2.49 9.30 -0.17
C TYR A 39 -1.04 9.02 0.28
N PRO A 40 -0.83 7.93 1.04
CA PRO A 40 0.47 7.63 1.62
C PRO A 40 1.54 7.35 0.56
N ASN A 41 2.80 7.61 0.91
CA ASN A 41 3.99 7.24 0.13
C ASN A 41 4.69 6.01 0.71
N GLN A 42 4.01 5.28 1.59
CA GLN A 42 4.45 4.04 2.19
C GLN A 42 3.42 2.94 1.88
N VAL A 43 3.83 1.68 2.02
CA VAL A 43 2.97 0.50 2.06
C VAL A 43 3.57 -0.49 3.08
N MET A 44 2.80 -1.48 3.51
CA MET A 44 3.22 -2.46 4.49
C MET A 44 2.99 -3.88 3.97
N TYR A 45 3.78 -4.85 4.44
CA TYR A 45 3.86 -6.19 3.86
C TYR A 45 4.28 -7.22 4.90
N ARG A 46 4.31 -8.50 4.47
CA ARG A 46 4.75 -9.64 5.25
C ARG A 46 6.06 -10.14 4.64
N PRO A 47 6.90 -10.84 5.40
CA PRO A 47 8.22 -11.17 4.91
C PRO A 47 8.11 -12.10 3.71
N ILE A 48 9.02 -11.98 2.75
CA ILE A 48 9.13 -12.80 1.55
C ILE A 48 9.43 -14.30 1.85
N ASP A 49 9.43 -14.70 3.12
CA ASP A 49 9.40 -16.09 3.58
C ASP A 49 7.98 -16.67 3.61
N GLN A 50 6.95 -15.82 3.68
CA GLN A 50 5.56 -16.24 3.81
C GLN A 50 4.98 -16.64 2.44
N TYR A 51 5.66 -16.30 1.33
CA TYR A 51 5.18 -16.47 -0.03
C TYR A 51 6.34 -16.38 -1.03
N GLY A 52 6.06 -16.57 -2.32
CA GLY A 52 7.03 -16.49 -3.40
C GLY A 52 6.37 -16.08 -4.70
N SER A 53 5.70 -14.93 -4.72
CA SER A 53 5.13 -14.29 -5.90
C SER A 53 5.07 -12.78 -5.68
N GLN A 54 5.04 -11.99 -6.74
CA GLN A 54 4.72 -10.58 -6.61
C GLN A 54 3.24 -10.44 -6.29
N ASN A 55 2.40 -11.24 -6.94
CA ASN A 55 0.96 -11.22 -6.77
C ASN A 55 0.57 -11.48 -5.32
N SER A 56 0.79 -12.66 -4.74
CA SER A 56 0.44 -12.92 -3.32
C SER A 56 1.18 -12.00 -2.32
N PHE A 57 2.26 -11.30 -2.70
CA PHE A 57 2.78 -10.23 -1.87
C PHE A 57 1.79 -9.07 -1.94
N VAL A 58 1.61 -8.51 -3.15
CA VAL A 58 0.79 -7.35 -3.45
C VAL A 58 -0.64 -7.54 -2.93
N HIS A 59 -1.25 -8.71 -3.11
CA HIS A 59 -2.62 -9.01 -2.71
C HIS A 59 -2.89 -8.62 -1.25
N ASP A 60 -1.93 -8.94 -0.37
CA ASP A 60 -2.09 -8.76 1.07
C ASP A 60 -1.41 -7.48 1.53
N CYS A 61 -0.31 -7.09 0.87
CA CYS A 61 0.39 -5.82 1.08
C CYS A 61 -0.59 -4.67 0.86
N VAL A 62 -1.29 -4.69 -0.28
CA VAL A 62 -2.25 -3.66 -0.64
C VAL A 62 -3.29 -3.62 0.44
N ASN A 63 -3.86 -4.79 0.75
CA ASN A 63 -5.00 -4.89 1.62
C ASN A 63 -4.64 -4.40 3.00
N ILE A 64 -3.50 -4.77 3.58
CA ILE A 64 -3.13 -4.29 4.90
C ILE A 64 -2.94 -2.79 4.86
N THR A 65 -2.19 -2.28 3.88
CA THR A 65 -1.81 -0.88 3.81
C THR A 65 -3.07 -0.03 3.95
N VAL A 66 -4.10 -0.28 3.14
CA VAL A 66 -5.31 0.54 3.17
C VAL A 66 -5.86 0.64 4.58
N LYS A 67 -6.03 -0.54 5.17
CA LYS A 67 -6.44 -0.72 6.57
C LYS A 67 -5.57 0.13 7.48
N GLN A 68 -4.25 0.17 7.34
CA GLN A 68 -3.41 0.95 8.26
C GLN A 68 -3.94 2.36 8.36
N HIS A 69 -4.29 2.95 7.22
CA HIS A 69 -4.81 4.29 7.16
C HIS A 69 -6.25 4.34 7.65
N THR A 70 -7.11 3.40 7.23
CA THR A 70 -8.51 3.37 7.62
C THR A 70 -8.77 2.68 8.98
N THR A 71 -7.70 2.48 9.76
CA THR A 71 -7.70 1.79 11.05
C THR A 71 -6.73 2.50 12.03
N THR A 72 -6.18 3.66 11.67
CA THR A 72 -5.34 4.47 12.55
C THR A 72 -5.50 5.95 12.23
N THR A 73 -5.21 6.41 11.00
CA THR A 73 -5.22 7.84 10.71
C THR A 73 -6.60 8.46 10.96
N THR A 74 -7.64 7.64 10.90
CA THR A 74 -9.02 7.95 11.27
C THR A 74 -9.10 8.63 12.64
N THR A 75 -8.51 8.06 13.69
CA THR A 75 -8.54 8.68 15.01
C THR A 75 -7.70 9.97 15.01
N LYS A 76 -6.65 10.02 14.19
CA LYS A 76 -5.77 11.17 14.03
C LYS A 76 -6.44 12.34 13.33
N GLY A 77 -7.67 12.14 12.81
CA GLY A 77 -8.52 13.18 12.26
C GLY A 77 -9.13 12.84 10.91
N GLU A 78 -8.79 11.70 10.30
CA GLU A 78 -9.25 11.36 8.96
C GLU A 78 -10.66 10.84 8.96
N ASN A 79 -11.20 10.81 7.74
CA ASN A 79 -12.55 10.35 7.48
C ASN A 79 -12.65 9.72 6.11
N PHE A 80 -11.69 8.84 5.84
CA PHE A 80 -11.55 8.16 4.57
C PHE A 80 -12.86 7.54 4.12
N THR A 81 -13.18 7.74 2.85
CA THR A 81 -14.38 7.27 2.19
C THR A 81 -14.00 6.20 1.19
N GLU A 82 -14.96 5.36 0.81
CA GLU A 82 -14.67 4.25 -0.08
C GLU A 82 -14.12 4.75 -1.42
N THR A 83 -14.68 5.80 -2.02
CA THR A 83 -14.17 6.35 -3.26
C THR A 83 -12.69 6.70 -3.13
N ASP A 84 -12.28 7.23 -1.98
CA ASP A 84 -10.91 7.58 -1.72
C ASP A 84 -10.05 6.32 -1.59
N ILE A 85 -10.65 5.22 -1.14
CA ILE A 85 -9.98 3.95 -0.89
C ILE A 85 -9.74 3.25 -2.21
N LYS A 86 -10.63 3.43 -3.19
CA LYS A 86 -10.43 2.86 -4.51
C LYS A 86 -9.15 3.45 -5.07
N ILE A 87 -9.04 4.78 -5.10
CA ILE A 87 -7.84 5.49 -5.53
C ILE A 87 -6.65 4.98 -4.71
N MET A 88 -6.77 4.96 -3.37
CA MET A 88 -5.72 4.53 -2.48
C MET A 88 -5.23 3.13 -2.88
N GLU A 89 -6.11 2.13 -2.93
CA GLU A 89 -5.84 0.73 -3.27
C GLU A 89 -5.11 0.58 -4.61
N ARG A 90 -5.35 1.47 -5.58
CA ARG A 90 -4.67 1.45 -6.87
C ARG A 90 -3.25 1.98 -6.73
N VAL A 91 -3.13 3.16 -6.15
CA VAL A 91 -1.83 3.79 -5.86
C VAL A 91 -0.97 2.83 -5.02
N VAL A 92 -1.57 2.21 -4.01
CA VAL A 92 -0.98 1.25 -3.09
C VAL A 92 -0.49 0.01 -3.87
N GLU A 93 -1.18 -0.46 -4.92
CA GLU A 93 -0.69 -1.57 -5.74
C GLU A 93 0.66 -1.21 -6.34
N GLN A 94 0.73 -0.03 -6.96
CA GLN A 94 1.91 0.38 -7.72
C GLN A 94 3.11 0.61 -6.82
N MET A 95 2.89 0.92 -5.54
CA MET A 95 3.98 0.96 -4.57
C MET A 95 4.27 -0.45 -4.05
N CYS A 96 3.25 -1.25 -3.72
CA CYS A 96 3.43 -2.64 -3.24
C CYS A 96 4.24 -3.50 -4.21
N ILE A 97 4.10 -3.29 -5.52
CA ILE A 97 4.91 -3.98 -6.52
C ILE A 97 6.39 -3.60 -6.30
N THR A 98 6.71 -2.31 -6.26
CA THR A 98 8.07 -1.88 -5.93
C THR A 98 8.49 -2.32 -4.54
N GLN A 99 7.58 -2.43 -3.57
CA GLN A 99 7.94 -2.81 -2.23
C GLN A 99 8.53 -4.21 -2.29
N TYR A 100 7.77 -5.17 -2.84
CA TYR A 100 8.28 -6.52 -3.09
C TYR A 100 9.61 -6.50 -3.84
N GLN A 101 9.67 -5.81 -4.98
CA GLN A 101 10.88 -5.73 -5.78
C GLN A 101 12.05 -5.24 -4.94
N ASN A 102 11.90 -4.13 -4.22
CA ASN A 102 13.01 -3.41 -3.65
C ASN A 102 13.47 -4.07 -2.36
N GLU A 103 12.63 -4.90 -1.71
CA GLU A 103 13.00 -5.79 -0.61
C GLU A 103 13.67 -7.04 -1.16
N TYR A 104 12.99 -7.78 -2.04
CA TYR A 104 13.44 -9.06 -2.58
C TYR A 104 14.83 -8.91 -3.15
N GLN A 105 15.02 -7.90 -4.00
CA GLN A 105 16.30 -7.68 -4.64
C GLN A 105 17.35 -7.37 -3.58
N ALA A 106 16.98 -6.53 -2.62
CA ALA A 106 17.77 -6.13 -1.48
C ALA A 106 17.93 -7.23 -0.42
N ALA A 107 17.48 -8.43 -0.73
CA ALA A 107 17.49 -9.60 0.12
C ALA A 107 18.30 -10.69 -0.57
N GLN A 108 17.92 -11.12 -1.77
CA GLN A 108 18.64 -12.15 -2.52
C GLN A 108 20.11 -11.79 -2.79
N ARG A 109 20.50 -10.51 -2.62
CA ARG A 109 21.88 -10.07 -2.68
C ARG A 109 22.79 -10.73 -1.64
N TYR A 110 22.24 -11.07 -0.47
CA TYR A 110 22.98 -11.62 0.65
C TYR A 110 22.26 -12.80 1.32
N TYR A 111 21.04 -13.08 0.88
CA TYR A 111 20.06 -14.04 1.35
C TYR A 111 19.48 -13.61 2.70
N ASN A 112 18.15 -13.49 2.75
CA ASN A 112 17.40 -12.91 3.86
C ASN A 112 17.24 -13.89 5.00
N GLY A 1 -10.27 -5.09 13.46
CA GLY A 1 -8.96 -4.91 12.82
C GLY A 1 -8.05 -4.06 13.70
N SER A 2 -6.83 -3.81 13.23
CA SER A 2 -5.73 -3.23 14.00
C SER A 2 -5.27 -4.18 15.10
N VAL A 3 -3.99 -4.08 15.46
CA VAL A 3 -3.32 -4.94 16.44
C VAL A 3 -2.23 -4.11 17.11
N VAL A 4 -1.89 -4.49 18.34
CA VAL A 4 -0.73 -3.99 19.08
C VAL A 4 0.52 -4.31 18.25
N GLY A 5 0.96 -3.33 17.47
CA GLY A 5 2.17 -3.37 16.66
C GLY A 5 1.86 -3.48 15.17
N GLY A 6 0.64 -3.15 14.77
CA GLY A 6 0.13 -3.44 13.44
C GLY A 6 -0.21 -4.90 13.32
N LEU A 7 -0.91 -5.23 12.23
CA LEU A 7 -1.45 -6.56 11.99
C LEU A 7 -0.29 -7.53 11.86
N GLY A 8 -0.55 -8.84 11.97
CA GLY A 8 0.15 -9.97 11.38
C GLY A 8 1.68 -9.97 11.45
N GLY A 9 2.25 -9.25 12.41
CA GLY A 9 3.68 -8.99 12.47
C GLY A 9 4.20 -8.23 11.23
N TYR A 10 3.35 -7.48 10.53
CA TYR A 10 3.71 -6.71 9.35
C TYR A 10 4.75 -5.64 9.71
N MET A 11 5.46 -5.16 8.69
CA MET A 11 6.49 -4.16 8.84
C MET A 11 6.43 -3.15 7.70
N LEU A 12 7.09 -2.01 7.92
CA LEU A 12 6.94 -0.82 7.12
C LEU A 12 7.99 -0.84 6.01
N GLY A 13 7.55 -1.01 4.77
CA GLY A 13 8.36 -1.05 3.57
C GLY A 13 8.78 0.35 3.16
N SER A 14 9.66 0.98 3.94
CA SER A 14 10.24 2.30 3.77
C SER A 14 9.21 3.37 3.39
N ALA A 15 9.70 4.49 2.91
CA ALA A 15 8.96 5.54 2.24
C ALA A 15 9.62 5.86 0.89
N MET A 16 8.84 5.87 -0.19
CA MET A 16 9.29 6.30 -1.52
C MET A 16 8.88 7.74 -1.77
N SER A 17 9.19 8.28 -2.96
CA SER A 17 8.53 9.48 -3.43
C SER A 17 7.27 9.08 -4.21
N ARG A 18 6.44 10.07 -4.54
CA ARG A 18 5.08 9.90 -5.04
C ARG A 18 5.05 9.53 -6.54
N PRO A 19 4.71 8.28 -6.94
CA PRO A 19 4.47 7.99 -8.36
C PRO A 19 3.14 8.59 -8.80
N VAL A 20 2.99 8.73 -10.11
CA VAL A 20 1.72 9.07 -10.71
C VAL A 20 0.82 7.84 -10.73
N MET A 21 -0.41 8.10 -11.15
CA MET A 21 -1.48 7.21 -11.44
C MET A 21 -2.23 7.87 -12.59
N HIS A 22 -2.66 7.10 -13.58
CA HIS A 22 -3.48 7.58 -14.68
C HIS A 22 -4.57 6.55 -15.05
N PHE A 23 -5.69 6.52 -14.31
CA PHE A 23 -6.80 5.57 -14.51
C PHE A 23 -7.25 5.51 -15.97
N GLY A 24 -7.34 6.67 -16.61
CA GLY A 24 -7.87 6.80 -17.96
C GLY A 24 -9.27 7.38 -17.98
N ASN A 25 -9.71 7.94 -16.86
CA ASN A 25 -10.87 8.78 -16.79
C ASN A 25 -10.35 10.22 -16.88
N GLU A 26 -11.22 11.15 -16.53
CA GLU A 26 -10.87 12.48 -16.12
C GLU A 26 -11.23 12.69 -14.65
N TYR A 27 -12.30 12.04 -14.16
CA TYR A 27 -12.89 12.29 -12.85
C TYR A 27 -11.99 11.68 -11.79
N GLU A 28 -11.76 10.38 -11.89
CA GLU A 28 -10.92 9.59 -11.00
C GLU A 28 -9.52 10.24 -10.98
N ASP A 29 -9.04 10.60 -12.16
CA ASP A 29 -7.73 11.19 -12.37
C ASP A 29 -7.61 12.55 -11.67
N ARG A 30 -8.60 13.41 -11.82
CA ARG A 30 -8.67 14.70 -11.15
C ARG A 30 -8.76 14.49 -9.64
N TYR A 31 -9.63 13.59 -9.17
CA TYR A 31 -9.80 13.25 -7.77
C TYR A 31 -8.45 12.90 -7.17
N TYR A 32 -7.73 11.94 -7.77
CA TYR A 32 -6.42 11.53 -7.33
C TYR A 32 -5.51 12.74 -7.18
N ARG A 33 -5.38 13.56 -8.23
CA ARG A 33 -4.41 14.64 -8.23
C ARG A 33 -4.77 15.71 -7.19
N GLU A 34 -6.05 15.92 -6.97
CA GLU A 34 -6.56 16.88 -6.00
C GLU A 34 -6.13 16.51 -4.59
N ASN A 35 -6.33 15.26 -4.17
CA ASN A 35 -6.10 14.80 -2.80
C ASN A 35 -4.94 13.81 -2.69
N GLN A 36 -3.99 13.84 -3.64
CA GLN A 36 -2.83 12.97 -3.72
C GLN A 36 -1.96 13.06 -2.47
N TYR A 37 -2.05 14.17 -1.74
CA TYR A 37 -1.29 14.39 -0.52
C TYR A 37 -1.77 13.47 0.61
N ARG A 38 -3.08 13.15 0.63
CA ARG A 38 -3.67 12.35 1.70
C ARG A 38 -3.26 10.89 1.58
N TYR A 39 -3.25 10.36 0.36
CA TYR A 39 -2.86 8.98 0.11
C TYR A 39 -1.35 8.81 0.35
N PRO A 40 -0.86 7.60 0.68
CA PRO A 40 0.49 7.39 1.19
C PRO A 40 1.64 7.72 0.22
N ASN A 41 2.85 7.71 0.74
CA ASN A 41 4.07 7.41 -0.01
C ASN A 41 4.88 6.30 0.69
N GLN A 42 4.21 5.44 1.46
CA GLN A 42 4.78 4.24 2.08
C GLN A 42 3.88 3.05 1.80
N VAL A 43 4.34 1.85 2.15
CA VAL A 43 3.63 0.59 1.98
C VAL A 43 4.04 -0.36 3.11
N MET A 44 3.21 -1.33 3.48
CA MET A 44 3.46 -2.30 4.55
C MET A 44 3.37 -3.74 4.02
N TYR A 45 4.00 -4.71 4.69
CA TYR A 45 4.15 -6.08 4.15
C TYR A 45 4.53 -7.10 5.22
N ARG A 46 4.44 -8.39 4.86
CA ARG A 46 4.99 -9.52 5.62
C ARG A 46 6.22 -10.00 4.88
N PRO A 47 7.16 -10.73 5.51
CA PRO A 47 8.41 -11.05 4.84
C PRO A 47 8.08 -11.96 3.66
N ILE A 48 8.77 -11.76 2.55
CA ILE A 48 8.65 -12.56 1.33
C ILE A 48 8.82 -14.06 1.60
N ASP A 49 9.52 -14.40 2.67
CA ASP A 49 9.75 -15.75 3.15
C ASP A 49 8.45 -16.45 3.59
N GLN A 50 7.34 -15.72 3.78
CA GLN A 50 6.02 -16.31 3.98
C GLN A 50 5.51 -17.02 2.72
N TYR A 51 5.87 -16.53 1.53
CA TYR A 51 5.17 -16.78 0.28
C TYR A 51 6.14 -16.66 -0.90
N GLY A 52 5.73 -16.08 -2.04
CA GLY A 52 6.58 -16.01 -3.23
C GLY A 52 5.79 -15.87 -4.52
N SER A 53 4.98 -14.84 -4.65
CA SER A 53 4.41 -14.35 -5.90
C SER A 53 4.18 -12.83 -5.75
N GLN A 54 4.04 -12.08 -6.85
CA GLN A 54 3.76 -10.64 -6.72
C GLN A 54 2.33 -10.48 -6.29
N ASN A 55 1.42 -11.21 -6.92
CA ASN A 55 0.00 -11.22 -6.62
C ASN A 55 -0.20 -11.37 -5.12
N SER A 56 0.08 -12.54 -4.56
CA SER A 56 -0.30 -12.85 -3.20
C SER A 56 0.51 -12.07 -2.16
N PHE A 57 1.57 -11.38 -2.57
CA PHE A 57 2.21 -10.35 -1.77
C PHE A 57 1.33 -9.10 -1.79
N VAL A 58 1.17 -8.50 -2.97
CA VAL A 58 0.50 -7.23 -3.23
C VAL A 58 -0.95 -7.25 -2.71
N HIS A 59 -1.69 -8.33 -2.96
CA HIS A 59 -3.07 -8.52 -2.53
C HIS A 59 -3.24 -8.45 -1.00
N ASP A 60 -2.15 -8.56 -0.25
CA ASP A 60 -2.15 -8.58 1.21
C ASP A 60 -1.45 -7.33 1.74
N CYS A 61 -0.34 -6.96 1.12
CA CYS A 61 0.43 -5.73 1.29
C CYS A 61 -0.47 -4.50 1.16
N VAL A 62 -1.10 -4.32 -0.02
CA VAL A 62 -1.95 -3.17 -0.32
C VAL A 62 -3.13 -3.17 0.65
N ASN A 63 -3.70 -4.36 0.91
CA ASN A 63 -4.82 -4.54 1.81
C ASN A 63 -4.47 -3.96 3.17
N ILE A 64 -3.37 -4.44 3.76
CA ILE A 64 -2.88 -4.00 5.06
C ILE A 64 -2.58 -2.52 5.02
N THR A 65 -1.82 -2.05 4.04
CA THR A 65 -1.41 -0.65 3.93
C THR A 65 -2.66 0.22 4.10
N VAL A 66 -3.68 0.00 3.27
CA VAL A 66 -4.98 0.67 3.37
C VAL A 66 -5.54 0.55 4.79
N LYS A 67 -5.58 -0.65 5.39
CA LYS A 67 -6.06 -0.81 6.79
C LYS A 67 -5.31 0.13 7.70
N GLN A 68 -3.98 0.20 7.67
CA GLN A 68 -3.20 1.02 8.59
C GLN A 68 -3.71 2.46 8.57
N HIS A 69 -3.85 3.04 7.38
CA HIS A 69 -4.41 4.38 7.23
C HIS A 69 -5.86 4.43 7.72
N THR A 70 -6.64 3.39 7.43
CA THR A 70 -8.10 3.39 7.63
C THR A 70 -8.54 2.72 8.94
N THR A 71 -7.62 2.49 9.86
CA THR A 71 -7.80 1.84 11.16
C THR A 71 -7.15 2.68 12.27
N THR A 72 -6.27 3.60 11.91
CA THR A 72 -5.46 4.41 12.77
C THR A 72 -5.68 5.88 12.40
N THR A 73 -5.22 6.34 11.24
CA THR A 73 -5.28 7.76 10.92
C THR A 73 -6.74 8.28 10.86
N THR A 74 -7.73 7.41 10.69
CA THR A 74 -9.13 7.74 10.80
C THR A 74 -9.53 8.16 12.23
N THR A 75 -9.08 7.48 13.29
CA THR A 75 -9.35 7.92 14.66
C THR A 75 -8.51 9.17 14.99
N LYS A 76 -7.35 9.37 14.34
CA LYS A 76 -6.64 10.64 14.34
C LYS A 76 -7.44 11.70 13.56
N GLY A 77 -8.59 11.36 13.00
CA GLY A 77 -9.59 12.31 12.53
C GLY A 77 -9.61 12.44 11.01
N GLU A 78 -8.91 11.58 10.25
CA GLU A 78 -9.25 11.45 8.84
C GLU A 78 -10.56 10.73 8.68
N ASN A 79 -11.18 10.93 7.53
CA ASN A 79 -12.47 10.35 7.20
C ASN A 79 -12.51 9.95 5.74
N PHE A 80 -11.60 9.03 5.45
CA PHE A 80 -11.55 8.33 4.18
C PHE A 80 -12.93 7.72 3.90
N THR A 81 -13.36 7.87 2.67
CA THR A 81 -14.60 7.34 2.12
C THR A 81 -14.23 6.19 1.20
N GLU A 82 -15.18 5.36 0.77
CA GLU A 82 -14.86 4.20 -0.07
C GLU A 82 -14.12 4.64 -1.34
N THR A 83 -14.59 5.69 -2.02
CA THR A 83 -13.91 6.28 -3.16
C THR A 83 -12.47 6.70 -2.80
N ASP A 84 -12.26 7.14 -1.56
CA ASP A 84 -10.98 7.55 -1.00
C ASP A 84 -10.15 6.35 -0.54
N ILE A 85 -10.66 5.12 -0.68
CA ILE A 85 -9.87 3.88 -0.64
C ILE A 85 -9.58 3.40 -2.07
N LYS A 86 -10.49 3.59 -3.03
CA LYS A 86 -10.42 2.96 -4.36
C LYS A 86 -9.15 3.36 -5.12
N ILE A 87 -8.91 4.67 -5.25
CA ILE A 87 -7.71 5.25 -5.84
C ILE A 87 -6.53 4.67 -5.09
N MET A 88 -6.56 4.78 -3.76
CA MET A 88 -5.47 4.43 -2.86
C MET A 88 -5.04 2.99 -3.14
N GLU A 89 -5.96 2.04 -3.22
CA GLU A 89 -5.68 0.64 -3.55
C GLU A 89 -5.00 0.44 -4.92
N ARG A 90 -4.99 1.44 -5.80
CA ARG A 90 -4.30 1.38 -7.09
C ARG A 90 -2.94 2.05 -6.95
N VAL A 91 -2.90 3.28 -6.44
CA VAL A 91 -1.63 4.00 -6.26
C VAL A 91 -0.68 3.21 -5.34
N VAL A 92 -1.21 2.63 -4.26
CA VAL A 92 -0.46 1.77 -3.34
C VAL A 92 -0.03 0.47 -4.04
N GLU A 93 -0.75 -0.01 -5.08
CA GLU A 93 -0.39 -1.23 -5.81
C GLU A 93 0.98 -1.06 -6.44
N GLN A 94 1.24 0.08 -7.09
CA GLN A 94 2.52 0.30 -7.79
C GLN A 94 3.63 0.31 -6.77
N MET A 95 3.49 1.15 -5.75
CA MET A 95 4.50 1.26 -4.72
C MET A 95 4.76 -0.09 -4.09
N CYS A 96 3.71 -0.90 -3.86
CA CYS A 96 3.89 -2.23 -3.30
C CYS A 96 4.63 -3.16 -4.27
N ILE A 97 4.26 -3.25 -5.55
CA ILE A 97 4.95 -4.12 -6.51
C ILE A 97 6.42 -3.69 -6.61
N THR A 98 6.70 -2.39 -6.61
CA THR A 98 8.05 -1.85 -6.59
C THR A 98 8.74 -2.23 -5.27
N GLN A 99 8.12 -2.03 -4.12
CA GLN A 99 8.72 -2.27 -2.82
C GLN A 99 9.03 -3.77 -2.66
N TYR A 100 8.11 -4.65 -3.09
CA TYR A 100 8.29 -6.09 -3.13
C TYR A 100 9.56 -6.44 -3.89
N GLN A 101 9.74 -5.90 -5.10
CA GLN A 101 10.96 -6.04 -5.87
C GLN A 101 12.15 -5.58 -5.03
N ASN A 102 12.11 -4.38 -4.45
CA ASN A 102 13.20 -3.82 -3.69
C ASN A 102 13.47 -4.59 -2.38
N GLU A 103 12.58 -5.46 -1.92
CA GLU A 103 12.82 -6.35 -0.78
C GLU A 103 13.43 -7.66 -1.29
N TYR A 104 12.76 -8.35 -2.22
CA TYR A 104 13.21 -9.65 -2.72
C TYR A 104 14.59 -9.57 -3.34
N GLN A 105 14.78 -8.57 -4.20
CA GLN A 105 16.03 -8.42 -4.90
C GLN A 105 17.13 -8.15 -3.86
N ALA A 106 16.78 -7.33 -2.86
CA ALA A 106 17.60 -6.97 -1.73
C ALA A 106 17.83 -8.11 -0.73
N ALA A 107 17.39 -9.32 -1.06
CA ALA A 107 17.59 -10.54 -0.31
C ALA A 107 18.36 -11.52 -1.16
N GLN A 108 17.85 -11.88 -2.33
CA GLN A 108 18.46 -12.94 -3.16
C GLN A 108 19.85 -12.59 -3.67
N ARG A 109 20.27 -11.33 -3.57
CA ARG A 109 21.66 -10.97 -3.80
C ARG A 109 22.66 -11.69 -2.90
N TYR A 110 22.22 -12.11 -1.72
CA TYR A 110 22.99 -12.90 -0.76
C TYR A 110 22.27 -14.14 -0.22
N TYR A 111 20.97 -14.26 -0.50
CA TYR A 111 20.00 -15.18 0.04
C TYR A 111 19.76 -14.86 1.53
N ASN A 112 18.63 -14.23 1.82
CA ASN A 112 18.15 -14.01 3.18
C ASN A 112 17.14 -15.09 3.52
N GLY A 1 -11.71 -1.38 8.21
CA GLY A 1 -10.34 -1.35 8.74
C GLY A 1 -10.04 -2.60 9.54
N SER A 2 -8.74 -2.93 9.70
CA SER A 2 -8.26 -3.96 10.60
C SER A 2 -8.71 -5.33 10.13
N VAL A 3 -8.33 -6.33 10.90
CA VAL A 3 -8.52 -7.72 10.56
C VAL A 3 -8.93 -8.44 11.83
N VAL A 4 -9.76 -9.47 11.66
CA VAL A 4 -10.13 -10.37 12.73
C VAL A 4 -8.85 -11.10 13.19
N GLY A 5 -8.20 -10.52 14.20
CA GLY A 5 -7.02 -11.02 14.90
C GLY A 5 -5.88 -9.99 15.01
N GLY A 6 -6.04 -8.79 14.43
CA GLY A 6 -4.95 -7.83 14.26
C GLY A 6 -3.93 -8.34 13.24
N LEU A 7 -3.09 -7.44 12.67
CA LEU A 7 -2.22 -7.87 11.58
C LEU A 7 -1.20 -8.88 12.10
N GLY A 8 -0.62 -9.67 11.20
CA GLY A 8 0.42 -10.68 11.42
C GLY A 8 1.80 -10.05 11.57
N GLY A 9 1.84 -8.85 12.17
CA GLY A 9 3.07 -8.14 12.46
C GLY A 9 3.71 -7.60 11.20
N TYR A 10 2.88 -7.11 10.25
CA TYR A 10 3.37 -6.47 9.05
C TYR A 10 4.27 -5.30 9.44
N MET A 11 5.18 -4.98 8.53
CA MET A 11 6.11 -3.89 8.67
C MET A 11 5.86 -2.86 7.59
N LEU A 12 6.23 -1.62 7.90
CA LEU A 12 6.58 -0.61 6.92
C LEU A 12 7.90 -1.04 6.33
N GLY A 13 8.03 -1.00 5.01
CA GLY A 13 9.34 -1.04 4.42
C GLY A 13 9.96 0.34 4.50
N SER A 14 9.74 1.12 3.46
CA SER A 14 10.42 2.39 3.24
C SER A 14 9.53 3.32 2.42
N ALA A 15 9.90 4.60 2.34
CA ALA A 15 9.26 5.55 1.46
C ALA A 15 9.86 5.52 0.08
N MET A 16 8.97 5.70 -0.88
CA MET A 16 9.25 5.76 -2.30
C MET A 16 9.02 7.18 -2.80
N SER A 17 9.29 7.37 -4.09
CA SER A 17 8.98 8.56 -4.85
C SER A 17 7.48 8.57 -5.09
N ARG A 18 6.81 9.71 -4.93
CA ARG A 18 5.41 9.87 -5.31
C ARG A 18 5.30 9.64 -6.81
N PRO A 19 4.72 8.52 -7.28
CA PRO A 19 4.54 8.27 -8.70
C PRO A 19 3.29 9.00 -9.19
N VAL A 20 3.02 8.90 -10.49
CA VAL A 20 1.72 9.20 -11.01
C VAL A 20 0.75 8.08 -10.68
N MET A 21 -0.51 8.35 -11.00
CA MET A 21 -1.61 7.43 -11.07
C MET A 21 -2.48 7.92 -12.21
N HIS A 22 -3.01 7.00 -13.00
CA HIS A 22 -3.94 7.19 -14.07
C HIS A 22 -4.91 6.00 -14.00
N PHE A 23 -6.17 6.25 -14.34
CA PHE A 23 -7.25 5.26 -14.36
C PHE A 23 -7.75 5.08 -15.77
N GLY A 24 -7.69 6.15 -16.54
CA GLY A 24 -8.26 6.27 -17.88
C GLY A 24 -9.50 7.16 -17.89
N ASN A 25 -9.83 7.84 -16.80
CA ASN A 25 -11.04 8.63 -16.64
C ASN A 25 -10.68 10.09 -16.38
N GLU A 26 -11.71 10.93 -16.33
CA GLU A 26 -11.64 12.29 -15.83
C GLU A 26 -11.76 12.29 -14.31
N TYR A 27 -12.84 11.69 -13.78
CA TYR A 27 -13.27 11.87 -12.39
C TYR A 27 -12.24 11.30 -11.46
N GLU A 28 -11.86 10.05 -11.71
CA GLU A 28 -11.00 9.27 -10.86
C GLU A 28 -9.60 9.91 -10.82
N ASP A 29 -9.15 10.42 -11.97
CA ASP A 29 -7.88 11.12 -12.13
C ASP A 29 -7.90 12.42 -11.33
N ARG A 30 -8.97 13.18 -11.50
CA ARG A 30 -9.18 14.46 -10.84
C ARG A 30 -9.27 14.28 -9.36
N TYR A 31 -10.02 13.28 -8.90
CA TYR A 31 -10.16 13.01 -7.50
C TYR A 31 -8.78 12.74 -6.94
N TYR A 32 -8.02 11.82 -7.54
CA TYR A 32 -6.65 11.52 -7.17
C TYR A 32 -5.85 12.83 -7.09
N ARG A 33 -5.93 13.67 -8.11
CA ARG A 33 -5.08 14.85 -8.17
C ARG A 33 -5.47 15.89 -7.13
N GLU A 34 -6.75 15.94 -6.75
CA GLU A 34 -7.28 16.85 -5.75
C GLU A 34 -6.67 16.59 -4.36
N ASN A 35 -6.49 15.33 -3.98
CA ASN A 35 -6.14 14.90 -2.64
C ASN A 35 -4.92 13.98 -2.66
N GLN A 36 -4.10 14.05 -3.72
CA GLN A 36 -2.86 13.30 -3.90
C GLN A 36 -1.96 13.47 -2.68
N TYR A 37 -2.01 14.66 -2.08
CA TYR A 37 -1.22 15.01 -0.92
C TYR A 37 -1.64 14.24 0.34
N ARG A 38 -2.92 13.83 0.46
CA ARG A 38 -3.38 13.09 1.64
C ARG A 38 -2.82 11.68 1.61
N TYR A 39 -2.70 11.08 0.43
CA TYR A 39 -2.29 9.70 0.27
C TYR A 39 -0.81 9.51 0.67
N PRO A 40 -0.41 8.27 1.01
CA PRO A 40 0.94 7.95 1.46
C PRO A 40 2.02 8.21 0.41
N ASN A 41 3.28 8.03 0.81
CA ASN A 41 4.39 7.74 -0.09
C ASN A 41 5.17 6.52 0.40
N GLN A 42 4.55 5.61 1.15
CA GLN A 42 5.16 4.37 1.63
C GLN A 42 4.13 3.25 1.59
N VAL A 43 4.56 2.01 1.83
CA VAL A 43 3.72 0.83 1.76
C VAL A 43 4.24 -0.22 2.74
N MET A 44 3.34 -1.11 3.06
CA MET A 44 3.49 -2.10 4.13
C MET A 44 3.29 -3.52 3.63
N TYR A 45 3.96 -4.49 4.26
CA TYR A 45 4.10 -5.86 3.77
C TYR A 45 4.58 -6.81 4.88
N ARG A 46 4.77 -8.08 4.52
CA ARG A 46 5.16 -9.17 5.40
C ARG A 46 6.38 -9.88 4.79
N PRO A 47 7.13 -10.68 5.57
CA PRO A 47 8.37 -11.23 5.06
C PRO A 47 8.03 -12.22 3.95
N ILE A 48 8.87 -12.28 2.93
CA ILE A 48 8.68 -13.15 1.76
C ILE A 48 8.77 -14.64 2.15
N ASP A 49 9.23 -14.94 3.36
CA ASP A 49 9.12 -16.23 4.04
C ASP A 49 7.65 -16.73 4.12
N GLN A 50 6.68 -15.81 4.16
CA GLN A 50 5.26 -16.14 4.27
C GLN A 50 4.72 -16.69 2.95
N TYR A 51 5.19 -16.20 1.80
CA TYR A 51 4.52 -16.41 0.52
C TYR A 51 5.47 -16.35 -0.67
N GLY A 52 5.23 -17.21 -1.66
CA GLY A 52 6.10 -17.43 -2.80
C GLY A 52 5.52 -16.84 -4.08
N SER A 53 4.97 -15.62 -4.03
CA SER A 53 4.07 -15.10 -5.04
C SER A 53 4.07 -13.59 -5.01
N GLN A 54 4.29 -12.92 -6.15
CA GLN A 54 4.17 -11.47 -6.23
C GLN A 54 2.69 -11.12 -6.20
N ASN A 55 1.86 -11.94 -6.84
CA ASN A 55 0.43 -11.72 -6.93
C ASN A 55 -0.18 -11.58 -5.54
N SER A 56 -0.21 -12.66 -4.75
CA SER A 56 -0.77 -12.60 -3.41
C SER A 56 -0.05 -11.58 -2.52
N PHE A 57 1.26 -11.34 -2.73
CA PHE A 57 1.97 -10.27 -2.02
C PHE A 57 1.27 -8.95 -2.28
N VAL A 58 1.14 -8.51 -3.56
CA VAL A 58 0.44 -7.29 -3.93
C VAL A 58 -0.96 -7.31 -3.32
N HIS A 59 -1.74 -8.36 -3.58
CA HIS A 59 -3.15 -8.40 -3.20
C HIS A 59 -3.30 -8.13 -1.70
N ASP A 60 -2.43 -8.72 -0.88
CA ASP A 60 -2.53 -8.63 0.56
C ASP A 60 -1.86 -7.35 1.10
N CYS A 61 -0.72 -6.95 0.54
CA CYS A 61 0.03 -5.79 1.03
C CYS A 61 -0.66 -4.47 0.68
N VAL A 62 -1.37 -4.41 -0.45
CA VAL A 62 -2.18 -3.26 -0.84
C VAL A 62 -3.43 -3.19 0.01
N ASN A 63 -3.97 -4.34 0.41
CA ASN A 63 -5.02 -4.41 1.38
C ASN A 63 -4.48 -3.80 2.68
N ILE A 64 -3.43 -4.38 3.25
CA ILE A 64 -2.85 -3.95 4.52
C ILE A 64 -2.54 -2.46 4.52
N THR A 65 -1.74 -1.97 3.57
CA THR A 65 -1.33 -0.58 3.49
C THR A 65 -2.55 0.31 3.73
N VAL A 66 -3.59 0.17 2.89
CA VAL A 66 -4.83 0.92 3.00
C VAL A 66 -5.41 0.82 4.40
N LYS A 67 -5.58 -0.39 4.95
CA LYS A 67 -6.14 -0.60 6.30
C LYS A 67 -5.37 0.21 7.30
N GLN A 68 -4.04 0.15 7.33
CA GLN A 68 -3.25 0.89 8.31
C GLN A 68 -3.52 2.39 8.27
N HIS A 69 -4.02 2.92 7.15
CA HIS A 69 -4.55 4.27 7.12
C HIS A 69 -5.99 4.27 7.62
N THR A 70 -6.87 3.48 7.01
CA THR A 70 -8.30 3.42 7.28
C THR A 70 -8.66 2.70 8.59
N THR A 71 -7.69 2.49 9.45
CA THR A 71 -7.82 1.77 10.70
C THR A 71 -6.95 2.39 11.81
N THR A 72 -6.20 3.47 11.52
CA THR A 72 -5.43 4.20 12.49
C THR A 72 -5.73 5.68 12.30
N THR A 73 -5.28 6.31 11.21
CA THR A 73 -5.45 7.74 11.09
C THR A 73 -6.94 8.13 11.13
N THR A 74 -7.82 7.28 10.59
CA THR A 74 -9.27 7.49 10.64
C THR A 74 -9.80 7.68 12.05
N THR A 75 -9.22 7.04 13.06
CA THR A 75 -9.61 7.14 14.46
C THR A 75 -8.65 8.08 15.24
N LYS A 76 -7.85 8.85 14.51
CA LYS A 76 -7.00 9.94 14.97
C LYS A 76 -7.44 11.29 14.39
N GLY A 77 -8.09 11.30 13.23
CA GLY A 77 -8.63 12.49 12.61
C GLY A 77 -8.89 12.39 11.11
N GLU A 78 -8.34 11.38 10.41
CA GLU A 78 -8.59 11.20 8.99
C GLU A 78 -10.04 10.81 8.75
N ASN A 79 -10.46 10.97 7.50
CA ASN A 79 -11.77 10.55 7.05
C ASN A 79 -11.76 10.21 5.58
N PHE A 80 -10.90 9.24 5.27
CA PHE A 80 -10.94 8.56 3.99
C PHE A 80 -12.34 7.99 3.77
N THR A 81 -12.76 8.00 2.51
CA THR A 81 -14.01 7.46 2.02
C THR A 81 -13.69 6.29 1.09
N GLU A 82 -14.68 5.50 0.70
CA GLU A 82 -14.42 4.38 -0.18
C GLU A 82 -13.88 4.90 -1.50
N THR A 83 -14.49 5.91 -2.08
CA THR A 83 -14.08 6.50 -3.35
C THR A 83 -12.61 6.97 -3.31
N ASP A 84 -12.14 7.38 -2.13
CA ASP A 84 -10.78 7.75 -1.78
C ASP A 84 -9.88 6.51 -1.73
N ILE A 85 -10.44 5.39 -1.27
CA ILE A 85 -9.76 4.13 -1.09
C ILE A 85 -9.52 3.49 -2.44
N LYS A 86 -10.43 3.68 -3.39
CA LYS A 86 -10.26 3.10 -4.72
C LYS A 86 -8.98 3.60 -5.33
N ILE A 87 -8.67 4.88 -5.13
CA ILE A 87 -7.46 5.47 -5.62
C ILE A 87 -6.28 4.90 -4.82
N MET A 88 -6.29 4.93 -3.49
CA MET A 88 -5.24 4.33 -2.64
C MET A 88 -4.94 2.88 -3.06
N GLU A 89 -5.98 2.06 -3.30
CA GLU A 89 -5.91 0.67 -3.78
C GLU A 89 -5.11 0.51 -5.08
N ARG A 90 -4.87 1.57 -5.85
CA ARG A 90 -4.16 1.53 -7.12
C ARG A 90 -2.83 2.27 -6.98
N VAL A 91 -2.87 3.47 -6.40
CA VAL A 91 -1.71 4.32 -6.13
C VAL A 91 -0.66 3.52 -5.34
N VAL A 92 -1.07 2.72 -4.36
CA VAL A 92 -0.14 2.01 -3.48
C VAL A 92 0.21 0.62 -4.04
N GLU A 93 -0.56 0.10 -5.00
CA GLU A 93 -0.29 -1.15 -5.71
C GLU A 93 1.06 -1.10 -6.41
N GLN A 94 1.34 0.03 -7.06
CA GLN A 94 2.60 0.26 -7.76
C GLN A 94 3.77 0.19 -6.76
N MET A 95 3.57 0.74 -5.56
CA MET A 95 4.58 0.75 -4.53
C MET A 95 4.79 -0.64 -3.97
N CYS A 96 3.72 -1.40 -3.72
CA CYS A 96 3.77 -2.78 -3.26
C CYS A 96 4.60 -3.64 -4.22
N ILE A 97 4.39 -3.45 -5.52
CA ILE A 97 5.15 -4.12 -6.56
C ILE A 97 6.65 -3.81 -6.39
N THR A 98 7.04 -2.55 -6.18
CA THR A 98 8.44 -2.18 -5.95
C THR A 98 8.92 -2.70 -4.58
N GLN A 99 8.07 -2.76 -3.56
CA GLN A 99 8.48 -3.06 -2.19
C GLN A 99 8.92 -4.52 -2.06
N TYR A 100 8.18 -5.47 -2.64
CA TYR A 100 8.58 -6.88 -2.71
C TYR A 100 9.97 -6.98 -3.32
N GLN A 101 10.11 -6.40 -4.51
CA GLN A 101 11.32 -6.41 -5.30
C GLN A 101 12.47 -5.88 -4.45
N ASN A 102 12.35 -4.70 -3.87
CA ASN A 102 13.44 -4.10 -3.11
C ASN A 102 13.75 -4.87 -1.83
N GLU A 103 12.88 -5.76 -1.34
CA GLU A 103 13.22 -6.69 -0.26
C GLU A 103 13.96 -7.91 -0.81
N TYR A 104 13.29 -8.77 -1.59
CA TYR A 104 13.86 -10.00 -2.14
C TYR A 104 15.21 -9.73 -2.81
N GLN A 105 15.23 -8.75 -3.70
CA GLN A 105 16.44 -8.43 -4.44
C GLN A 105 17.57 -7.95 -3.53
N ALA A 106 17.23 -7.47 -2.34
CA ALA A 106 18.10 -6.98 -1.30
C ALA A 106 18.31 -8.00 -0.17
N ALA A 107 17.93 -9.25 -0.42
CA ALA A 107 17.92 -10.33 0.57
C ALA A 107 18.64 -11.54 -0.02
N GLN A 108 18.36 -11.87 -1.28
CA GLN A 108 19.07 -12.88 -2.05
C GLN A 108 20.56 -12.62 -2.21
N ARG A 109 21.06 -11.45 -1.80
CA ARG A 109 22.49 -11.15 -1.81
C ARG A 109 23.25 -11.90 -0.72
N TYR A 110 22.60 -12.15 0.42
CA TYR A 110 23.15 -12.89 1.54
C TYR A 110 22.36 -14.15 1.91
N TYR A 111 21.18 -14.28 1.29
CA TYR A 111 20.17 -15.32 1.44
C TYR A 111 19.43 -15.12 2.76
N ASN A 112 18.20 -14.60 2.66
CA ASN A 112 17.20 -14.64 3.71
C ASN A 112 16.06 -15.52 3.22
N GLY A 1 -12.25 -3.90 9.26
CA GLY A 1 -10.96 -3.61 8.62
C GLY A 1 -9.83 -3.68 9.61
N SER A 2 -9.49 -4.87 10.12
CA SER A 2 -8.35 -5.11 11.01
C SER A 2 -7.99 -6.61 11.00
N VAL A 3 -6.97 -6.99 11.75
CA VAL A 3 -6.50 -8.36 11.97
C VAL A 3 -6.44 -8.53 13.48
N VAL A 4 -7.14 -9.52 14.06
CA VAL A 4 -6.97 -10.11 15.39
C VAL A 4 -6.29 -9.18 16.43
N GLY A 5 -6.96 -8.07 16.76
CA GLY A 5 -6.46 -7.03 17.66
C GLY A 5 -4.97 -6.75 17.51
N GLY A 6 -4.50 -6.51 16.28
CA GLY A 6 -3.14 -6.18 15.91
C GLY A 6 -2.67 -7.05 14.75
N LEU A 7 -1.87 -6.47 13.86
CA LEU A 7 -1.20 -7.21 12.79
C LEU A 7 -0.28 -8.26 13.38
N GLY A 8 0.01 -9.28 12.57
CA GLY A 8 0.78 -10.42 12.98
C GLY A 8 2.25 -10.05 13.06
N GLY A 9 2.77 -9.56 11.94
CA GLY A 9 4.14 -9.21 11.76
C GLY A 9 4.35 -8.54 10.41
N TYR A 10 3.54 -7.53 10.13
CA TYR A 10 3.81 -6.66 8.98
C TYR A 10 4.94 -5.70 9.36
N MET A 11 5.60 -5.15 8.35
CA MET A 11 6.64 -4.15 8.53
C MET A 11 6.52 -3.09 7.46
N LEU A 12 7.16 -1.95 7.72
CA LEU A 12 7.07 -0.74 6.92
C LEU A 12 8.04 -0.88 5.75
N GLY A 13 7.50 -0.92 4.54
CA GLY A 13 8.23 -1.11 3.31
C GLY A 13 8.80 0.21 2.83
N SER A 14 9.77 0.73 3.59
CA SER A 14 10.44 2.00 3.41
C SER A 14 9.44 3.13 3.13
N ALA A 15 9.94 4.26 2.69
CA ALA A 15 9.18 5.27 2.00
C ALA A 15 9.79 5.46 0.61
N MET A 16 8.95 5.77 -0.37
CA MET A 16 9.37 6.13 -1.72
C MET A 16 8.75 7.45 -2.09
N SER A 17 8.83 7.78 -3.38
CA SER A 17 8.42 9.06 -3.84
C SER A 17 6.90 9.10 -3.97
N ARG A 18 6.41 10.13 -4.65
CA ARG A 18 5.03 10.27 -5.08
C ARG A 18 5.01 9.92 -6.57
N PRO A 19 4.62 8.70 -6.96
CA PRO A 19 4.42 8.39 -8.36
C PRO A 19 3.10 8.98 -8.81
N VAL A 20 2.88 8.95 -10.11
CA VAL A 20 1.58 9.22 -10.69
C VAL A 20 0.59 8.11 -10.31
N MET A 21 -0.64 8.27 -10.75
CA MET A 21 -1.48 7.19 -11.16
C MET A 21 -2.02 7.58 -12.54
N HIS A 22 -2.48 6.58 -13.28
CA HIS A 22 -3.27 6.73 -14.47
C HIS A 22 -4.35 5.65 -14.42
N PHE A 23 -5.58 6.02 -14.05
CA PHE A 23 -6.68 5.05 -14.01
C PHE A 23 -7.16 4.71 -15.40
N GLY A 24 -7.12 5.69 -16.30
CA GLY A 24 -7.73 5.61 -17.62
C GLY A 24 -9.13 6.21 -17.61
N ASN A 25 -9.48 7.10 -16.66
CA ASN A 25 -10.67 7.92 -16.78
C ASN A 25 -10.34 9.39 -16.54
N GLU A 26 -11.34 10.25 -16.60
CA GLU A 26 -11.20 11.67 -16.31
C GLU A 26 -11.33 11.93 -14.82
N TYR A 27 -12.41 11.47 -14.18
CA TYR A 27 -12.77 11.90 -12.85
C TYR A 27 -11.82 11.28 -11.86
N GLU A 28 -11.64 9.96 -11.97
CA GLU A 28 -10.84 9.19 -11.04
C GLU A 28 -9.46 9.84 -10.95
N ASP A 29 -8.93 10.24 -12.12
CA ASP A 29 -7.59 10.81 -12.20
C ASP A 29 -7.54 12.21 -11.60
N ARG A 30 -8.50 13.07 -11.96
CA ARG A 30 -8.58 14.42 -11.40
C ARG A 30 -8.69 14.32 -9.88
N TYR A 31 -9.59 13.48 -9.38
CA TYR A 31 -9.87 13.31 -7.98
C TYR A 31 -8.58 12.97 -7.25
N TYR A 32 -7.91 11.89 -7.68
CA TYR A 32 -6.61 11.50 -7.18
C TYR A 32 -5.67 12.70 -7.14
N ARG A 33 -5.53 13.44 -8.24
CA ARG A 33 -4.60 14.55 -8.36
C ARG A 33 -5.00 15.72 -7.45
N GLU A 34 -6.25 15.82 -7.01
CA GLU A 34 -6.76 16.88 -6.17
C GLU A 34 -6.65 16.58 -4.68
N ASN A 35 -6.52 15.31 -4.28
CA ASN A 35 -6.33 14.89 -2.90
C ASN A 35 -5.04 14.08 -2.77
N GLN A 36 -4.13 14.17 -3.75
CA GLN A 36 -2.88 13.41 -3.86
C GLN A 36 -2.04 13.58 -2.61
N TYR A 37 -2.12 14.77 -1.99
CA TYR A 37 -1.37 15.12 -0.81
C TYR A 37 -1.77 14.24 0.38
N ARG A 38 -3.06 13.92 0.52
CA ARG A 38 -3.58 13.17 1.65
C ARG A 38 -2.99 11.76 1.68
N TYR A 39 -2.78 11.17 0.49
CA TYR A 39 -2.37 9.79 0.35
C TYR A 39 -0.94 9.56 0.85
N PRO A 40 -0.63 8.35 1.35
CA PRO A 40 0.69 8.01 1.87
C PRO A 40 1.72 7.88 0.74
N ASN A 41 3.01 7.94 1.10
CA ASN A 41 4.13 7.62 0.23
C ASN A 41 4.92 6.43 0.78
N GLN A 42 4.23 5.53 1.49
CA GLN A 42 4.79 4.27 1.99
C GLN A 42 3.81 3.12 1.75
N VAL A 43 4.26 1.90 2.03
CA VAL A 43 3.49 0.65 1.96
C VAL A 43 3.92 -0.23 3.14
N MET A 44 3.11 -1.24 3.51
CA MET A 44 3.41 -2.24 4.52
C MET A 44 3.17 -3.62 3.97
N TYR A 45 3.87 -4.64 4.49
CA TYR A 45 3.87 -5.98 3.92
C TYR A 45 4.32 -7.01 4.95
N ARG A 46 4.08 -8.29 4.61
CA ARG A 46 4.56 -9.45 5.35
C ARG A 46 5.81 -9.97 4.65
N PRO A 47 6.65 -10.77 5.32
CA PRO A 47 7.94 -11.12 4.74
C PRO A 47 7.75 -11.99 3.50
N ILE A 48 8.69 -11.93 2.58
CA ILE A 48 8.69 -12.76 1.37
C ILE A 48 8.77 -14.25 1.73
N ASP A 49 9.26 -14.56 2.94
CA ASP A 49 9.24 -15.86 3.61
C ASP A 49 7.86 -16.53 3.54
N GLN A 50 6.78 -15.74 3.54
CA GLN A 50 5.41 -16.23 3.62
C GLN A 50 4.91 -16.80 2.29
N TYR A 51 5.27 -16.21 1.15
CA TYR A 51 4.52 -16.35 -0.10
C TYR A 51 5.42 -16.23 -1.33
N GLY A 52 4.94 -16.62 -2.51
CA GLY A 52 5.80 -16.96 -3.65
C GLY A 52 5.21 -16.56 -4.99
N SER A 53 4.87 -15.28 -5.15
CA SER A 53 4.35 -14.70 -6.38
C SER A 53 4.56 -13.19 -6.28
N GLN A 54 4.12 -12.42 -7.29
CA GLN A 54 3.80 -11.02 -7.08
C GLN A 54 2.38 -10.93 -6.51
N ASN A 55 1.42 -11.67 -7.07
CA ASN A 55 0.00 -11.47 -6.81
C ASN A 55 -0.31 -11.45 -5.31
N SER A 56 -0.07 -12.55 -4.59
CA SER A 56 -0.45 -12.64 -3.19
C SER A 56 0.23 -11.55 -2.34
N PHE A 57 1.45 -11.14 -2.70
CA PHE A 57 2.13 -10.03 -2.04
C PHE A 57 1.28 -8.77 -2.24
N VAL A 58 1.01 -8.36 -3.49
CA VAL A 58 0.21 -7.17 -3.80
C VAL A 58 -1.14 -7.24 -3.07
N HIS A 59 -1.81 -8.41 -3.11
CA HIS A 59 -3.15 -8.61 -2.58
C HIS A 59 -3.22 -8.44 -1.05
N ASP A 60 -2.13 -8.71 -0.32
CA ASP A 60 -2.06 -8.60 1.15
C ASP A 60 -1.39 -7.29 1.58
N CYS A 61 -0.41 -6.80 0.82
CA CYS A 61 0.38 -5.62 1.16
C CYS A 61 -0.44 -4.36 0.90
N VAL A 62 -1.10 -4.25 -0.26
CA VAL A 62 -2.03 -3.16 -0.54
C VAL A 62 -3.15 -3.19 0.49
N ASN A 63 -3.51 -4.39 0.96
CA ASN A 63 -4.56 -4.59 1.93
C ASN A 63 -4.18 -3.83 3.19
N ILE A 64 -3.11 -4.28 3.84
CA ILE A 64 -2.72 -3.75 5.13
C ILE A 64 -2.32 -2.30 4.97
N THR A 65 -1.60 -1.92 3.92
CA THR A 65 -1.21 -0.53 3.67
C THR A 65 -2.46 0.31 3.84
N VAL A 66 -3.47 0.05 3.01
CA VAL A 66 -4.74 0.73 3.05
C VAL A 66 -5.29 0.71 4.49
N LYS A 67 -5.40 -0.48 5.08
CA LYS A 67 -5.87 -0.65 6.45
C LYS A 67 -5.19 0.31 7.40
N GLN A 68 -3.86 0.45 7.39
CA GLN A 68 -3.14 1.26 8.37
C GLN A 68 -3.63 2.69 8.39
N HIS A 69 -4.01 3.21 7.23
CA HIS A 69 -4.60 4.53 7.14
C HIS A 69 -6.04 4.46 7.63
N THR A 70 -6.80 3.46 7.16
CA THR A 70 -8.24 3.35 7.34
C THR A 70 -8.66 2.55 8.59
N THR A 71 -7.74 2.39 9.55
CA THR A 71 -7.91 1.64 10.78
C THR A 71 -7.26 2.38 11.97
N THR A 72 -6.49 3.45 11.71
CA THR A 72 -5.77 4.21 12.70
C THR A 72 -6.05 5.70 12.57
N THR A 73 -5.53 6.40 11.53
CA THR A 73 -5.76 7.84 11.46
C THR A 73 -7.25 8.15 11.42
N THR A 74 -8.07 7.28 10.81
CA THR A 74 -9.51 7.38 10.83
C THR A 74 -10.04 7.60 12.24
N THR A 75 -9.86 6.67 13.17
CA THR A 75 -10.40 6.84 14.51
C THR A 75 -9.73 8.03 15.23
N LYS A 76 -8.46 8.32 14.92
CA LYS A 76 -7.73 9.51 15.39
C LYS A 76 -8.33 10.83 14.85
N GLY A 77 -9.02 10.81 13.73
CA GLY A 77 -9.78 11.93 13.19
C GLY A 77 -9.90 11.98 11.66
N GLU A 78 -9.08 11.25 10.90
CA GLU A 78 -9.21 11.23 9.44
C GLU A 78 -10.54 10.66 9.00
N ASN A 79 -10.89 10.83 7.72
CA ASN A 79 -12.14 10.28 7.22
C ASN A 79 -12.10 9.92 5.74
N PHE A 80 -10.99 9.33 5.33
CA PHE A 80 -10.84 8.52 4.12
C PHE A 80 -12.17 7.91 3.70
N THR A 81 -12.69 8.35 2.56
CA THR A 81 -13.90 7.77 1.99
C THR A 81 -13.56 6.49 1.25
N GLU A 82 -14.55 5.67 0.94
CA GLU A 82 -14.28 4.43 0.24
C GLU A 82 -13.81 4.72 -1.19
N THR A 83 -14.36 5.72 -1.86
CA THR A 83 -13.84 6.19 -3.15
C THR A 83 -12.35 6.54 -3.07
N ASP A 84 -11.96 7.15 -1.97
CA ASP A 84 -10.61 7.57 -1.64
C ASP A 84 -9.71 6.33 -1.50
N ILE A 85 -10.32 5.20 -1.12
CA ILE A 85 -9.64 3.93 -0.92
C ILE A 85 -9.47 3.29 -2.28
N LYS A 86 -10.47 3.37 -3.16
CA LYS A 86 -10.34 2.83 -4.51
C LYS A 86 -9.19 3.46 -5.26
N ILE A 87 -8.81 4.69 -4.95
CA ILE A 87 -7.65 5.35 -5.53
C ILE A 87 -6.39 4.78 -4.87
N MET A 88 -6.25 4.89 -3.55
CA MET A 88 -5.14 4.40 -2.73
C MET A 88 -4.85 2.92 -3.02
N GLU A 89 -5.85 2.05 -3.21
CA GLU A 89 -5.73 0.65 -3.61
C GLU A 89 -5.04 0.45 -4.98
N ARG A 90 -4.71 1.52 -5.69
CA ARG A 90 -4.06 1.52 -7.00
C ARG A 90 -2.74 2.26 -6.90
N VAL A 91 -2.72 3.47 -6.35
CA VAL A 91 -1.47 4.22 -6.21
C VAL A 91 -0.50 3.45 -5.30
N VAL A 92 -0.99 2.85 -4.20
CA VAL A 92 -0.12 2.07 -3.34
C VAL A 92 0.20 0.69 -3.94
N GLU A 93 -0.56 0.21 -4.93
CA GLU A 93 -0.31 -1.05 -5.65
C GLU A 93 1.04 -0.97 -6.37
N GLN A 94 1.27 0.11 -7.10
CA GLN A 94 2.48 0.26 -7.91
C GLN A 94 3.71 0.42 -7.00
N MET A 95 3.53 1.08 -5.85
CA MET A 95 4.55 1.15 -4.81
C MET A 95 4.79 -0.25 -4.26
N CYS A 96 3.76 -0.99 -3.88
CA CYS A 96 3.86 -2.36 -3.37
C CYS A 96 4.63 -3.27 -4.32
N ILE A 97 4.36 -3.18 -5.62
CA ILE A 97 5.07 -3.94 -6.66
C ILE A 97 6.55 -3.58 -6.64
N THR A 98 6.89 -2.30 -6.61
CA THR A 98 8.28 -1.83 -6.55
C THR A 98 8.94 -2.28 -5.24
N GLN A 99 8.24 -2.17 -4.11
CA GLN A 99 8.77 -2.45 -2.79
C GLN A 99 9.06 -3.94 -2.64
N TYR A 100 8.16 -4.81 -3.11
CA TYR A 100 8.39 -6.25 -3.14
C TYR A 100 9.68 -6.58 -3.87
N GLN A 101 9.85 -6.04 -5.08
CA GLN A 101 11.07 -6.24 -5.85
C GLN A 101 12.27 -5.76 -5.05
N ASN A 102 12.24 -4.54 -4.53
CA ASN A 102 13.37 -3.96 -3.81
C ASN A 102 13.62 -4.72 -2.49
N GLU A 103 12.66 -5.48 -1.97
CA GLU A 103 12.83 -6.36 -0.81
C GLU A 103 13.54 -7.62 -1.29
N TYR A 104 12.84 -8.41 -2.11
CA TYR A 104 13.23 -9.73 -2.60
C TYR A 104 14.62 -9.65 -3.21
N GLN A 105 14.79 -8.76 -4.17
CA GLN A 105 16.04 -8.66 -4.89
C GLN A 105 17.20 -8.32 -3.92
N ALA A 106 16.88 -7.60 -2.84
CA ALA A 106 17.82 -7.12 -1.83
C ALA A 106 17.99 -8.09 -0.65
N ALA A 107 17.39 -9.26 -0.75
CA ALA A 107 17.36 -10.29 0.26
C ALA A 107 17.97 -11.56 -0.31
N GLN A 108 17.46 -12.02 -1.46
CA GLN A 108 17.93 -13.19 -2.19
C GLN A 108 19.40 -13.08 -2.56
N ARG A 109 19.99 -11.88 -2.55
CA ARG A 109 21.42 -11.71 -2.80
C ARG A 109 22.31 -12.41 -1.79
N TYR A 110 21.84 -12.53 -0.55
CA TYR A 110 22.59 -13.06 0.58
C TYR A 110 21.81 -14.08 1.41
N TYR A 111 20.54 -14.29 1.07
CA TYR A 111 19.60 -15.25 1.61
C TYR A 111 19.20 -14.92 3.05
N ASN A 112 17.98 -14.40 3.22
CA ASN A 112 17.28 -14.42 4.49
C ASN A 112 16.68 -15.80 4.63
N GLY A 1 -12.03 -2.50 7.42
CA GLY A 1 -11.26 -3.70 7.06
C GLY A 1 -10.39 -4.11 8.24
N SER A 2 -10.14 -5.40 8.42
CA SER A 2 -9.30 -5.92 9.51
C SER A 2 -8.77 -7.31 9.17
N VAL A 3 -8.13 -7.94 10.15
CA VAL A 3 -7.77 -9.36 10.18
C VAL A 3 -8.35 -9.87 11.51
N VAL A 4 -8.64 -11.17 11.60
CA VAL A 4 -9.37 -11.79 12.71
C VAL A 4 -8.50 -11.75 13.98
N GLY A 5 -8.59 -10.64 14.71
CA GLY A 5 -7.88 -10.41 15.96
C GLY A 5 -6.82 -9.32 15.85
N GLY A 6 -6.71 -8.64 14.70
CA GLY A 6 -5.61 -7.74 14.39
C GLY A 6 -4.66 -8.42 13.43
N LEU A 7 -3.68 -7.68 12.94
CA LEU A 7 -2.76 -8.12 11.90
C LEU A 7 -1.51 -8.71 12.54
N GLY A 8 -0.66 -9.27 11.69
CA GLY A 8 0.52 -10.04 12.05
C GLY A 8 1.71 -9.15 12.42
N GLY A 9 1.44 -7.94 12.92
CA GLY A 9 2.41 -6.91 13.23
C GLY A 9 2.90 -6.17 11.99
N TYR A 10 3.23 -6.91 10.95
CA TYR A 10 3.81 -6.47 9.69
C TYR A 10 5.09 -5.67 9.93
N MET A 11 5.64 -5.09 8.86
CA MET A 11 6.73 -4.14 8.96
C MET A 11 6.49 -3.04 7.93
N LEU A 12 7.14 -1.91 8.17
CA LEU A 12 6.97 -0.72 7.37
C LEU A 12 7.98 -0.73 6.24
N GLY A 13 7.49 -1.05 5.04
CA GLY A 13 8.26 -1.16 3.82
C GLY A 13 8.60 0.19 3.25
N SER A 14 9.49 0.89 3.96
CA SER A 14 10.15 2.12 3.61
C SER A 14 9.20 3.16 3.03
N ALA A 15 9.79 4.16 2.42
CA ALA A 15 9.11 5.12 1.58
C ALA A 15 9.77 5.20 0.22
N MET A 16 8.95 5.61 -0.73
CA MET A 16 9.25 5.84 -2.13
C MET A 16 8.78 7.23 -2.49
N SER A 17 9.08 7.65 -3.72
CA SER A 17 8.57 8.89 -4.19
C SER A 17 7.13 8.68 -4.65
N ARG A 18 6.37 9.78 -4.73
CA ARG A 18 4.97 9.72 -5.15
C ARG A 18 4.93 9.36 -6.64
N PRO A 19 4.27 8.26 -7.06
CA PRO A 19 4.01 8.03 -8.47
C PRO A 19 2.83 8.87 -8.95
N VAL A 20 2.56 8.82 -10.25
CA VAL A 20 1.28 9.21 -10.79
C VAL A 20 0.23 8.13 -10.46
N MET A 21 -0.95 8.35 -11.02
CA MET A 21 -2.04 7.42 -11.19
C MET A 21 -2.62 7.78 -12.57
N HIS A 22 -3.19 6.83 -13.31
CA HIS A 22 -3.90 7.09 -14.56
C HIS A 22 -5.08 6.12 -14.70
N PHE A 23 -6.26 6.48 -14.19
CA PHE A 23 -7.47 5.66 -14.33
C PHE A 23 -8.03 5.70 -15.74
N GLY A 24 -7.75 6.78 -16.49
CA GLY A 24 -8.26 6.97 -17.85
C GLY A 24 -9.64 7.62 -17.83
N ASN A 25 -10.01 8.21 -16.71
CA ASN A 25 -11.15 9.09 -16.53
C ASN A 25 -10.64 10.51 -16.72
N GLU A 26 -11.52 11.45 -16.42
CA GLU A 26 -11.13 12.80 -16.06
C GLU A 26 -11.44 13.07 -14.59
N TYR A 27 -12.47 12.46 -14.01
CA TYR A 27 -12.91 12.76 -12.67
C TYR A 27 -12.06 12.03 -11.65
N GLU A 28 -11.97 10.71 -11.78
CA GLU A 28 -11.23 9.87 -10.84
C GLU A 28 -9.78 10.34 -10.83
N ASP A 29 -9.28 10.66 -12.03
CA ASP A 29 -7.94 11.16 -12.25
C ASP A 29 -7.75 12.54 -11.62
N ARG A 30 -8.56 13.53 -12.00
CA ARG A 30 -8.47 14.87 -11.42
C ARG A 30 -8.61 14.79 -9.91
N TYR A 31 -9.54 14.01 -9.39
CA TYR A 31 -9.82 13.99 -7.99
C TYR A 31 -8.59 13.44 -7.28
N TYR A 32 -8.01 12.33 -7.74
CA TYR A 32 -6.76 11.81 -7.20
C TYR A 32 -5.71 12.92 -7.13
N ARG A 33 -5.54 13.69 -8.20
CA ARG A 33 -4.50 14.69 -8.26
C ARG A 33 -4.76 15.85 -7.30
N GLU A 34 -6.03 16.16 -7.02
CA GLU A 34 -6.46 17.22 -6.13
C GLU A 34 -6.18 16.87 -4.66
N ASN A 35 -6.16 15.59 -4.27
CA ASN A 35 -5.99 15.10 -2.90
C ASN A 35 -4.77 14.18 -2.76
N GLN A 36 -3.76 14.30 -3.63
CA GLN A 36 -2.67 13.32 -3.78
C GLN A 36 -1.71 13.25 -2.60
N TYR A 37 -1.86 14.10 -1.59
CA TYR A 37 -1.11 14.06 -0.35
C TYR A 37 -1.67 13.00 0.61
N ARG A 38 -3.00 12.78 0.62
CA ARG A 38 -3.64 11.80 1.50
C ARG A 38 -3.18 10.39 1.16
N TYR A 39 -3.07 10.09 -0.14
CA TYR A 39 -2.55 8.82 -0.61
C TYR A 39 -1.06 8.72 -0.22
N PRO A 40 -0.68 7.71 0.59
CA PRO A 40 0.66 7.61 1.16
C PRO A 40 1.76 7.55 0.10
N ASN A 41 3.01 7.71 0.55
CA ASN A 41 4.20 7.34 -0.22
C ASN A 41 4.98 6.21 0.46
N GLN A 42 4.31 5.38 1.28
CA GLN A 42 4.85 4.19 1.94
C GLN A 42 3.90 3.00 1.79
N VAL A 43 4.38 1.81 2.14
CA VAL A 43 3.65 0.54 2.08
C VAL A 43 4.09 -0.36 3.24
N MET A 44 3.30 -1.36 3.62
CA MET A 44 3.61 -2.36 4.63
C MET A 44 3.42 -3.75 4.04
N TYR A 45 4.08 -4.75 4.62
CA TYR A 45 4.17 -6.09 4.04
C TYR A 45 4.66 -7.10 5.08
N ARG A 46 4.60 -8.39 4.70
CA ARG A 46 5.14 -9.51 5.45
C ARG A 46 6.38 -10.01 4.69
N PRO A 47 7.31 -10.73 5.35
CA PRO A 47 8.54 -11.08 4.68
C PRO A 47 8.24 -12.05 3.54
N ILE A 48 9.08 -12.02 2.50
CA ILE A 48 8.88 -12.89 1.35
C ILE A 48 9.03 -14.39 1.72
N ASP A 49 9.58 -14.70 2.89
CA ASP A 49 9.52 -16.00 3.56
C ASP A 49 8.10 -16.60 3.52
N GLN A 50 7.07 -15.76 3.68
CA GLN A 50 5.69 -16.21 3.74
C GLN A 50 5.11 -16.65 2.38
N TYR A 51 5.70 -16.26 1.23
CA TYR A 51 5.03 -16.44 -0.06
C TYR A 51 5.91 -16.34 -1.32
N GLY A 52 6.93 -15.48 -1.35
CA GLY A 52 7.77 -15.22 -2.52
C GLY A 52 7.01 -15.19 -3.86
N SER A 53 5.95 -14.38 -4.00
CA SER A 53 5.23 -14.19 -5.26
C SER A 53 4.59 -12.81 -5.26
N GLN A 54 4.35 -12.23 -6.44
CA GLN A 54 3.90 -10.84 -6.53
C GLN A 54 2.45 -10.82 -6.09
N ASN A 55 1.62 -11.69 -6.65
CA ASN A 55 0.18 -11.67 -6.43
C ASN A 55 -0.14 -11.73 -4.95
N SER A 56 0.20 -12.85 -4.29
CA SER A 56 -0.14 -13.01 -2.87
C SER A 56 0.49 -11.90 -2.01
N PHE A 57 1.64 -11.34 -2.39
CA PHE A 57 2.22 -10.20 -1.70
C PHE A 57 1.32 -8.98 -1.88
N VAL A 58 1.08 -8.54 -3.12
CA VAL A 58 0.46 -7.26 -3.42
C VAL A 58 -1.01 -7.26 -3.01
N HIS A 59 -1.70 -8.41 -3.08
CA HIS A 59 -3.08 -8.58 -2.64
C HIS A 59 -3.24 -8.39 -1.12
N ASP A 60 -2.13 -8.42 -0.40
CA ASP A 60 -2.05 -8.41 1.06
C ASP A 60 -1.40 -7.13 1.54
N CYS A 61 -0.38 -6.65 0.83
CA CYS A 61 0.37 -5.45 1.18
C CYS A 61 -0.48 -4.20 0.92
N VAL A 62 -1.19 -4.13 -0.22
CA VAL A 62 -2.15 -3.06 -0.47
C VAL A 62 -3.20 -3.07 0.63
N ASN A 63 -3.64 -4.28 1.00
CA ASN A 63 -4.73 -4.54 1.92
C ASN A 63 -4.41 -3.93 3.27
N ILE A 64 -3.31 -4.39 3.87
CA ILE A 64 -2.74 -3.99 5.14
C ILE A 64 -2.47 -2.49 5.10
N THR A 65 -1.84 -1.99 4.03
CA THR A 65 -1.45 -0.59 3.92
C THR A 65 -2.68 0.28 4.08
N VAL A 66 -3.65 0.16 3.16
CA VAL A 66 -4.90 0.91 3.21
C VAL A 66 -5.57 0.73 4.56
N LYS A 67 -5.54 -0.47 5.17
CA LYS A 67 -6.04 -0.61 6.53
C LYS A 67 -5.29 0.31 7.48
N GLN A 68 -3.96 0.27 7.59
CA GLN A 68 -3.23 1.12 8.53
C GLN A 68 -3.64 2.60 8.44
N HIS A 69 -3.97 3.08 7.24
CA HIS A 69 -4.60 4.40 7.11
C HIS A 69 -6.01 4.36 7.68
N THR A 70 -6.89 3.55 7.09
CA THR A 70 -8.32 3.51 7.35
C THR A 70 -8.72 2.81 8.67
N THR A 71 -7.75 2.57 9.55
CA THR A 71 -7.86 1.82 10.80
C THR A 71 -7.05 2.52 11.93
N THR A 72 -6.41 3.65 11.63
CA THR A 72 -5.61 4.40 12.59
C THR A 72 -5.69 5.91 12.30
N THR A 73 -5.61 6.33 11.05
CA THR A 73 -5.65 7.74 10.70
C THR A 73 -7.09 8.27 10.77
N THR A 74 -8.09 7.42 10.62
CA THR A 74 -9.50 7.81 10.73
C THR A 74 -9.81 8.32 12.14
N THR A 75 -9.43 7.55 13.16
CA THR A 75 -9.57 7.98 14.56
C THR A 75 -8.69 9.18 14.87
N LYS A 76 -7.57 9.36 14.15
CA LYS A 76 -6.73 10.54 14.26
C LYS A 76 -7.40 11.81 13.71
N GLY A 77 -8.43 11.64 12.89
CA GLY A 77 -9.26 12.72 12.38
C GLY A 77 -9.86 12.49 10.99
N GLU A 78 -9.27 11.61 10.18
CA GLU A 78 -9.58 11.47 8.76
C GLU A 78 -10.90 10.76 8.54
N ASN A 79 -11.36 10.89 7.30
CA ASN A 79 -12.66 10.41 6.89
C ASN A 79 -12.57 9.97 5.45
N PHE A 80 -11.70 8.99 5.26
CA PHE A 80 -11.59 8.22 4.05
C PHE A 80 -12.99 7.73 3.63
N THR A 81 -13.22 7.69 2.33
CA THR A 81 -14.46 7.27 1.70
C THR A 81 -14.15 6.13 0.75
N GLU A 82 -15.16 5.39 0.32
CA GLU A 82 -14.94 4.20 -0.48
C GLU A 82 -14.18 4.54 -1.74
N THR A 83 -14.59 5.56 -2.49
CA THR A 83 -13.87 6.07 -3.67
C THR A 83 -12.41 6.39 -3.33
N ASP A 84 -12.16 6.98 -2.16
CA ASP A 84 -10.83 7.34 -1.71
C ASP A 84 -9.97 6.08 -1.56
N ILE A 85 -10.58 4.96 -1.17
CA ILE A 85 -9.92 3.68 -1.02
C ILE A 85 -9.67 3.10 -2.41
N LYS A 86 -10.65 3.16 -3.32
CA LYS A 86 -10.52 2.56 -4.66
C LYS A 86 -9.31 3.14 -5.36
N ILE A 87 -9.20 4.47 -5.33
CA ILE A 87 -8.06 5.22 -5.82
C ILE A 87 -6.82 4.67 -5.13
N MET A 88 -6.79 4.80 -3.80
CA MET A 88 -5.60 4.54 -3.01
C MET A 88 -5.10 3.10 -3.21
N GLU A 89 -5.96 2.11 -3.40
CA GLU A 89 -5.59 0.71 -3.66
C GLU A 89 -4.69 0.58 -4.90
N ARG A 90 -4.73 1.54 -5.84
CA ARG A 90 -4.07 1.42 -7.14
C ARG A 90 -2.74 2.15 -7.09
N VAL A 91 -2.74 3.35 -6.53
CA VAL A 91 -1.52 4.11 -6.33
C VAL A 91 -0.63 3.35 -5.34
N VAL A 92 -1.20 2.76 -4.28
CA VAL A 92 -0.46 1.90 -3.36
C VAL A 92 0.06 0.66 -4.09
N GLU A 93 -0.69 0.07 -5.02
CA GLU A 93 -0.25 -1.13 -5.75
C GLU A 93 1.09 -0.90 -6.44
N GLN A 94 1.33 0.27 -7.04
CA GLN A 94 2.58 0.54 -7.75
C GLN A 94 3.76 0.49 -6.78
N MET A 95 3.62 1.16 -5.63
CA MET A 95 4.62 1.17 -4.57
C MET A 95 4.78 -0.23 -4.02
N CYS A 96 3.68 -0.94 -3.78
CA CYS A 96 3.63 -2.28 -3.20
C CYS A 96 4.38 -3.29 -4.07
N ILE A 97 4.17 -3.25 -5.39
CA ILE A 97 4.93 -4.01 -6.38
C ILE A 97 6.41 -3.68 -6.22
N THR A 98 6.77 -2.40 -6.14
CA THR A 98 8.17 -2.01 -6.07
C THR A 98 8.77 -2.53 -4.76
N GLN A 99 7.98 -2.61 -3.69
CA GLN A 99 8.39 -3.01 -2.37
C GLN A 99 8.64 -4.52 -2.31
N TYR A 100 7.79 -5.33 -2.98
CA TYR A 100 8.04 -6.76 -3.14
C TYR A 100 9.38 -6.98 -3.79
N GLN A 101 9.58 -6.40 -4.97
CA GLN A 101 10.77 -6.62 -5.76
C GLN A 101 12.00 -6.00 -5.10
N ASN A 102 11.86 -4.92 -4.33
CA ASN A 102 12.95 -4.38 -3.52
C ASN A 102 13.40 -5.45 -2.55
N GLU A 103 12.48 -6.12 -1.88
CA GLU A 103 12.73 -7.09 -0.81
C GLU A 103 13.57 -8.21 -1.39
N TYR A 104 13.01 -8.92 -2.38
CA TYR A 104 13.63 -10.07 -3.01
C TYR A 104 15.04 -9.75 -3.43
N GLN A 105 15.20 -8.63 -4.13
CA GLN A 105 16.50 -8.23 -4.63
C GLN A 105 17.46 -8.00 -3.46
N ALA A 106 16.99 -7.24 -2.47
CA ALA A 106 17.67 -6.84 -1.25
C ALA A 106 17.83 -7.98 -0.23
N ALA A 107 17.54 -9.21 -0.65
CA ALA A 107 17.52 -10.43 0.13
C ALA A 107 18.40 -11.46 -0.55
N GLN A 108 18.07 -11.88 -1.77
CA GLN A 108 18.80 -12.91 -2.51
C GLN A 108 20.27 -12.53 -2.74
N ARG A 109 20.62 -11.26 -2.55
CA ARG A 109 22.00 -10.79 -2.57
C ARG A 109 22.89 -11.51 -1.57
N TYR A 110 22.37 -11.79 -0.38
CA TYR A 110 23.12 -12.35 0.74
C TYR A 110 22.43 -13.54 1.38
N TYR A 111 21.21 -13.83 0.95
CA TYR A 111 20.28 -14.86 1.41
C TYR A 111 19.72 -14.47 2.79
N ASN A 112 18.42 -14.21 2.85
CA ASN A 112 17.78 -13.47 3.94
C ASN A 112 17.55 -14.31 5.17
N GLY A 1 -11.54 -2.51 8.76
CA GLY A 1 -11.12 -2.16 10.12
C GLY A 1 -10.03 -3.09 10.60
N SER A 2 -10.22 -3.72 11.77
CA SER A 2 -9.25 -4.56 12.47
C SER A 2 -9.04 -5.90 11.78
N VAL A 3 -8.22 -6.77 12.38
CA VAL A 3 -7.91 -8.09 11.89
C VAL A 3 -8.28 -9.08 13.00
N VAL A 4 -8.76 -10.27 12.62
CA VAL A 4 -9.22 -11.30 13.54
C VAL A 4 -7.98 -11.92 14.19
N GLY A 5 -7.49 -11.28 15.26
CA GLY A 5 -6.29 -11.67 15.98
C GLY A 5 -5.18 -10.61 15.93
N GLY A 6 -5.49 -9.38 15.51
CA GLY A 6 -4.47 -8.37 15.28
C GLY A 6 -3.71 -8.66 13.98
N LEU A 7 -2.79 -7.79 13.60
CA LEU A 7 -2.08 -7.91 12.33
C LEU A 7 -1.17 -9.14 12.32
N GLY A 8 -0.82 -9.58 11.11
CA GLY A 8 -0.07 -10.80 10.83
C GLY A 8 1.44 -10.58 10.83
N GLY A 9 1.92 -9.74 11.74
CA GLY A 9 3.33 -9.43 11.92
C GLY A 9 3.88 -8.69 10.71
N TYR A 10 3.23 -7.59 10.34
CA TYR A 10 3.58 -6.80 9.16
C TYR A 10 4.69 -5.80 9.49
N MET A 11 5.23 -5.14 8.46
CA MET A 11 6.14 -4.01 8.56
C MET A 11 5.80 -2.98 7.50
N LEU A 12 6.32 -1.76 7.67
CA LEU A 12 6.12 -0.67 6.73
C LEU A 12 7.45 -0.33 6.08
N GLY A 13 7.61 -0.70 4.81
CA GLY A 13 8.90 -0.73 4.12
C GLY A 13 9.70 0.55 4.23
N SER A 14 9.39 1.54 3.40
CA SER A 14 9.88 2.89 3.57
C SER A 14 8.93 3.89 2.96
N ALA A 15 9.29 5.17 3.10
CA ALA A 15 8.64 6.24 2.39
C ALA A 15 9.28 6.38 1.02
N MET A 16 8.53 6.02 -0.02
CA MET A 16 8.93 6.28 -1.40
C MET A 16 8.54 7.71 -1.77
N SER A 17 8.88 8.13 -2.98
CA SER A 17 8.34 9.34 -3.56
C SER A 17 6.93 8.99 -4.07
N ARG A 18 6.02 9.96 -4.20
CA ARG A 18 4.72 9.71 -4.82
C ARG A 18 4.96 9.10 -6.18
N PRO A 19 4.35 7.95 -6.50
CA PRO A 19 4.30 7.48 -7.86
C PRO A 19 3.22 8.28 -8.59
N VAL A 20 3.02 8.00 -9.88
CA VAL A 20 1.81 8.42 -10.54
C VAL A 20 0.73 7.37 -10.37
N MET A 21 -0.44 7.68 -10.91
CA MET A 21 -1.50 6.77 -11.27
C MET A 21 -2.17 7.36 -12.51
N HIS A 22 -2.65 6.51 -13.41
CA HIS A 22 -3.27 6.92 -14.66
C HIS A 22 -4.46 6.04 -15.05
N PHE A 23 -5.59 6.20 -14.36
CA PHE A 23 -6.81 5.44 -14.62
C PHE A 23 -7.27 5.57 -16.06
N GLY A 24 -7.08 6.76 -16.64
CA GLY A 24 -7.70 7.06 -17.92
C GLY A 24 -9.18 7.28 -17.68
N ASN A 25 -9.49 7.96 -16.56
CA ASN A 25 -10.78 8.56 -16.30
C ASN A 25 -10.51 10.06 -16.26
N GLU A 26 -11.56 10.85 -16.09
CA GLU A 26 -11.41 12.27 -15.78
C GLU A 26 -11.57 12.48 -14.28
N TYR A 27 -12.52 11.77 -13.67
CA TYR A 27 -12.95 12.01 -12.30
C TYR A 27 -11.92 11.43 -11.34
N GLU A 28 -11.57 10.18 -11.58
CA GLU A 28 -10.66 9.42 -10.73
C GLU A 28 -9.31 10.13 -10.81
N ASP A 29 -8.83 10.42 -12.03
CA ASP A 29 -7.54 11.07 -12.27
C ASP A 29 -7.46 12.43 -11.57
N ARG A 30 -8.47 13.29 -11.72
CA ARG A 30 -8.51 14.59 -11.07
C ARG A 30 -8.53 14.44 -9.55
N TYR A 31 -9.46 13.67 -8.98
CA TYR A 31 -9.58 13.50 -7.55
C TYR A 31 -8.28 12.95 -6.95
N TYR A 32 -7.65 12.01 -7.66
CA TYR A 32 -6.36 11.49 -7.30
C TYR A 32 -5.33 12.62 -7.20
N ARG A 33 -5.23 13.47 -8.22
CA ARG A 33 -4.20 14.50 -8.31
C ARG A 33 -4.46 15.61 -7.28
N GLU A 34 -5.72 15.93 -7.02
CA GLU A 34 -6.16 16.85 -5.98
C GLU A 34 -5.65 16.41 -4.62
N ASN A 35 -5.69 15.11 -4.31
CA ASN A 35 -5.66 14.62 -2.94
C ASN A 35 -4.43 13.76 -2.66
N GLN A 36 -3.41 13.83 -3.53
CA GLN A 36 -2.14 13.13 -3.36
C GLN A 36 -1.45 13.47 -2.04
N TYR A 37 -1.75 14.63 -1.46
CA TYR A 37 -1.32 14.97 -0.11
C TYR A 37 -1.89 13.99 0.94
N ARG A 38 -3.21 13.73 0.93
CA ARG A 38 -3.89 12.88 1.92
C ARG A 38 -3.41 11.43 1.80
N TYR A 39 -3.21 10.94 0.58
CA TYR A 39 -2.77 9.57 0.33
C TYR A 39 -1.38 9.33 0.97
N PRO A 40 -1.11 8.09 1.42
CA PRO A 40 0.17 7.71 2.02
C PRO A 40 1.26 7.62 0.96
N ASN A 41 2.51 7.67 1.41
CA ASN A 41 3.71 7.55 0.59
C ASN A 41 4.55 6.34 1.00
N GLN A 42 3.96 5.40 1.75
CA GLN A 42 4.60 4.14 2.10
C GLN A 42 3.60 3.00 1.83
N VAL A 43 4.03 1.76 1.99
CA VAL A 43 3.23 0.54 1.77
C VAL A 43 3.70 -0.56 2.74
N MET A 44 2.76 -1.20 3.45
CA MET A 44 3.01 -2.23 4.47
C MET A 44 2.84 -3.64 3.89
N TYR A 45 3.54 -4.62 4.46
CA TYR A 45 3.63 -5.98 3.88
C TYR A 45 4.18 -7.00 4.91
N ARG A 46 4.27 -8.29 4.52
CA ARG A 46 4.78 -9.41 5.32
C ARG A 46 6.13 -9.85 4.73
N PRO A 47 6.99 -10.57 5.44
CA PRO A 47 8.31 -10.91 4.91
C PRO A 47 8.18 -11.89 3.74
N ILE A 48 9.05 -11.80 2.73
CA ILE A 48 9.04 -12.71 1.58
C ILE A 48 9.30 -14.16 1.99
N ASP A 49 9.78 -14.40 3.21
CA ASP A 49 9.84 -15.73 3.82
C ASP A 49 8.48 -16.41 3.67
N GLN A 50 7.39 -15.69 3.89
CA GLN A 50 6.03 -16.22 3.87
C GLN A 50 5.67 -16.71 2.46
N TYR A 51 6.03 -15.95 1.42
CA TYR A 51 5.36 -15.99 0.12
C TYR A 51 6.22 -15.46 -1.03
N GLY A 52 5.97 -15.93 -2.26
CA GLY A 52 6.88 -15.74 -3.40
C GLY A 52 6.20 -15.31 -4.70
N SER A 53 4.99 -14.72 -4.64
CA SER A 53 4.21 -14.34 -5.82
C SER A 53 3.95 -12.82 -5.77
N GLN A 54 4.16 -12.07 -6.87
CA GLN A 54 3.99 -10.62 -6.82
C GLN A 54 2.53 -10.28 -6.59
N ASN A 55 1.61 -11.07 -7.16
CA ASN A 55 0.19 -10.78 -7.07
C ASN A 55 -0.28 -10.87 -5.63
N SER A 56 -0.11 -12.02 -4.98
CA SER A 56 -0.52 -12.20 -3.59
C SER A 56 0.28 -11.33 -2.61
N PHE A 57 1.50 -10.90 -2.95
CA PHE A 57 2.14 -9.84 -2.18
C PHE A 57 1.26 -8.61 -2.25
N VAL A 58 1.02 -8.12 -3.47
CA VAL A 58 0.38 -6.83 -3.71
C VAL A 58 -1.05 -6.85 -3.16
N HIS A 59 -1.83 -7.91 -3.41
CA HIS A 59 -3.21 -8.00 -2.98
C HIS A 59 -3.33 -7.87 -1.46
N ASP A 60 -2.44 -8.52 -0.70
CA ASP A 60 -2.38 -8.44 0.75
C ASP A 60 -1.78 -7.10 1.21
N CYS A 61 -0.73 -6.63 0.53
CA CYS A 61 0.00 -5.40 0.85
C CYS A 61 -0.96 -4.23 0.77
N VAL A 62 -1.67 -4.09 -0.35
CA VAL A 62 -2.71 -3.10 -0.56
C VAL A 62 -3.72 -3.19 0.59
N ASN A 63 -4.08 -4.41 0.98
CA ASN A 63 -5.10 -4.71 1.96
C ASN A 63 -4.71 -4.05 3.27
N ILE A 64 -3.61 -4.54 3.85
CA ILE A 64 -3.14 -4.11 5.15
C ILE A 64 -2.87 -2.62 5.11
N THR A 65 -2.12 -2.14 4.11
CA THR A 65 -1.76 -0.75 3.93
C THR A 65 -3.01 0.10 4.11
N VAL A 66 -4.03 -0.11 3.27
CA VAL A 66 -5.29 0.63 3.36
C VAL A 66 -5.83 0.57 4.78
N LYS A 67 -5.90 -0.59 5.41
CA LYS A 67 -6.37 -0.69 6.80
C LYS A 67 -5.51 0.18 7.69
N GLN A 68 -4.19 0.19 7.58
CA GLN A 68 -3.33 1.00 8.42
C GLN A 68 -3.76 2.47 8.37
N HIS A 69 -3.99 2.99 7.17
CA HIS A 69 -4.44 4.38 7.00
C HIS A 69 -5.87 4.54 7.51
N THR A 70 -6.74 3.58 7.22
CA THR A 70 -8.17 3.63 7.51
C THR A 70 -8.53 3.06 8.90
N THR A 71 -7.54 2.86 9.76
CA THR A 71 -7.69 2.32 11.11
C THR A 71 -6.95 3.18 12.14
N THR A 72 -5.81 3.71 11.74
CA THR A 72 -4.88 4.46 12.56
C THR A 72 -4.98 5.95 12.21
N THR A 73 -4.69 6.33 10.96
CA THR A 73 -4.73 7.72 10.57
C THR A 73 -6.15 8.29 10.73
N THR A 74 -7.23 7.49 10.69
CA THR A 74 -8.57 7.96 10.99
C THR A 74 -8.68 8.47 12.43
N THR A 75 -8.18 7.72 13.44
CA THR A 75 -8.17 8.25 14.79
C THR A 75 -7.24 9.48 14.90
N LYS A 76 -6.16 9.53 14.10
CA LYS A 76 -5.26 10.66 14.01
C LYS A 76 -5.90 11.88 13.31
N GLY A 77 -7.04 11.69 12.65
CA GLY A 77 -7.85 12.76 12.10
C GLY A 77 -8.09 12.70 10.59
N GLU A 78 -7.99 11.54 9.95
CA GLU A 78 -8.43 11.35 8.57
C GLU A 78 -9.84 10.80 8.48
N ASN A 79 -10.42 10.84 7.28
CA ASN A 79 -11.80 10.43 7.04
C ASN A 79 -11.99 9.75 5.69
N PHE A 80 -11.05 8.87 5.36
CA PHE A 80 -10.98 8.11 4.12
C PHE A 80 -12.30 7.41 3.78
N THR A 81 -12.86 7.73 2.61
CA THR A 81 -14.09 7.12 2.10
C THR A 81 -13.77 5.96 1.17
N GLU A 82 -14.75 5.11 0.85
CA GLU A 82 -14.46 3.97 0.02
C GLU A 82 -13.98 4.41 -1.36
N THR A 83 -14.58 5.42 -2.00
CA THR A 83 -14.06 6.03 -3.23
C THR A 83 -12.56 6.34 -3.11
N ASP A 84 -12.16 6.92 -1.98
CA ASP A 84 -10.83 7.31 -1.62
C ASP A 84 -9.91 6.09 -1.65
N ILE A 85 -10.44 4.96 -1.16
CA ILE A 85 -9.76 3.68 -1.06
C ILE A 85 -9.62 3.10 -2.45
N LYS A 86 -10.58 3.29 -3.35
CA LYS A 86 -10.51 2.69 -4.69
C LYS A 86 -9.34 3.24 -5.47
N ILE A 87 -9.04 4.54 -5.33
CA ILE A 87 -7.84 5.10 -5.92
C ILE A 87 -6.64 4.52 -5.19
N MET A 88 -6.55 4.64 -3.86
CA MET A 88 -5.47 4.13 -3.03
C MET A 88 -5.11 2.70 -3.42
N GLU A 89 -6.07 1.79 -3.53
CA GLU A 89 -5.78 0.40 -3.82
C GLU A 89 -5.07 0.22 -5.17
N ARG A 90 -5.12 1.21 -6.06
CA ARG A 90 -4.48 1.23 -7.37
C ARG A 90 -3.11 1.89 -7.29
N VAL A 91 -3.04 3.06 -6.66
CA VAL A 91 -1.80 3.83 -6.55
C VAL A 91 -0.83 3.08 -5.62
N VAL A 92 -1.33 2.57 -4.48
CA VAL A 92 -0.54 1.73 -3.60
C VAL A 92 -0.31 0.35 -4.22
N GLU A 93 -1.09 -0.09 -5.23
CA GLU A 93 -0.81 -1.30 -6.01
C GLU A 93 0.60 -1.21 -6.57
N GLN A 94 0.90 -0.09 -7.24
CA GLN A 94 2.18 0.13 -7.90
C GLN A 94 3.30 0.28 -6.87
N MET A 95 3.04 0.96 -5.74
CA MET A 95 4.04 1.03 -4.69
C MET A 95 4.31 -0.37 -4.12
N CYS A 96 3.28 -1.17 -3.88
CA CYS A 96 3.42 -2.54 -3.39
C CYS A 96 4.26 -3.38 -4.37
N ILE A 97 4.05 -3.23 -5.69
CA ILE A 97 4.84 -3.94 -6.69
C ILE A 97 6.32 -3.59 -6.51
N THR A 98 6.66 -2.31 -6.32
CA THR A 98 8.03 -1.90 -6.06
C THR A 98 8.50 -2.47 -4.71
N GLN A 99 7.66 -2.38 -3.68
CA GLN A 99 8.04 -2.72 -2.31
C GLN A 99 8.40 -4.19 -2.18
N TYR A 100 7.69 -5.09 -2.88
CA TYR A 100 8.02 -6.51 -2.96
C TYR A 100 9.42 -6.71 -3.55
N GLN A 101 9.67 -6.05 -4.68
CA GLN A 101 10.93 -6.15 -5.37
C GLN A 101 12.04 -5.62 -4.45
N ASN A 102 11.85 -4.48 -3.81
CA ASN A 102 12.86 -3.86 -2.96
C ASN A 102 13.17 -4.68 -1.71
N GLU A 103 12.29 -5.59 -1.31
CA GLU A 103 12.61 -6.56 -0.26
C GLU A 103 13.42 -7.70 -0.87
N TYR A 104 12.83 -8.43 -1.82
CA TYR A 104 13.45 -9.56 -2.50
C TYR A 104 14.84 -9.19 -2.97
N GLN A 105 14.92 -8.27 -3.93
CA GLN A 105 16.15 -7.90 -4.60
C GLN A 105 17.24 -7.46 -3.63
N ALA A 106 16.86 -7.01 -2.44
CA ALA A 106 17.75 -6.48 -1.43
C ALA A 106 18.25 -7.52 -0.44
N ALA A 107 17.92 -8.79 -0.68
CA ALA A 107 18.16 -9.91 0.22
C ALA A 107 19.01 -10.96 -0.51
N GLN A 108 18.46 -11.68 -1.49
CA GLN A 108 19.11 -12.83 -2.14
C GLN A 108 20.47 -12.46 -2.75
N ARG A 109 20.66 -11.19 -3.10
CA ARG A 109 21.90 -10.62 -3.61
C ARG A 109 23.11 -11.00 -2.78
N TYR A 110 22.95 -11.05 -1.45
CA TYR A 110 23.99 -11.35 -0.51
C TYR A 110 23.58 -12.38 0.53
N TYR A 111 22.31 -12.80 0.50
CA TYR A 111 21.60 -13.70 1.38
C TYR A 111 21.29 -12.99 2.70
N ASN A 112 20.00 -12.75 2.90
CA ASN A 112 19.45 -12.55 4.23
C ASN A 112 19.63 -13.88 4.94
N GLY A 1 -11.04 -5.04 5.29
CA GLY A 1 -11.72 -5.15 6.58
C GLY A 1 -10.82 -5.74 7.65
N SER A 2 -11.23 -6.83 8.29
CA SER A 2 -10.53 -7.43 9.42
C SER A 2 -9.43 -8.39 8.95
N VAL A 3 -8.70 -8.99 9.88
CA VAL A 3 -7.90 -10.19 9.66
C VAL A 3 -8.48 -11.29 10.57
N VAL A 4 -7.97 -12.51 10.52
CA VAL A 4 -8.21 -13.48 11.59
C VAL A 4 -7.43 -12.99 12.83
N GLY A 5 -8.09 -12.17 13.65
CA GLY A 5 -7.69 -11.95 15.03
C GLY A 5 -6.58 -10.92 15.19
N GLY A 6 -6.55 -9.87 14.36
CA GLY A 6 -5.48 -8.87 14.34
C GLY A 6 -4.55 -9.13 13.16
N LEU A 7 -3.79 -8.12 12.76
CA LEU A 7 -2.87 -8.17 11.62
C LEU A 7 -1.58 -8.85 12.07
N GLY A 8 -0.66 -9.07 11.14
CA GLY A 8 0.62 -9.70 11.44
C GLY A 8 1.58 -8.75 12.18
N GLY A 9 1.19 -7.50 12.45
CA GLY A 9 2.11 -6.43 12.80
C GLY A 9 2.85 -5.91 11.57
N TYR A 10 3.12 -6.81 10.62
CA TYR A 10 3.75 -6.55 9.34
C TYR A 10 5.11 -5.86 9.58
N MET A 11 5.69 -5.20 8.59
CA MET A 11 6.72 -4.19 8.78
C MET A 11 6.58 -3.13 7.70
N LEU A 12 7.38 -2.06 7.80
CA LEU A 12 7.19 -0.81 7.08
C LEU A 12 8.18 -0.72 5.90
N GLY A 13 7.70 -0.65 4.66
CA GLY A 13 8.43 -0.88 3.41
C GLY A 13 9.16 0.32 2.80
N SER A 14 9.83 1.14 3.61
CA SER A 14 10.41 2.46 3.35
C SER A 14 9.48 3.50 2.72
N ALA A 15 9.74 4.77 3.05
CA ALA A 15 8.99 5.91 2.55
C ALA A 15 9.56 6.29 1.19
N MET A 16 8.89 5.77 0.16
CA MET A 16 9.33 5.90 -1.22
C MET A 16 8.90 7.26 -1.78
N SER A 17 9.22 7.50 -3.04
CA SER A 17 8.89 8.72 -3.73
C SER A 17 7.44 8.61 -4.23
N ARG A 18 6.86 9.75 -4.63
CA ARG A 18 5.46 9.81 -5.06
C ARG A 18 5.36 9.35 -6.51
N PRO A 19 4.75 8.20 -6.83
CA PRO A 19 4.38 7.92 -8.20
C PRO A 19 3.23 8.85 -8.60
N VAL A 20 2.91 8.86 -9.89
CA VAL A 20 1.67 9.41 -10.40
C VAL A 20 0.56 8.36 -10.24
N MET A 21 -0.61 8.67 -10.79
CA MET A 21 -1.74 7.79 -10.95
C MET A 21 -2.49 8.28 -12.19
N HIS A 22 -2.83 7.40 -13.14
CA HIS A 22 -3.56 7.76 -14.36
C HIS A 22 -4.59 6.66 -14.63
N PHE A 23 -5.82 6.83 -14.16
CA PHE A 23 -6.88 5.84 -14.39
C PHE A 23 -7.34 5.82 -15.84
N GLY A 24 -7.01 6.89 -16.57
CA GLY A 24 -7.37 7.06 -17.97
C GLY A 24 -8.71 7.75 -18.09
N ASN A 25 -9.18 8.33 -16.98
CA ASN A 25 -10.46 8.97 -16.85
C ASN A 25 -10.22 10.47 -16.74
N GLU A 26 -11.29 11.22 -16.52
CA GLU A 26 -11.21 12.65 -16.25
C GLU A 26 -11.59 12.93 -14.80
N TYR A 27 -12.56 12.20 -14.24
CA TYR A 27 -13.00 12.36 -12.87
C TYR A 27 -11.96 11.76 -11.95
N GLU A 28 -11.64 10.47 -12.18
CA GLU A 28 -10.83 9.70 -11.25
C GLU A 28 -9.44 10.30 -11.16
N ASP A 29 -8.88 10.66 -12.32
CA ASP A 29 -7.60 11.33 -12.46
C ASP A 29 -7.57 12.66 -11.71
N ARG A 30 -8.63 13.46 -11.84
CA ARG A 30 -8.73 14.72 -11.12
C ARG A 30 -8.79 14.42 -9.63
N TYR A 31 -9.72 13.56 -9.21
CA TYR A 31 -9.99 13.24 -7.82
C TYR A 31 -8.71 12.82 -7.10
N TYR A 32 -7.84 12.07 -7.79
CA TYR A 32 -6.52 11.76 -7.34
C TYR A 32 -5.70 13.03 -7.10
N ARG A 33 -5.54 13.89 -8.12
CA ARG A 33 -4.68 15.08 -8.07
C ARG A 33 -5.15 16.06 -7.00
N GLU A 34 -6.45 16.05 -6.71
CA GLU A 34 -7.12 16.93 -5.77
C GLU A 34 -6.64 16.67 -4.35
N ASN A 35 -6.68 15.41 -3.91
CA ASN A 35 -6.48 14.95 -2.53
C ASN A 35 -5.19 14.13 -2.39
N GLN A 36 -4.28 14.19 -3.37
CA GLN A 36 -3.11 13.33 -3.46
C GLN A 36 -2.27 13.36 -2.20
N TYR A 37 -2.24 14.51 -1.51
CA TYR A 37 -1.46 14.70 -0.29
C TYR A 37 -1.78 13.67 0.79
N ARG A 38 -3.01 13.17 0.86
CA ARG A 38 -3.40 12.17 1.86
C ARG A 38 -2.77 10.83 1.50
N TYR A 39 -2.91 10.38 0.25
CA TYR A 39 -2.46 9.08 -0.23
C TYR A 39 -1.00 8.87 0.18
N PRO A 40 -0.71 7.84 1.01
CA PRO A 40 0.60 7.71 1.62
C PRO A 40 1.70 7.47 0.59
N ASN A 41 2.94 7.61 1.05
CA ASN A 41 4.16 7.29 0.32
C ASN A 41 4.91 6.15 1.00
N GLN A 42 4.21 5.40 1.86
CA GLN A 42 4.66 4.16 2.45
C GLN A 42 3.69 3.04 2.08
N VAL A 43 4.11 1.81 2.34
CA VAL A 43 3.47 0.52 2.12
C VAL A 43 3.97 -0.39 3.24
N MET A 44 3.09 -1.13 3.90
CA MET A 44 3.48 -2.16 4.84
C MET A 44 3.35 -3.52 4.18
N TYR A 45 4.16 -4.47 4.64
CA TYR A 45 4.33 -5.76 3.98
C TYR A 45 4.73 -6.86 4.96
N ARG A 46 4.70 -8.09 4.46
CA ARG A 46 5.14 -9.28 5.17
C ARG A 46 6.42 -9.73 4.47
N PRO A 47 7.36 -10.35 5.20
CA PRO A 47 8.62 -10.70 4.58
C PRO A 47 8.37 -11.78 3.53
N ILE A 48 9.23 -11.82 2.52
CA ILE A 48 9.16 -12.73 1.37
C ILE A 48 9.47 -14.20 1.75
N ASP A 49 9.58 -14.50 3.04
CA ASP A 49 9.56 -15.84 3.58
C ASP A 49 8.11 -16.37 3.63
N GLN A 50 7.13 -15.48 3.79
CA GLN A 50 5.73 -15.82 4.01
C GLN A 50 5.02 -16.29 2.73
N TYR A 51 5.59 -15.99 1.56
CA TYR A 51 5.02 -16.23 0.25
C TYR A 51 6.12 -16.04 -0.80
N GLY A 52 5.86 -16.47 -2.04
CA GLY A 52 6.75 -16.23 -3.17
C GLY A 52 5.94 -16.01 -4.44
N SER A 53 4.97 -15.11 -4.40
CA SER A 53 4.28 -14.61 -5.58
C SER A 53 4.05 -13.13 -5.39
N GLN A 54 3.94 -12.37 -6.49
CA GLN A 54 3.53 -10.98 -6.38
C GLN A 54 2.05 -10.89 -6.01
N ASN A 55 1.23 -11.92 -6.23
CA ASN A 55 -0.19 -11.89 -5.94
C ASN A 55 -0.42 -11.93 -4.46
N SER A 56 -0.07 -13.03 -3.81
CA SER A 56 -0.26 -13.15 -2.37
C SER A 56 0.52 -12.05 -1.66
N PHE A 57 1.51 -11.44 -2.33
CA PHE A 57 2.15 -10.27 -1.77
C PHE A 57 1.24 -9.06 -1.93
N VAL A 58 1.12 -8.51 -3.14
CA VAL A 58 0.54 -7.19 -3.41
C VAL A 58 -0.88 -7.14 -2.86
N HIS A 59 -1.64 -8.24 -3.01
CA HIS A 59 -3.05 -8.26 -2.69
C HIS A 59 -3.30 -8.21 -1.17
N ASP A 60 -2.31 -8.56 -0.33
CA ASP A 60 -2.36 -8.34 1.12
C ASP A 60 -1.61 -7.07 1.49
N CYS A 61 -0.56 -6.70 0.76
CA CYS A 61 0.24 -5.50 1.01
C CYS A 61 -0.62 -4.25 0.86
N VAL A 62 -1.33 -4.15 -0.27
CA VAL A 62 -2.27 -3.06 -0.54
C VAL A 62 -3.32 -3.05 0.55
N ASN A 63 -3.79 -4.24 0.93
CA ASN A 63 -4.80 -4.44 1.94
C ASN A 63 -4.33 -3.79 3.23
N ILE A 64 -3.29 -4.36 3.86
CA ILE A 64 -2.73 -3.97 5.13
C ILE A 64 -2.47 -2.47 5.14
N THR A 65 -1.74 -1.98 4.14
CA THR A 65 -1.38 -0.58 4.02
C THR A 65 -2.65 0.25 4.17
N VAL A 66 -3.63 0.08 3.29
CA VAL A 66 -4.89 0.83 3.33
C VAL A 66 -5.50 0.74 4.73
N LYS A 67 -5.72 -0.46 5.31
CA LYS A 67 -6.36 -0.61 6.63
C LYS A 67 -5.56 0.17 7.66
N GLN A 68 -4.24 0.03 7.70
CA GLN A 68 -3.35 0.75 8.62
C GLN A 68 -3.56 2.27 8.57
N HIS A 69 -4.09 2.81 7.47
CA HIS A 69 -4.61 4.16 7.37
C HIS A 69 -6.09 4.25 7.76
N THR A 70 -6.97 3.46 7.15
CA THR A 70 -8.43 3.59 7.26
C THR A 70 -8.99 3.00 8.56
N THR A 71 -8.09 2.74 9.51
CA THR A 71 -8.33 2.04 10.76
C THR A 71 -7.48 2.68 11.88
N THR A 72 -6.84 3.82 11.65
CA THR A 72 -5.95 4.49 12.59
C THR A 72 -5.92 5.99 12.31
N THR A 73 -5.58 6.39 11.10
CA THR A 73 -5.51 7.78 10.74
C THR A 73 -6.91 8.40 10.78
N THR A 74 -7.98 7.62 10.64
CA THR A 74 -9.35 8.06 10.79
C THR A 74 -9.57 8.78 12.13
N THR A 75 -9.21 8.17 13.26
CA THR A 75 -9.34 8.87 14.54
C THR A 75 -8.34 10.03 14.63
N LYS A 76 -7.17 9.96 13.99
CA LYS A 76 -6.18 11.03 14.00
C LYS A 76 -6.70 12.29 13.31
N GLY A 77 -7.49 12.11 12.27
CA GLY A 77 -8.11 13.19 11.53
C GLY A 77 -8.66 12.84 10.15
N GLU A 78 -8.38 11.65 9.62
CA GLU A 78 -8.80 11.29 8.28
C GLU A 78 -10.25 10.88 8.23
N ASN A 79 -10.74 10.77 7.00
CA ASN A 79 -12.16 10.58 6.72
C ASN A 79 -12.36 9.84 5.42
N PHE A 80 -11.60 8.76 5.27
CA PHE A 80 -11.49 8.02 4.04
C PHE A 80 -12.85 7.52 3.57
N THR A 81 -13.07 7.56 2.27
CA THR A 81 -14.30 7.16 1.60
C THR A 81 -13.95 6.08 0.60
N GLU A 82 -14.93 5.27 0.20
CA GLU A 82 -14.66 4.15 -0.67
C GLU A 82 -13.97 4.60 -1.95
N THR A 83 -14.45 5.66 -2.61
CA THR A 83 -13.81 6.21 -3.81
C THR A 83 -12.34 6.51 -3.57
N ASP A 84 -12.02 6.99 -2.37
CA ASP A 84 -10.65 7.31 -1.98
C ASP A 84 -9.83 6.04 -1.81
N ILE A 85 -10.45 4.93 -1.39
CA ILE A 85 -9.81 3.64 -1.21
C ILE A 85 -9.60 3.03 -2.59
N LYS A 86 -10.53 3.21 -3.54
CA LYS A 86 -10.39 2.70 -4.91
C LYS A 86 -9.14 3.28 -5.54
N ILE A 87 -8.97 4.60 -5.43
CA ILE A 87 -7.76 5.27 -5.85
C ILE A 87 -6.59 4.66 -5.08
N MET A 88 -6.63 4.68 -3.75
CA MET A 88 -5.49 4.27 -2.92
C MET A 88 -5.06 2.83 -3.26
N GLU A 89 -6.00 1.92 -3.50
CA GLU A 89 -5.79 0.53 -3.88
C GLU A 89 -4.92 0.38 -5.14
N ARG A 90 -4.66 1.45 -5.89
CA ARG A 90 -3.95 1.41 -7.17
C ARG A 90 -2.59 2.06 -7.02
N VAL A 91 -2.53 3.23 -6.39
CA VAL A 91 -1.28 3.91 -6.07
C VAL A 91 -0.45 3.04 -5.13
N VAL A 92 -1.09 2.48 -4.09
CA VAL A 92 -0.44 1.55 -3.17
C VAL A 92 0.03 0.30 -3.95
N GLU A 93 -0.72 -0.16 -4.96
CA GLU A 93 -0.34 -1.33 -5.74
C GLU A 93 1.04 -1.12 -6.37
N GLN A 94 1.30 0.04 -6.96
CA GLN A 94 2.58 0.31 -7.63
C GLN A 94 3.71 0.28 -6.61
N MET A 95 3.49 0.93 -5.47
CA MET A 95 4.46 1.05 -4.40
C MET A 95 4.76 -0.33 -3.84
N CYS A 96 3.72 -1.12 -3.55
CA CYS A 96 3.82 -2.50 -3.10
C CYS A 96 4.67 -3.31 -4.06
N ILE A 97 4.35 -3.30 -5.35
CA ILE A 97 5.06 -4.04 -6.39
C ILE A 97 6.55 -3.68 -6.33
N THR A 98 6.85 -2.39 -6.28
CA THR A 98 8.23 -1.91 -6.23
C THR A 98 8.93 -2.39 -4.95
N GLN A 99 8.21 -2.49 -3.82
CA GLN A 99 8.72 -2.90 -2.51
C GLN A 99 9.09 -4.38 -2.54
N TYR A 100 8.16 -5.25 -2.95
CA TYR A 100 8.41 -6.69 -3.11
C TYR A 100 9.63 -6.91 -3.97
N GLN A 101 9.64 -6.31 -5.17
CA GLN A 101 10.73 -6.48 -6.10
C GLN A 101 12.05 -5.95 -5.53
N ASN A 102 12.06 -4.84 -4.78
CA ASN A 102 13.25 -4.33 -4.11
C ASN A 102 13.77 -5.39 -3.15
N GLU A 103 12.90 -5.85 -2.25
CA GLU A 103 13.24 -6.70 -1.12
C GLU A 103 13.74 -8.05 -1.60
N TYR A 104 13.03 -8.66 -2.57
CA TYR A 104 13.46 -9.87 -3.25
C TYR A 104 14.89 -9.71 -3.72
N GLN A 105 15.12 -8.73 -4.57
CA GLN A 105 16.43 -8.50 -5.14
C GLN A 105 17.46 -8.34 -4.00
N ALA A 106 17.10 -7.51 -3.03
CA ALA A 106 17.90 -7.09 -1.90
C ALA A 106 18.07 -8.15 -0.81
N ALA A 107 17.57 -9.36 -1.05
CA ALA A 107 17.57 -10.52 -0.17
C ALA A 107 18.30 -11.65 -0.88
N GLN A 108 17.81 -12.07 -2.05
CA GLN A 108 18.37 -13.16 -2.84
C GLN A 108 19.83 -12.90 -3.21
N ARG A 109 20.30 -11.65 -3.14
CA ARG A 109 21.70 -11.30 -3.37
C ARG A 109 22.67 -11.95 -2.39
N TYR A 110 22.24 -12.17 -1.14
CA TYR A 110 23.04 -12.78 -0.09
C TYR A 110 22.35 -13.95 0.62
N TYR A 111 21.09 -14.20 0.26
CA TYR A 111 20.17 -15.19 0.77
C TYR A 111 19.67 -14.76 2.15
N ASN A 112 18.42 -14.31 2.21
CA ASN A 112 17.74 -13.83 3.40
C ASN A 112 16.32 -14.34 3.42
N GLY A 1 -11.80 -3.10 9.35
CA GLY A 1 -10.52 -2.68 9.92
C GLY A 1 -10.10 -3.59 11.06
N SER A 2 -8.90 -3.36 11.59
CA SER A 2 -8.19 -4.17 12.57
C SER A 2 -8.07 -5.61 12.09
N VAL A 3 -7.46 -6.49 12.90
CA VAL A 3 -7.34 -7.89 12.58
C VAL A 3 -7.65 -8.70 13.85
N VAL A 4 -8.01 -9.97 13.68
CA VAL A 4 -8.44 -10.91 14.70
C VAL A 4 -7.27 -11.20 15.63
N GLY A 5 -7.08 -10.35 16.63
CA GLY A 5 -5.95 -10.40 17.52
C GLY A 5 -4.70 -9.90 16.81
N GLY A 6 -4.79 -8.69 16.25
CA GLY A 6 -3.65 -7.94 15.75
C GLY A 6 -3.15 -8.47 14.41
N LEU A 7 -2.26 -7.69 13.79
CA LEU A 7 -1.66 -8.05 12.51
C LEU A 7 -0.86 -9.32 12.65
N GLY A 8 -0.66 -10.02 11.53
CA GLY A 8 0.03 -11.31 11.50
C GLY A 8 1.46 -11.17 12.02
N GLY A 9 2.17 -10.21 11.44
CA GLY A 9 3.59 -9.97 11.59
C GLY A 9 4.08 -8.95 10.55
N TYR A 10 3.20 -8.02 10.22
CA TYR A 10 3.41 -7.02 9.18
C TYR A 10 4.37 -5.96 9.67
N MET A 11 5.00 -5.28 8.71
CA MET A 11 5.93 -4.19 8.92
C MET A 11 5.72 -3.11 7.85
N LEU A 12 6.51 -2.05 7.88
CA LEU A 12 6.39 -0.79 7.16
C LEU A 12 7.77 -0.51 6.61
N GLY A 13 7.90 -0.55 5.27
CA GLY A 13 9.19 -0.53 4.60
C GLY A 13 9.94 0.79 4.81
N SER A 14 9.55 1.83 4.07
CA SER A 14 10.17 3.16 4.03
C SER A 14 9.35 4.02 3.06
N ALA A 15 9.54 5.34 3.11
CA ALA A 15 8.81 6.36 2.36
C ALA A 15 9.36 6.47 0.95
N MET A 16 8.59 5.92 0.01
CA MET A 16 8.90 5.98 -1.42
C MET A 16 8.54 7.33 -2.03
N SER A 17 8.88 7.51 -3.31
CA SER A 17 8.50 8.62 -4.16
C SER A 17 6.99 8.57 -4.37
N ARG A 18 6.45 9.65 -4.93
CA ARG A 18 5.04 9.75 -5.23
C ARG A 18 4.84 9.31 -6.69
N PRO A 19 4.18 8.17 -6.96
CA PRO A 19 3.91 7.74 -8.34
C PRO A 19 2.76 8.54 -8.93
N VAL A 20 2.49 8.35 -10.22
CA VAL A 20 1.26 8.81 -10.88
C VAL A 20 0.18 7.74 -10.75
N MET A 21 -0.97 8.00 -11.37
CA MET A 21 -2.16 7.17 -11.41
C MET A 21 -2.96 7.69 -12.61
N HIS A 22 -3.30 6.84 -13.57
CA HIS A 22 -4.10 7.19 -14.74
C HIS A 22 -5.23 6.16 -14.82
N PHE A 23 -6.44 6.56 -14.47
CA PHE A 23 -7.67 5.79 -14.63
C PHE A 23 -8.08 5.83 -16.10
N GLY A 24 -7.91 7.00 -16.73
CA GLY A 24 -8.48 7.30 -18.04
C GLY A 24 -9.85 7.97 -17.89
N ASN A 25 -10.28 8.22 -16.65
CA ASN A 25 -11.39 9.08 -16.33
C ASN A 25 -10.90 10.52 -16.35
N GLU A 26 -11.85 11.43 -16.28
CA GLU A 26 -11.62 12.84 -15.98
C GLU A 26 -11.77 13.06 -14.47
N TYR A 27 -12.86 12.54 -13.90
CA TYR A 27 -13.26 12.80 -12.52
C TYR A 27 -12.24 12.25 -11.55
N GLU A 28 -11.93 10.96 -11.71
CA GLU A 28 -11.06 10.21 -10.84
C GLU A 28 -9.65 10.77 -10.90
N ASP A 29 -9.23 11.14 -12.11
CA ASP A 29 -7.92 11.69 -12.40
C ASP A 29 -7.76 13.06 -11.76
N ARG A 30 -8.79 13.92 -11.90
CA ARG A 30 -8.85 15.25 -11.33
C ARG A 30 -8.77 15.12 -9.82
N TYR A 31 -9.65 14.33 -9.20
CA TYR A 31 -9.69 14.14 -7.77
C TYR A 31 -8.32 13.65 -7.28
N TYR A 32 -7.76 12.64 -7.94
CA TYR A 32 -6.45 12.13 -7.63
C TYR A 32 -5.41 13.23 -7.72
N ARG A 33 -5.37 14.00 -8.81
CA ARG A 33 -4.36 15.06 -8.95
C ARG A 33 -4.54 16.09 -7.82
N GLU A 34 -5.75 16.58 -7.65
CA GLU A 34 -6.17 17.62 -6.72
C GLU A 34 -5.73 17.36 -5.28
N ASN A 35 -5.71 16.09 -4.84
CA ASN A 35 -5.31 15.74 -3.49
C ASN A 35 -4.45 14.47 -3.47
N GLN A 36 -3.51 14.38 -4.40
CA GLN A 36 -2.58 13.28 -4.61
C GLN A 36 -1.82 12.96 -3.32
N TYR A 37 -1.41 14.03 -2.63
CA TYR A 37 -0.64 13.99 -1.41
C TYR A 37 -1.38 13.37 -0.21
N ARG A 38 -2.71 13.22 -0.26
CA ARG A 38 -3.47 12.67 0.87
C ARG A 38 -3.22 11.16 1.00
N TYR A 39 -2.94 10.49 -0.11
CA TYR A 39 -2.64 9.07 -0.10
C TYR A 39 -1.22 8.86 0.45
N PRO A 40 -0.98 7.76 1.17
CA PRO A 40 0.29 7.47 1.83
C PRO A 40 1.38 7.12 0.82
N ASN A 41 2.63 7.44 1.12
CA ASN A 41 3.78 7.18 0.26
C ASN A 41 4.64 6.05 0.82
N GLN A 42 4.06 5.20 1.69
CA GLN A 42 4.71 3.96 2.11
C GLN A 42 3.70 2.83 1.94
N VAL A 43 4.19 1.60 1.93
CA VAL A 43 3.40 0.37 1.89
C VAL A 43 3.84 -0.51 3.07
N MET A 44 2.92 -1.32 3.58
CA MET A 44 3.19 -2.33 4.58
C MET A 44 2.98 -3.70 3.98
N TYR A 45 3.70 -4.69 4.49
CA TYR A 45 3.75 -6.02 3.92
C TYR A 45 4.18 -7.02 5.01
N ARG A 46 4.38 -8.28 4.63
CA ARG A 46 5.02 -9.29 5.46
C ARG A 46 6.25 -9.81 4.74
N PRO A 47 7.24 -10.32 5.48
CA PRO A 47 8.57 -10.51 4.96
C PRO A 47 8.53 -11.64 3.95
N ILE A 48 9.45 -11.63 2.99
CA ILE A 48 9.45 -12.60 1.88
C ILE A 48 9.70 -14.04 2.33
N ASP A 49 10.17 -14.25 3.56
CA ASP A 49 10.16 -15.55 4.25
C ASP A 49 8.75 -16.17 4.29
N GLN A 50 7.71 -15.35 4.27
CA GLN A 50 6.32 -15.80 4.43
C GLN A 50 5.76 -16.47 3.17
N TYR A 51 6.35 -16.31 1.97
CA TYR A 51 5.69 -16.66 0.70
C TYR A 51 6.59 -16.41 -0.54
N GLY A 52 6.19 -16.91 -1.72
CA GLY A 52 7.12 -17.19 -2.82
C GLY A 52 6.79 -16.56 -4.18
N SER A 53 5.88 -15.58 -4.27
CA SER A 53 5.50 -14.96 -5.54
C SER A 53 5.19 -13.47 -5.37
N GLN A 54 5.05 -12.75 -6.48
CA GLN A 54 4.72 -11.34 -6.45
C GLN A 54 3.26 -11.12 -6.02
N ASN A 55 2.36 -12.02 -6.41
CA ASN A 55 0.95 -11.72 -6.40
C ASN A 55 0.35 -11.78 -5.01
N SER A 56 0.50 -12.93 -4.32
CA SER A 56 -0.02 -13.07 -2.96
C SER A 56 0.79 -12.23 -1.95
N PHE A 57 1.80 -11.48 -2.38
CA PHE A 57 2.42 -10.43 -1.59
C PHE A 57 1.47 -9.25 -1.72
N VAL A 58 1.29 -8.74 -2.94
CA VAL A 58 0.46 -7.58 -3.26
C VAL A 58 -0.96 -7.73 -2.70
N HIS A 59 -1.61 -8.89 -2.87
CA HIS A 59 -3.00 -9.12 -2.42
C HIS A 59 -3.18 -8.93 -0.92
N ASP A 60 -2.11 -8.98 -0.14
CA ASP A 60 -2.10 -8.99 1.32
C ASP A 60 -1.48 -7.69 1.85
N CYS A 61 -0.42 -7.24 1.17
CA CYS A 61 0.29 -5.98 1.35
C CYS A 61 -0.66 -4.81 1.14
N VAL A 62 -1.29 -4.70 -0.02
CA VAL A 62 -2.26 -3.65 -0.33
C VAL A 62 -3.40 -3.71 0.69
N ASN A 63 -3.79 -4.94 1.08
CA ASN A 63 -4.88 -5.20 2.01
C ASN A 63 -4.61 -4.46 3.30
N ILE A 64 -3.51 -4.83 3.95
CA ILE A 64 -3.05 -4.28 5.21
C ILE A 64 -2.76 -2.81 5.07
N THR A 65 -2.07 -2.38 4.01
CA THR A 65 -1.74 -0.98 3.79
C THR A 65 -3.03 -0.17 3.92
N VAL A 66 -4.05 -0.43 3.10
CA VAL A 66 -5.37 0.21 3.23
C VAL A 66 -5.82 0.18 4.68
N LYS A 67 -5.78 -0.97 5.35
CA LYS A 67 -6.18 -1.06 6.75
C LYS A 67 -5.43 -0.07 7.59
N GLN A 68 -4.10 0.00 7.55
CA GLN A 68 -3.34 0.90 8.41
C GLN A 68 -3.89 2.32 8.34
N HIS A 69 -4.10 2.82 7.13
CA HIS A 69 -4.63 4.17 7.00
C HIS A 69 -6.05 4.24 7.54
N THR A 70 -6.86 3.21 7.26
CA THR A 70 -8.30 3.14 7.52
C THR A 70 -8.65 2.48 8.86
N THR A 71 -7.67 2.33 9.74
CA THR A 71 -7.77 1.63 11.04
C THR A 71 -6.94 2.35 12.12
N THR A 72 -6.26 3.44 11.81
CA THR A 72 -5.34 4.14 12.68
C THR A 72 -5.45 5.64 12.43
N THR A 73 -5.12 6.12 11.22
CA THR A 73 -5.25 7.54 10.90
C THR A 73 -6.70 8.01 11.10
N THR A 74 -7.66 7.14 10.82
CA THR A 74 -9.08 7.39 10.94
C THR A 74 -9.45 7.88 12.33
N THR A 75 -9.22 7.09 13.39
CA THR A 75 -9.54 7.54 14.75
C THR A 75 -8.64 8.73 15.12
N LYS A 76 -7.41 8.79 14.60
CA LYS A 76 -6.47 9.88 14.80
C LYS A 76 -6.91 11.17 14.06
N GLY A 77 -7.98 11.14 13.27
CA GLY A 77 -8.69 12.31 12.77
C GLY A 77 -9.12 12.24 11.31
N GLU A 78 -8.72 11.22 10.55
CA GLU A 78 -9.08 11.10 9.14
C GLU A 78 -10.49 10.60 8.96
N ASN A 79 -10.97 10.74 7.73
CA ASN A 79 -12.20 10.12 7.30
C ASN A 79 -12.13 9.79 5.82
N PHE A 80 -11.27 8.82 5.55
CA PHE A 80 -11.15 8.21 4.24
C PHE A 80 -12.50 7.68 3.81
N THR A 81 -12.90 8.02 2.60
CA THR A 81 -14.15 7.60 2.00
C THR A 81 -13.94 6.41 1.09
N GLU A 82 -15.00 5.65 0.80
CA GLU A 82 -14.90 4.48 -0.05
C GLU A 82 -14.25 4.85 -1.39
N THR A 83 -14.74 5.89 -2.05
CA THR A 83 -14.23 6.34 -3.35
C THR A 83 -12.74 6.71 -3.25
N ASP A 84 -12.30 7.17 -2.08
CA ASP A 84 -10.91 7.50 -1.79
C ASP A 84 -10.08 6.21 -1.71
N ILE A 85 -10.67 5.11 -1.21
CA ILE A 85 -9.99 3.83 -1.10
C ILE A 85 -9.83 3.24 -2.49
N LYS A 86 -10.81 3.40 -3.38
CA LYS A 86 -10.75 2.85 -4.73
C LYS A 86 -9.53 3.40 -5.46
N ILE A 87 -9.28 4.70 -5.34
CA ILE A 87 -8.11 5.34 -5.91
C ILE A 87 -6.88 4.82 -5.15
N MET A 88 -6.87 4.96 -3.82
CA MET A 88 -5.75 4.59 -2.96
C MET A 88 -5.24 3.18 -3.25
N GLU A 89 -6.13 2.18 -3.36
CA GLU A 89 -5.80 0.79 -3.65
C GLU A 89 -4.88 0.70 -4.85
N ARG A 90 -5.26 1.34 -5.97
CA ARG A 90 -4.50 1.20 -7.20
C ARG A 90 -3.14 1.84 -7.03
N VAL A 91 -3.12 3.08 -6.53
CA VAL A 91 -1.86 3.80 -6.24
C VAL A 91 -0.93 2.89 -5.42
N VAL A 92 -1.47 2.30 -4.37
CA VAL A 92 -0.74 1.50 -3.39
C VAL A 92 -0.30 0.16 -3.98
N GLU A 93 -1.06 -0.42 -4.91
CA GLU A 93 -0.71 -1.64 -5.60
C GLU A 93 0.58 -1.42 -6.39
N GLN A 94 0.73 -0.26 -7.03
CA GLN A 94 1.95 0.09 -7.75
C GLN A 94 3.13 0.07 -6.76
N MET A 95 3.01 0.84 -5.68
CA MET A 95 4.08 0.94 -4.70
C MET A 95 4.39 -0.42 -4.10
N CYS A 96 3.39 -1.25 -3.83
CA CYS A 96 3.57 -2.59 -3.30
C CYS A 96 4.26 -3.53 -4.30
N ILE A 97 3.98 -3.40 -5.60
CA ILE A 97 4.68 -4.17 -6.62
C ILE A 97 6.16 -3.75 -6.64
N THR A 98 6.49 -2.47 -6.41
CA THR A 98 7.87 -2.11 -6.16
C THR A 98 8.33 -2.71 -4.84
N GLN A 99 7.51 -2.70 -3.79
CA GLN A 99 7.91 -3.07 -2.45
C GLN A 99 8.50 -4.48 -2.47
N TYR A 100 7.77 -5.46 -3.00
CA TYR A 100 8.28 -6.82 -3.09
C TYR A 100 9.60 -6.91 -3.88
N GLN A 101 9.70 -6.20 -5.01
CA GLN A 101 10.92 -6.18 -5.82
C GLN A 101 12.07 -5.59 -4.99
N ASN A 102 11.91 -4.35 -4.48
CA ASN A 102 12.95 -3.57 -3.84
C ASN A 102 13.28 -4.13 -2.45
N GLU A 103 12.70 -5.28 -2.09
CA GLU A 103 13.00 -6.12 -0.94
C GLU A 103 13.77 -7.33 -1.44
N TYR A 104 13.11 -8.20 -2.20
CA TYR A 104 13.66 -9.49 -2.63
C TYR A 104 15.07 -9.36 -3.20
N GLN A 105 15.25 -8.43 -4.14
CA GLN A 105 16.51 -8.30 -4.85
C GLN A 105 17.61 -7.91 -3.85
N ALA A 106 17.29 -6.91 -3.01
CA ALA A 106 17.98 -6.31 -1.88
C ALA A 106 18.12 -7.24 -0.67
N ALA A 107 17.70 -8.48 -0.83
CA ALA A 107 17.83 -9.55 0.14
C ALA A 107 18.74 -10.61 -0.46
N GLN A 108 18.36 -11.23 -1.58
CA GLN A 108 19.12 -12.33 -2.17
C GLN A 108 20.55 -11.95 -2.56
N ARG A 109 20.92 -10.67 -2.50
CA ARG A 109 22.31 -10.25 -2.55
C ARG A 109 23.17 -10.83 -1.43
N TYR A 110 22.64 -10.99 -0.23
CA TYR A 110 23.35 -11.52 0.92
C TYR A 110 22.55 -12.55 1.74
N TYR A 111 21.29 -12.80 1.32
CA TYR A 111 20.33 -13.76 1.83
C TYR A 111 19.77 -13.35 3.20
N ASN A 112 18.45 -13.11 3.29
CA ASN A 112 17.75 -12.66 4.51
C ASN A 112 17.05 -13.88 5.13
N GLY A 1 -11.50 -0.73 8.96
CA GLY A 1 -11.13 -2.16 8.90
C GLY A 1 -10.77 -2.71 10.27
N SER A 2 -10.43 -4.01 10.35
CA SER A 2 -10.02 -4.69 11.58
C SER A 2 -9.45 -6.09 11.27
N VAL A 3 -8.67 -6.67 12.18
CA VAL A 3 -8.06 -7.98 12.12
C VAL A 3 -8.20 -8.65 13.50
N VAL A 4 -7.74 -9.89 13.65
CA VAL A 4 -7.74 -10.65 14.89
C VAL A 4 -6.72 -10.01 15.86
N GLY A 5 -7.15 -8.96 16.56
CA GLY A 5 -6.36 -8.24 17.56
C GLY A 5 -4.99 -7.83 17.04
N GLY A 6 -4.96 -6.83 16.16
CA GLY A 6 -3.75 -6.33 15.52
C GLY A 6 -3.32 -7.25 14.38
N LEU A 7 -2.44 -6.76 13.50
CA LEU A 7 -2.16 -7.45 12.24
C LEU A 7 -1.27 -8.69 12.46
N GLY A 8 -1.12 -9.47 11.40
CA GLY A 8 -0.32 -10.68 11.31
C GLY A 8 1.15 -10.33 11.07
N GLY A 9 1.65 -9.35 11.82
CA GLY A 9 3.08 -9.11 11.94
C GLY A 9 3.65 -8.40 10.71
N TYR A 10 2.82 -7.60 10.05
CA TYR A 10 3.26 -6.81 8.91
C TYR A 10 4.33 -5.81 9.35
N MET A 11 5.12 -5.34 8.38
CA MET A 11 6.13 -4.32 8.57
C MET A 11 5.99 -3.22 7.52
N LEU A 12 6.74 -2.13 7.68
CA LEU A 12 6.64 -0.93 6.87
C LEU A 12 8.00 -0.61 6.31
N GLY A 13 8.17 -0.97 5.04
CA GLY A 13 9.46 -1.22 4.43
C GLY A 13 10.25 0.06 4.28
N SER A 14 9.74 0.93 3.42
CA SER A 14 10.32 2.21 3.09
C SER A 14 9.20 3.14 2.67
N ALA A 15 9.45 4.44 2.73
CA ALA A 15 8.80 5.35 1.80
C ALA A 15 9.49 5.28 0.45
N MET A 16 8.78 5.76 -0.57
CA MET A 16 9.32 6.10 -1.87
C MET A 16 8.79 7.45 -2.30
N SER A 17 8.91 7.77 -3.59
CA SER A 17 8.65 9.06 -4.12
C SER A 17 7.14 9.36 -4.04
N ARG A 18 6.65 10.50 -4.54
CA ARG A 18 5.25 10.68 -4.88
C ARG A 18 5.11 10.47 -6.39
N PRO A 19 4.75 9.26 -6.85
CA PRO A 19 4.65 8.96 -8.27
C PRO A 19 3.32 9.51 -8.81
N VAL A 20 2.99 9.23 -10.07
CA VAL A 20 1.68 9.50 -10.63
C VAL A 20 0.70 8.38 -10.30
N MET A 21 -0.52 8.55 -10.80
CA MET A 21 -1.60 7.62 -10.90
C MET A 21 -2.34 7.99 -12.19
N HIS A 22 -2.63 6.99 -13.03
CA HIS A 22 -3.32 7.11 -14.30
C HIS A 22 -4.28 5.92 -14.36
N PHE A 23 -5.55 6.18 -14.10
CA PHE A 23 -6.61 5.17 -14.09
C PHE A 23 -7.05 4.85 -15.52
N GLY A 24 -7.20 5.90 -16.32
CA GLY A 24 -7.81 5.88 -17.63
C GLY A 24 -9.15 6.60 -17.66
N ASN A 25 -9.54 7.29 -16.59
CA ASN A 25 -10.83 7.94 -16.39
C ASN A 25 -10.61 9.43 -16.28
N GLU A 26 -11.64 10.16 -15.88
CA GLU A 26 -11.53 11.57 -15.51
C GLU A 26 -12.09 11.84 -14.11
N TYR A 27 -13.03 11.02 -13.64
CA TYR A 27 -13.58 11.16 -12.30
C TYR A 27 -12.47 10.85 -11.32
N GLU A 28 -11.86 9.68 -11.53
CA GLU A 28 -10.83 9.15 -10.66
C GLU A 28 -9.56 9.98 -10.81
N ASP A 29 -9.29 10.55 -12.00
CA ASP A 29 -8.02 11.23 -12.23
C ASP A 29 -8.08 12.54 -11.46
N ARG A 30 -9.17 13.30 -11.65
CA ARG A 30 -9.40 14.56 -10.97
C ARG A 30 -9.30 14.33 -9.47
N TYR A 31 -10.04 13.36 -8.92
CA TYR A 31 -10.04 13.08 -7.51
C TYR A 31 -8.61 12.92 -7.02
N TYR A 32 -7.86 11.98 -7.61
CA TYR A 32 -6.49 11.75 -7.25
C TYR A 32 -5.67 13.04 -7.36
N ARG A 33 -5.82 13.82 -8.42
CA ARG A 33 -4.95 14.96 -8.71
C ARG A 33 -5.23 16.14 -7.81
N GLU A 34 -6.47 16.30 -7.35
CA GLU A 34 -6.87 17.36 -6.45
C GLU A 34 -6.25 17.09 -5.09
N ASN A 35 -6.43 15.88 -4.54
CA ASN A 35 -6.08 15.54 -3.18
C ASN A 35 -4.85 14.62 -3.12
N GLN A 36 -3.97 14.69 -4.12
CA GLN A 36 -2.77 13.85 -4.25
C GLN A 36 -1.89 13.93 -3.01
N TYR A 37 -1.92 15.07 -2.30
CA TYR A 37 -1.14 15.26 -1.09
C TYR A 37 -1.56 14.33 0.06
N ARG A 38 -2.80 13.85 0.09
CA ARG A 38 -3.35 13.14 1.23
C ARG A 38 -2.73 11.75 1.37
N TYR A 39 -2.71 10.98 0.27
CA TYR A 39 -2.43 9.56 0.32
C TYR A 39 -1.00 9.30 0.80
N PRO A 40 -0.74 8.16 1.47
CA PRO A 40 0.54 7.83 2.08
C PRO A 40 1.59 7.51 1.02
N ASN A 41 2.85 7.80 1.34
CA ASN A 41 4.00 7.58 0.46
C ASN A 41 4.76 6.32 0.87
N GLN A 42 4.12 5.41 1.60
CA GLN A 42 4.71 4.15 2.00
C GLN A 42 3.73 2.98 1.80
N VAL A 43 4.17 1.75 2.06
CA VAL A 43 3.40 0.52 1.85
C VAL A 43 3.83 -0.54 2.87
N MET A 44 2.91 -1.38 3.35
CA MET A 44 3.19 -2.44 4.34
C MET A 44 2.89 -3.82 3.78
N TYR A 45 3.60 -4.83 4.29
CA TYR A 45 3.63 -6.17 3.73
C TYR A 45 4.04 -7.18 4.81
N ARG A 46 3.97 -8.46 4.46
CA ARG A 46 4.44 -9.58 5.26
C ARG A 46 5.77 -10.05 4.66
N PRO A 47 6.60 -10.78 5.41
CA PRO A 47 7.93 -11.10 4.93
C PRO A 47 7.82 -12.04 3.74
N ILE A 48 8.73 -11.92 2.77
CA ILE A 48 8.80 -12.81 1.61
C ILE A 48 9.07 -14.27 2.04
N ASP A 49 9.58 -14.47 3.26
CA ASP A 49 9.66 -15.73 4.00
C ASP A 49 8.31 -16.47 4.11
N GLN A 50 7.19 -15.79 3.84
CA GLN A 50 5.84 -16.34 3.92
C GLN A 50 5.28 -16.77 2.56
N TYR A 51 5.77 -16.21 1.45
CA TYR A 51 5.10 -16.32 0.16
C TYR A 51 6.02 -15.94 -1.01
N GLY A 52 5.86 -16.63 -2.13
CA GLY A 52 6.60 -16.39 -3.36
C GLY A 52 5.64 -16.20 -4.53
N SER A 53 4.89 -15.09 -4.56
CA SER A 53 4.14 -14.64 -5.73
C SER A 53 3.96 -13.13 -5.60
N GLN A 54 4.18 -12.40 -6.70
CA GLN A 54 4.02 -10.96 -6.74
C GLN A 54 2.55 -10.65 -6.48
N ASN A 55 1.65 -11.37 -7.13
CA ASN A 55 0.21 -11.20 -6.98
C ASN A 55 -0.17 -11.34 -5.51
N SER A 56 0.07 -12.51 -4.90
CA SER A 56 -0.35 -12.74 -3.52
C SER A 56 0.32 -11.77 -2.53
N PHE A 57 1.55 -11.33 -2.81
CA PHE A 57 2.21 -10.29 -2.02
C PHE A 57 1.38 -9.01 -2.11
N VAL A 58 1.20 -8.48 -3.32
CA VAL A 58 0.49 -7.24 -3.60
C VAL A 58 -0.90 -7.28 -2.98
N HIS A 59 -1.67 -8.34 -3.22
CA HIS A 59 -3.06 -8.43 -2.81
C HIS A 59 -3.20 -8.35 -1.28
N ASP A 60 -2.20 -8.81 -0.53
CA ASP A 60 -2.18 -8.75 0.94
C ASP A 60 -1.66 -7.39 1.39
N CYS A 61 -0.62 -6.92 0.73
CA CYS A 61 0.11 -5.69 1.00
C CYS A 61 -0.82 -4.49 0.84
N VAL A 62 -1.48 -4.36 -0.30
CA VAL A 62 -2.39 -3.28 -0.62
C VAL A 62 -3.54 -3.31 0.38
N ASN A 63 -4.05 -4.50 0.69
CA ASN A 63 -5.19 -4.67 1.57
C ASN A 63 -4.87 -4.07 2.93
N ILE A 64 -3.70 -4.42 3.49
CA ILE A 64 -3.25 -3.94 4.77
C ILE A 64 -2.88 -2.48 4.71
N THR A 65 -2.05 -2.06 3.75
CA THR A 65 -1.58 -0.68 3.61
C THR A 65 -2.79 0.22 3.81
N VAL A 66 -3.81 0.07 2.95
CA VAL A 66 -5.11 0.70 3.09
C VAL A 66 -5.50 0.84 4.55
N LYS A 67 -5.63 -0.28 5.24
CA LYS A 67 -6.22 -0.26 6.55
C LYS A 67 -5.24 0.19 7.60
N GLN A 68 -3.95 0.34 7.35
CA GLN A 68 -3.08 1.10 8.25
C GLN A 68 -3.39 2.57 8.23
N HIS A 69 -4.19 3.00 7.26
CA HIS A 69 -4.76 4.32 7.16
C HIS A 69 -6.22 4.25 7.64
N THR A 70 -7.01 3.25 7.18
CA THR A 70 -8.42 3.04 7.53
C THR A 70 -8.62 2.19 8.79
N THR A 71 -7.70 2.27 9.76
CA THR A 71 -7.83 1.64 11.08
C THR A 71 -7.10 2.46 12.16
N THR A 72 -6.27 3.43 11.78
CA THR A 72 -5.36 4.15 12.62
C THR A 72 -5.59 5.62 12.34
N THR A 73 -5.16 6.09 11.16
CA THR A 73 -5.27 7.49 10.80
C THR A 73 -6.73 7.93 10.86
N THR A 74 -7.70 7.09 10.47
CA THR A 74 -9.14 7.35 10.55
C THR A 74 -9.67 7.67 11.95
N THR A 75 -9.03 7.16 13.01
CA THR A 75 -9.40 7.45 14.40
C THR A 75 -8.38 8.39 15.06
N LYS A 76 -7.32 8.75 14.33
CA LYS A 76 -6.46 9.89 14.50
C LYS A 76 -6.91 11.05 13.59
N GLY A 77 -8.19 11.02 13.18
CA GLY A 77 -8.93 12.15 12.65
C GLY A 77 -9.12 12.14 11.13
N GLU A 78 -8.52 11.22 10.37
CA GLU A 78 -8.72 11.14 8.94
C GLU A 78 -10.12 10.65 8.62
N ASN A 79 -10.56 10.92 7.40
CA ASN A 79 -11.84 10.47 6.91
C ASN A 79 -11.74 10.11 5.44
N PHE A 80 -10.86 9.15 5.22
CA PHE A 80 -10.85 8.32 4.03
C PHE A 80 -12.26 7.76 3.84
N THR A 81 -12.82 8.04 2.68
CA THR A 81 -14.05 7.43 2.22
C THR A 81 -13.70 6.17 1.44
N GLU A 82 -14.67 5.35 1.07
CA GLU A 82 -14.37 4.13 0.35
C GLU A 82 -13.93 4.45 -1.09
N THR A 83 -14.46 5.50 -1.69
CA THR A 83 -13.96 5.99 -2.98
C THR A 83 -12.48 6.44 -2.88
N ASP A 84 -12.10 7.01 -1.73
CA ASP A 84 -10.72 7.42 -1.42
C ASP A 84 -9.83 6.18 -1.37
N ILE A 85 -10.40 5.00 -1.09
CA ILE A 85 -9.70 3.74 -0.94
C ILE A 85 -9.50 3.13 -2.31
N LYS A 86 -10.48 3.25 -3.21
CA LYS A 86 -10.33 2.72 -4.57
C LYS A 86 -9.11 3.34 -5.22
N ILE A 87 -8.91 4.65 -5.05
CA ILE A 87 -7.74 5.35 -5.54
C ILE A 87 -6.50 4.80 -4.84
N MET A 88 -6.40 4.93 -3.51
CA MET A 88 -5.30 4.46 -2.67
C MET A 88 -4.90 3.05 -3.07
N GLU A 89 -5.81 2.09 -3.23
CA GLU A 89 -5.49 0.73 -3.62
C GLU A 89 -4.59 0.70 -4.86
N ARG A 90 -4.78 1.60 -5.83
CA ARG A 90 -4.08 1.51 -7.10
C ARG A 90 -2.73 2.21 -6.97
N VAL A 91 -2.71 3.38 -6.37
CA VAL A 91 -1.46 4.11 -6.19
C VAL A 91 -0.54 3.27 -5.31
N VAL A 92 -1.05 2.75 -4.20
CA VAL A 92 -0.27 1.98 -3.24
C VAL A 92 0.14 0.62 -3.84
N GLU A 93 -0.63 0.06 -4.77
CA GLU A 93 -0.27 -1.16 -5.51
C GLU A 93 1.03 -0.99 -6.29
N GLN A 94 1.22 0.12 -7.03
CA GLN A 94 2.40 0.31 -7.88
C GLN A 94 3.68 0.35 -7.02
N MET A 95 3.63 1.11 -5.93
CA MET A 95 4.70 1.21 -4.95
C MET A 95 4.89 -0.12 -4.22
N CYS A 96 3.83 -0.87 -3.92
CA CYS A 96 3.96 -2.19 -3.33
C CYS A 96 4.72 -3.14 -4.26
N ILE A 97 4.43 -3.10 -5.57
CA ILE A 97 5.15 -3.88 -6.58
C ILE A 97 6.64 -3.52 -6.53
N THR A 98 6.99 -2.25 -6.38
CA THR A 98 8.39 -1.83 -6.23
C THR A 98 8.96 -2.37 -4.90
N GLN A 99 8.18 -2.32 -3.81
CA GLN A 99 8.63 -2.71 -2.47
C GLN A 99 9.08 -4.17 -2.45
N TYR A 100 8.23 -5.11 -2.91
CA TYR A 100 8.56 -6.54 -2.95
C TYR A 100 9.86 -6.77 -3.71
N GLN A 101 9.99 -6.13 -4.87
CA GLN A 101 11.20 -6.22 -5.67
C GLN A 101 12.38 -5.73 -4.86
N ASN A 102 12.34 -4.53 -4.27
CA ASN A 102 13.42 -3.98 -3.47
C ASN A 102 13.79 -5.00 -2.40
N GLU A 103 12.82 -5.56 -1.69
CA GLU A 103 13.00 -6.47 -0.58
C GLU A 103 13.73 -7.74 -1.03
N TYR A 104 13.15 -8.48 -1.97
CA TYR A 104 13.66 -9.74 -2.48
C TYR A 104 15.06 -9.55 -3.07
N GLN A 105 15.18 -8.52 -3.90
CA GLN A 105 16.42 -8.24 -4.60
C GLN A 105 17.53 -7.88 -3.61
N ALA A 106 17.14 -7.35 -2.46
CA ALA A 106 17.99 -6.95 -1.35
C ALA A 106 18.20 -8.10 -0.35
N ALA A 107 17.83 -9.33 -0.73
CA ALA A 107 17.88 -10.53 0.07
C ALA A 107 18.68 -11.61 -0.65
N GLN A 108 18.41 -11.86 -1.95
CA GLN A 108 19.16 -12.82 -2.78
C GLN A 108 20.64 -12.51 -2.93
N ARG A 109 21.10 -11.40 -2.36
CA ARG A 109 22.50 -11.05 -2.28
C ARG A 109 23.27 -11.82 -1.21
N TYR A 110 22.60 -12.17 -0.11
CA TYR A 110 23.18 -12.88 1.01
C TYR A 110 22.42 -14.12 1.44
N TYR A 111 21.24 -14.32 0.83
CA TYR A 111 20.34 -15.45 0.96
C TYR A 111 19.66 -15.44 2.33
N ASN A 112 18.39 -15.04 2.37
CA ASN A 112 17.59 -14.85 3.57
C ASN A 112 16.27 -15.59 3.48
N GLY A 1 -12.94 -2.40 8.35
CA GLY A 1 -11.61 -3.01 8.19
C GLY A 1 -11.15 -3.61 9.50
N SER A 2 -10.02 -3.15 10.03
CA SER A 2 -9.26 -3.73 11.13
C SER A 2 -8.83 -5.18 10.83
N VAL A 3 -8.07 -5.78 11.74
CA VAL A 3 -7.99 -7.22 11.87
C VAL A 3 -8.18 -7.51 13.37
N VAL A 4 -8.51 -8.75 13.71
CA VAL A 4 -8.91 -9.19 15.04
C VAL A 4 -7.76 -9.04 16.05
N GLY A 5 -7.66 -7.85 16.62
CA GLY A 5 -6.64 -7.47 17.61
C GLY A 5 -5.44 -6.78 16.98
N GLY A 6 -5.27 -6.83 15.66
CA GLY A 6 -4.09 -6.31 14.98
C GLY A 6 -3.81 -7.14 13.73
N LEU A 7 -2.90 -6.66 12.87
CA LEU A 7 -2.47 -7.37 11.68
C LEU A 7 -1.60 -8.56 12.06
N GLY A 8 -1.25 -9.40 11.09
CA GLY A 8 -0.43 -10.59 11.25
C GLY A 8 1.06 -10.31 11.50
N GLY A 9 1.43 -9.09 11.87
CA GLY A 9 2.81 -8.74 12.23
C GLY A 9 3.57 -8.01 11.14
N TYR A 10 2.85 -7.38 10.22
CA TYR A 10 3.37 -6.62 9.10
C TYR A 10 4.39 -5.58 9.55
N MET A 11 5.26 -5.19 8.61
CA MET A 11 6.35 -4.26 8.80
C MET A 11 6.31 -3.16 7.74
N LEU A 12 7.19 -2.16 7.86
CA LEU A 12 7.06 -0.88 7.18
C LEU A 12 8.04 -0.80 6.01
N GLY A 13 7.53 -0.81 4.78
CA GLY A 13 8.34 -0.94 3.57
C GLY A 13 8.87 0.39 3.03
N SER A 14 9.56 1.16 3.87
CA SER A 14 10.09 2.51 3.69
C SER A 14 9.16 3.57 3.09
N ALA A 15 9.36 4.80 3.52
CA ALA A 15 8.79 5.97 2.85
C ALA A 15 9.56 6.15 1.55
N MET A 16 8.89 5.88 0.44
CA MET A 16 9.42 6.02 -0.90
C MET A 16 9.02 7.39 -1.46
N SER A 17 9.35 7.64 -2.73
CA SER A 17 8.81 8.74 -3.50
C SER A 17 7.32 8.54 -3.67
N ARG A 18 6.65 9.63 -4.01
CA ARG A 18 5.23 9.64 -4.35
C ARG A 18 5.05 9.23 -5.81
N PRO A 19 4.64 7.99 -6.15
CA PRO A 19 4.33 7.68 -7.54
C PRO A 19 3.01 8.33 -7.91
N VAL A 20 2.84 8.54 -9.20
CA VAL A 20 1.59 9.03 -9.77
C VAL A 20 0.58 7.87 -9.85
N MET A 21 -0.54 8.18 -10.49
CA MET A 21 -1.68 7.33 -10.71
C MET A 21 -2.32 7.89 -11.97
N HIS A 22 -2.49 7.07 -13.01
CA HIS A 22 -3.13 7.45 -14.25
C HIS A 22 -4.09 6.32 -14.63
N PHE A 23 -5.34 6.40 -14.17
CA PHE A 23 -6.41 5.45 -14.46
C PHE A 23 -6.79 5.52 -15.94
N GLY A 24 -6.75 6.72 -16.53
CA GLY A 24 -7.20 6.96 -17.90
C GLY A 24 -8.71 7.09 -18.00
N ASN A 25 -9.37 7.16 -16.85
CA ASN A 25 -10.60 7.88 -16.67
C ASN A 25 -10.25 9.35 -16.55
N GLU A 26 -11.26 10.21 -16.49
CA GLU A 26 -11.07 11.63 -16.25
C GLU A 26 -11.51 12.02 -14.83
N TYR A 27 -12.54 11.38 -14.29
CA TYR A 27 -13.02 11.67 -12.95
C TYR A 27 -12.04 11.09 -11.96
N GLU A 28 -11.69 9.83 -12.14
CA GLU A 28 -10.81 9.10 -11.22
C GLU A 28 -9.42 9.76 -11.18
N ASP A 29 -8.90 10.15 -12.35
CA ASP A 29 -7.63 10.85 -12.46
C ASP A 29 -7.71 12.18 -11.73
N ARG A 30 -8.72 12.99 -12.02
CA ARG A 30 -8.91 14.29 -11.39
C ARG A 30 -9.02 14.12 -9.89
N TYR A 31 -9.93 13.28 -9.40
CA TYR A 31 -10.17 13.06 -8.00
C TYR A 31 -8.88 12.68 -7.29
N TYR A 32 -8.06 11.81 -7.90
CA TYR A 32 -6.76 11.47 -7.39
C TYR A 32 -5.90 12.73 -7.24
N ARG A 33 -5.77 13.53 -8.31
CA ARG A 33 -4.84 14.65 -8.36
C ARG A 33 -5.27 15.75 -7.40
N GLU A 34 -6.56 15.94 -7.20
CA GLU A 34 -7.17 16.88 -6.27
C GLU A 34 -6.78 16.58 -4.83
N ASN A 35 -6.57 15.30 -4.47
CA ASN A 35 -6.42 14.86 -3.07
C ASN A 35 -5.09 14.12 -2.83
N GLN A 36 -4.14 14.21 -3.76
CA GLN A 36 -2.97 13.33 -3.85
C GLN A 36 -2.06 13.37 -2.64
N TYR A 37 -2.18 14.40 -1.79
CA TYR A 37 -1.45 14.55 -0.55
C TYR A 37 -1.81 13.49 0.48
N ARG A 38 -3.08 13.11 0.63
CA ARG A 38 -3.47 12.21 1.73
C ARG A 38 -3.07 10.77 1.44
N TYR A 39 -3.02 10.38 0.16
CA TYR A 39 -2.60 9.05 -0.23
C TYR A 39 -1.13 8.86 0.19
N PRO A 40 -0.81 7.88 1.04
CA PRO A 40 0.50 7.72 1.67
C PRO A 40 1.60 7.42 0.66
N ASN A 41 2.87 7.59 1.05
CA ASN A 41 4.05 7.27 0.26
C ASN A 41 4.78 6.04 0.81
N GLN A 42 4.07 5.28 1.63
CA GLN A 42 4.50 4.06 2.29
C GLN A 42 3.56 2.90 1.92
N VAL A 43 4.05 1.68 2.09
CA VAL A 43 3.41 0.39 1.90
C VAL A 43 3.95 -0.52 3.00
N MET A 44 3.07 -1.07 3.83
CA MET A 44 3.43 -2.07 4.80
C MET A 44 3.24 -3.45 4.20
N TYR A 45 4.05 -4.43 4.62
CA TYR A 45 4.16 -5.73 3.96
C TYR A 45 4.56 -6.84 4.94
N ARG A 46 4.64 -8.08 4.44
CA ARG A 46 4.98 -9.29 5.18
C ARG A 46 6.22 -9.92 4.54
N PRO A 47 6.98 -10.77 5.24
CA PRO A 47 8.25 -11.23 4.69
C PRO A 47 7.99 -12.12 3.50
N ILE A 48 8.93 -12.13 2.57
CA ILE A 48 8.84 -13.02 1.42
C ILE A 48 9.05 -14.49 1.84
N ASP A 49 9.47 -14.75 3.08
CA ASP A 49 9.42 -16.07 3.72
C ASP A 49 7.98 -16.63 3.73
N GLN A 50 6.96 -15.78 3.61
CA GLN A 50 5.56 -16.18 3.54
C GLN A 50 5.13 -16.60 2.13
N TYR A 51 5.73 -16.06 1.07
CA TYR A 51 5.17 -16.13 -0.28
C TYR A 51 6.22 -15.81 -1.36
N GLY A 52 6.15 -16.46 -2.52
CA GLY A 52 7.13 -16.36 -3.59
C GLY A 52 6.44 -15.93 -4.89
N SER A 53 5.79 -14.78 -4.88
CA SER A 53 5.08 -14.21 -6.01
C SER A 53 4.86 -12.73 -5.79
N GLN A 54 4.59 -11.97 -6.85
CA GLN A 54 4.10 -10.60 -6.69
C GLN A 54 2.66 -10.57 -6.19
N ASN A 55 1.85 -11.59 -6.46
CA ASN A 55 0.42 -11.55 -6.25
C ASN A 55 0.05 -11.50 -4.80
N SER A 56 0.25 -12.61 -4.08
CA SER A 56 -0.12 -12.63 -2.68
C SER A 56 0.73 -11.63 -1.89
N PHE A 57 1.81 -11.08 -2.50
CA PHE A 57 2.56 -9.99 -1.88
C PHE A 57 1.74 -8.72 -2.02
N VAL A 58 1.61 -8.21 -3.25
CA VAL A 58 1.01 -6.93 -3.57
C VAL A 58 -0.42 -6.88 -3.06
N HIS A 59 -1.19 -7.92 -3.32
CA HIS A 59 -2.61 -7.94 -3.04
C HIS A 59 -2.86 -7.79 -1.53
N ASP A 60 -1.98 -8.30 -0.67
CA ASP A 60 -2.14 -8.17 0.77
C ASP A 60 -1.39 -6.99 1.35
N CYS A 61 -0.23 -6.62 0.79
CA CYS A 61 0.49 -5.44 1.27
C CYS A 61 -0.32 -4.18 0.99
N VAL A 62 -1.02 -4.12 -0.15
CA VAL A 62 -2.01 -3.08 -0.44
C VAL A 62 -3.03 -3.12 0.68
N ASN A 63 -3.66 -4.28 0.89
CA ASN A 63 -4.84 -4.38 1.71
C ASN A 63 -4.57 -4.06 3.16
N ILE A 64 -3.37 -4.32 3.66
CA ILE A 64 -2.98 -3.90 4.99
C ILE A 64 -2.75 -2.39 4.96
N THR A 65 -1.97 -1.89 4.00
CA THR A 65 -1.62 -0.48 3.90
C THR A 65 -2.90 0.36 3.99
N VAL A 66 -3.94 0.14 3.15
CA VAL A 66 -5.23 0.84 3.25
C VAL A 66 -5.65 0.94 4.71
N LYS A 67 -5.87 -0.22 5.31
CA LYS A 67 -6.23 -0.33 6.72
C LYS A 67 -5.38 0.54 7.61
N GLN A 68 -4.06 0.51 7.52
CA GLN A 68 -3.19 1.29 8.42
C GLN A 68 -3.60 2.77 8.45
N HIS A 69 -4.03 3.32 7.33
CA HIS A 69 -4.50 4.69 7.24
C HIS A 69 -5.95 4.76 7.72
N THR A 70 -6.79 3.80 7.32
CA THR A 70 -8.21 3.74 7.63
C THR A 70 -8.52 3.08 9.00
N THR A 71 -7.50 2.92 9.84
CA THR A 71 -7.54 2.24 11.13
C THR A 71 -6.65 2.97 12.17
N THR A 72 -6.12 4.16 11.85
CA THR A 72 -5.28 4.97 12.73
C THR A 72 -5.36 6.45 12.33
N THR A 73 -5.09 6.79 11.07
CA THR A 73 -5.14 8.17 10.65
C THR A 73 -6.58 8.70 10.69
N THR A 74 -7.59 7.85 10.50
CA THR A 74 -9.00 8.19 10.67
C THR A 74 -9.26 8.85 12.03
N THR A 75 -8.96 8.15 13.13
CA THR A 75 -9.13 8.65 14.50
C THR A 75 -8.17 9.82 14.82
N LYS A 76 -7.19 10.13 13.96
CA LYS A 76 -6.30 11.27 14.04
C LYS A 76 -6.88 12.52 13.37
N GLY A 77 -7.94 12.38 12.58
CA GLY A 77 -8.64 13.47 11.93
C GLY A 77 -9.06 13.15 10.51
N GLU A 78 -8.54 12.07 9.92
CA GLU A 78 -8.90 11.71 8.57
C GLU A 78 -10.28 11.09 8.50
N ASN A 79 -10.79 11.06 7.27
CA ASN A 79 -12.17 10.69 7.00
C ASN A 79 -12.27 10.02 5.63
N PHE A 80 -11.32 9.12 5.39
CA PHE A 80 -11.18 8.37 4.16
C PHE A 80 -12.52 7.78 3.71
N THR A 81 -12.86 8.06 2.47
CA THR A 81 -14.13 7.65 1.88
C THR A 81 -13.89 6.46 0.97
N GLU A 82 -14.92 5.68 0.66
CA GLU A 82 -14.79 4.49 -0.18
C GLU A 82 -14.09 4.81 -1.49
N THR A 83 -14.57 5.80 -2.26
CA THR A 83 -13.92 6.24 -3.49
C THR A 83 -12.44 6.57 -3.28
N ASP A 84 -12.08 7.12 -2.12
CA ASP A 84 -10.71 7.46 -1.79
C ASP A 84 -9.89 6.20 -1.57
N ILE A 85 -10.49 5.10 -1.06
CA ILE A 85 -9.83 3.82 -0.89
C ILE A 85 -9.66 3.19 -2.26
N LYS A 86 -10.67 3.26 -3.13
CA LYS A 86 -10.60 2.67 -4.46
C LYS A 86 -9.40 3.23 -5.21
N ILE A 87 -9.21 4.55 -5.16
CA ILE A 87 -8.04 5.20 -5.70
C ILE A 87 -6.81 4.66 -4.96
N MET A 88 -6.76 4.82 -3.64
CA MET A 88 -5.57 4.54 -2.83
C MET A 88 -5.09 3.11 -3.05
N GLU A 89 -5.97 2.11 -3.15
CA GLU A 89 -5.64 0.71 -3.41
C GLU A 89 -4.81 0.55 -4.70
N ARG A 90 -4.89 1.47 -5.66
CA ARG A 90 -4.29 1.34 -6.97
C ARG A 90 -2.90 1.98 -6.94
N VAL A 91 -2.81 3.18 -6.38
CA VAL A 91 -1.54 3.88 -6.18
C VAL A 91 -0.68 3.02 -5.26
N VAL A 92 -1.24 2.51 -4.16
CA VAL A 92 -0.58 1.59 -3.25
C VAL A 92 -0.19 0.29 -4.00
N GLU A 93 -0.98 -0.21 -4.96
CA GLU A 93 -0.60 -1.37 -5.76
C GLU A 93 0.71 -1.09 -6.51
N GLN A 94 0.85 0.08 -7.13
CA GLN A 94 2.03 0.39 -7.94
C GLN A 94 3.29 0.35 -7.09
N MET A 95 3.27 1.07 -5.97
CA MET A 95 4.39 1.10 -5.03
C MET A 95 4.60 -0.24 -4.33
N CYS A 96 3.55 -1.05 -4.09
CA CYS A 96 3.73 -2.42 -3.59
C CYS A 96 4.48 -3.29 -4.62
N ILE A 97 4.22 -3.13 -5.93
CA ILE A 97 4.99 -3.84 -6.95
C ILE A 97 6.46 -3.40 -6.89
N THR A 98 6.76 -2.13 -6.60
CA THR A 98 8.13 -1.69 -6.37
C THR A 98 8.67 -2.39 -5.12
N GLN A 99 7.87 -2.46 -4.06
CA GLN A 99 8.34 -2.87 -2.75
C GLN A 99 8.61 -4.37 -2.66
N TYR A 100 7.87 -5.21 -3.39
CA TYR A 100 8.17 -6.63 -3.53
C TYR A 100 9.53 -6.81 -4.20
N GLN A 101 9.74 -6.12 -5.32
CA GLN A 101 11.00 -6.17 -6.05
C GLN A 101 12.13 -5.72 -5.11
N ASN A 102 11.95 -4.60 -4.41
CA ASN A 102 12.92 -4.06 -3.47
C ASN A 102 13.17 -5.02 -2.33
N GLU A 103 12.27 -5.94 -1.99
CA GLU A 103 12.44 -6.93 -0.94
C GLU A 103 13.30 -8.05 -1.49
N TYR A 104 12.78 -8.73 -2.52
CA TYR A 104 13.38 -9.91 -3.10
C TYR A 104 14.81 -9.63 -3.54
N GLN A 105 14.99 -8.52 -4.24
CA GLN A 105 16.31 -8.18 -4.76
C GLN A 105 17.28 -7.93 -3.60
N ALA A 106 16.76 -7.26 -2.57
CA ALA A 106 17.46 -6.92 -1.35
C ALA A 106 17.63 -8.12 -0.40
N ALA A 107 17.24 -9.31 -0.86
CA ALA A 107 17.28 -10.57 -0.18
C ALA A 107 18.24 -11.49 -0.91
N GLN A 108 17.95 -11.84 -2.17
CA GLN A 108 18.78 -12.80 -2.93
C GLN A 108 20.18 -12.25 -3.22
N ARG A 109 20.49 -10.99 -2.88
CA ARG A 109 21.85 -10.48 -2.86
C ARG A 109 22.74 -11.19 -1.84
N TYR A 110 22.17 -11.62 -0.70
CA TYR A 110 22.90 -12.30 0.36
C TYR A 110 22.32 -13.65 0.74
N TYR A 111 21.13 -13.95 0.22
CA TYR A 111 20.24 -15.06 0.51
C TYR A 111 19.68 -14.83 1.91
N ASN A 112 18.36 -14.67 1.99
CA ASN A 112 17.73 -14.04 3.15
C ASN A 112 17.78 -14.90 4.38
N GLY A 1 -11.55 -1.61 10.23
CA GLY A 1 -10.16 -1.84 10.66
C GLY A 1 -9.94 -3.32 11.00
N SER A 2 -8.68 -3.73 11.14
CA SER A 2 -8.26 -4.95 11.83
C SER A 2 -8.49 -6.20 11.02
N VAL A 3 -7.86 -7.29 11.47
CA VAL A 3 -7.98 -8.59 10.85
C VAL A 3 -7.93 -9.67 11.95
N VAL A 4 -9.06 -10.27 12.31
CA VAL A 4 -9.26 -11.30 13.35
C VAL A 4 -8.22 -11.28 14.50
N GLY A 5 -7.94 -10.09 15.01
CA GLY A 5 -6.71 -9.83 15.74
C GLY A 5 -6.30 -8.39 15.56
N GLY A 6 -5.78 -7.99 14.39
CA GLY A 6 -5.14 -6.68 14.30
C GLY A 6 -4.42 -6.51 12.98
N LEU A 7 -3.14 -6.90 12.90
CA LEU A 7 -2.50 -7.49 11.74
C LEU A 7 -1.52 -8.57 12.18
N GLY A 8 -1.04 -9.37 11.22
CA GLY A 8 -0.22 -10.56 11.36
C GLY A 8 1.26 -10.23 11.41
N GLY A 9 1.60 -9.15 12.10
CA GLY A 9 2.99 -8.77 12.35
C GLY A 9 3.68 -8.28 11.08
N TYR A 10 2.95 -7.49 10.30
CA TYR A 10 3.43 -6.81 9.11
C TYR A 10 4.54 -5.85 9.48
N MET A 11 5.40 -5.59 8.51
CA MET A 11 6.39 -4.53 8.58
C MET A 11 5.97 -3.40 7.66
N LEU A 12 6.55 -2.23 7.90
CA LEU A 12 6.54 -1.12 6.98
C LEU A 12 7.96 -0.99 6.48
N GLY A 13 8.14 -1.03 5.15
CA GLY A 13 9.46 -1.07 4.55
C GLY A 13 10.17 0.28 4.64
N SER A 14 10.06 1.07 3.58
CA SER A 14 10.75 2.33 3.42
C SER A 14 9.95 3.22 2.45
N ALA A 15 10.05 4.53 2.62
CA ALA A 15 9.29 5.48 1.84
C ALA A 15 9.87 5.67 0.45
N MET A 16 9.03 6.17 -0.45
CA MET A 16 9.30 6.26 -1.87
C MET A 16 9.27 7.73 -2.30
N SER A 17 8.85 8.03 -3.53
CA SER A 17 8.37 9.34 -3.92
C SER A 17 6.84 9.35 -3.75
N ARG A 18 6.20 10.48 -4.07
CA ARG A 18 4.81 10.52 -4.51
C ARG A 18 4.79 10.16 -5.99
N PRO A 19 4.41 8.95 -6.41
CA PRO A 19 4.22 8.65 -7.82
C PRO A 19 2.87 9.16 -8.29
N VAL A 20 2.70 9.24 -9.62
CA VAL A 20 1.42 9.49 -10.24
C VAL A 20 0.48 8.31 -10.03
N MET A 21 -0.72 8.45 -10.58
CA MET A 21 -1.75 7.45 -10.63
C MET A 21 -2.53 7.74 -11.91
N HIS A 22 -2.78 6.70 -12.70
CA HIS A 22 -3.37 6.75 -14.03
C HIS A 22 -4.31 5.55 -14.11
N PHE A 23 -5.61 5.83 -14.02
CA PHE A 23 -6.69 4.86 -14.08
C PHE A 23 -7.10 4.62 -15.53
N GLY A 24 -7.12 5.71 -16.29
CA GLY A 24 -7.68 5.77 -17.64
C GLY A 24 -9.07 6.40 -17.67
N ASN A 25 -9.44 7.14 -16.64
CA ASN A 25 -10.75 7.79 -16.51
C ASN A 25 -10.51 9.29 -16.39
N GLU A 26 -11.55 10.06 -16.08
CA GLU A 26 -11.46 11.50 -15.76
C GLU A 26 -12.12 11.80 -14.42
N TYR A 27 -13.01 10.95 -13.89
CA TYR A 27 -13.50 11.13 -12.54
C TYR A 27 -12.40 10.73 -11.56
N GLU A 28 -11.89 9.52 -11.75
CA GLU A 28 -10.91 8.90 -10.86
C GLU A 28 -9.59 9.65 -10.94
N ASP A 29 -9.27 10.21 -12.11
CA ASP A 29 -7.98 10.86 -12.32
C ASP A 29 -7.99 12.15 -11.51
N ARG A 30 -9.03 12.97 -11.67
CA ARG A 30 -9.19 14.23 -10.99
C ARG A 30 -9.31 14.00 -9.49
N TYR A 31 -10.09 13.01 -9.05
CA TYR A 31 -10.18 12.66 -7.65
C TYR A 31 -8.78 12.48 -7.10
N TYR A 32 -7.97 11.64 -7.74
CA TYR A 32 -6.59 11.44 -7.36
C TYR A 32 -5.80 12.76 -7.39
N ARG A 33 -5.86 13.55 -8.47
CA ARG A 33 -5.05 14.77 -8.64
C ARG A 33 -5.47 15.87 -7.66
N GLU A 34 -6.59 15.73 -6.97
CA GLU A 34 -7.06 16.58 -5.90
C GLU A 34 -6.33 16.16 -4.63
N ASN A 35 -6.68 15.00 -4.08
CA ASN A 35 -6.26 14.54 -2.76
C ASN A 35 -4.93 13.78 -2.82
N GLN A 36 -4.15 13.98 -3.89
CA GLN A 36 -2.84 13.38 -4.11
C GLN A 36 -1.91 13.63 -2.91
N TYR A 37 -2.07 14.79 -2.27
CA TYR A 37 -1.28 15.21 -1.15
C TYR A 37 -1.54 14.34 0.09
N ARG A 38 -2.73 13.76 0.22
CA ARG A 38 -3.24 13.10 1.42
C ARG A 38 -2.87 11.61 1.42
N TYR A 39 -2.72 11.02 0.23
CA TYR A 39 -2.30 9.64 0.06
C TYR A 39 -0.88 9.45 0.60
N PRO A 40 -0.56 8.24 1.11
CA PRO A 40 0.75 7.93 1.67
C PRO A 40 1.81 7.80 0.57
N ASN A 41 3.08 7.77 0.99
CA ASN A 41 4.26 7.48 0.18
C ASN A 41 5.03 6.28 0.77
N GLN A 42 4.34 5.45 1.56
CA GLN A 42 4.85 4.19 2.12
C GLN A 42 3.81 3.08 1.88
N VAL A 43 4.20 1.82 2.14
CA VAL A 43 3.45 0.59 1.88
C VAL A 43 3.93 -0.52 2.85
N MET A 44 3.00 -1.20 3.55
CA MET A 44 3.30 -2.28 4.49
C MET A 44 3.07 -3.65 3.85
N TYR A 45 3.71 -4.70 4.38
CA TYR A 45 3.71 -6.04 3.79
C TYR A 45 4.12 -7.11 4.81
N ARG A 46 4.11 -8.37 4.39
CA ARG A 46 4.54 -9.55 5.15
C ARG A 46 5.75 -10.17 4.44
N PRO A 47 6.55 -11.00 5.14
CA PRO A 47 7.81 -11.46 4.58
C PRO A 47 7.54 -12.32 3.35
N ILE A 48 8.41 -12.21 2.34
CA ILE A 48 8.41 -13.05 1.14
C ILE A 48 8.63 -14.55 1.45
N ASP A 49 8.91 -14.88 2.71
CA ASP A 49 8.86 -16.21 3.30
C ASP A 49 7.45 -16.80 3.19
N GLN A 50 6.42 -15.98 3.49
CA GLN A 50 5.06 -16.44 3.66
C GLN A 50 4.47 -17.00 2.37
N TYR A 51 4.86 -16.44 1.23
CA TYR A 51 4.20 -16.62 -0.07
C TYR A 51 5.22 -16.42 -1.19
N GLY A 52 4.91 -16.81 -2.42
CA GLY A 52 5.90 -16.89 -3.50
C GLY A 52 5.34 -16.32 -4.80
N SER A 53 5.08 -15.01 -4.84
CA SER A 53 4.65 -14.29 -6.03
C SER A 53 4.81 -12.80 -5.78
N GLN A 54 4.70 -12.00 -6.84
CA GLN A 54 4.37 -10.59 -6.71
C GLN A 54 2.89 -10.48 -6.42
N ASN A 55 2.07 -11.43 -6.90
CA ASN A 55 0.64 -11.29 -6.91
C ASN A 55 0.09 -11.33 -5.50
N SER A 56 0.20 -12.46 -4.78
CA SER A 56 -0.36 -12.54 -3.42
C SER A 56 0.23 -11.45 -2.50
N PHE A 57 1.47 -11.03 -2.75
CA PHE A 57 2.10 -9.90 -2.08
C PHE A 57 1.32 -8.62 -2.39
N VAL A 58 1.25 -8.21 -3.66
CA VAL A 58 0.61 -6.97 -4.09
C VAL A 58 -0.91 -7.01 -3.85
N HIS A 59 -1.50 -8.19 -3.65
CA HIS A 59 -2.85 -8.31 -3.14
C HIS A 59 -2.86 -7.92 -1.66
N ASP A 60 -2.08 -8.61 -0.82
CA ASP A 60 -2.13 -8.49 0.64
C ASP A 60 -1.55 -7.18 1.17
N CYS A 61 -0.36 -6.81 0.71
CA CYS A 61 0.38 -5.62 1.13
C CYS A 61 -0.45 -4.37 0.89
N VAL A 62 -1.10 -4.29 -0.28
CA VAL A 62 -1.98 -3.20 -0.65
C VAL A 62 -3.14 -3.21 0.32
N ASN A 63 -3.78 -4.38 0.49
CA ASN A 63 -4.98 -4.55 1.26
C ASN A 63 -4.74 -4.29 2.74
N ILE A 64 -3.50 -4.25 3.21
CA ILE A 64 -3.17 -3.85 4.56
C ILE A 64 -2.84 -2.38 4.59
N THR A 65 -2.04 -1.89 3.64
CA THR A 65 -1.64 -0.50 3.55
C THR A 65 -2.91 0.35 3.70
N VAL A 66 -3.96 0.11 2.90
CA VAL A 66 -5.26 0.79 3.05
C VAL A 66 -5.68 0.80 4.50
N LYS A 67 -5.85 -0.39 5.07
CA LYS A 67 -6.23 -0.56 6.49
C LYS A 67 -5.43 0.37 7.37
N GLN A 68 -4.09 0.43 7.29
CA GLN A 68 -3.31 1.22 8.24
C GLN A 68 -3.74 2.69 8.21
N HIS A 69 -3.80 3.27 7.02
CA HIS A 69 -4.25 4.64 6.84
C HIS A 69 -5.71 4.80 7.27
N THR A 70 -6.50 3.74 7.19
CA THR A 70 -7.94 3.72 7.43
C THR A 70 -8.34 3.06 8.75
N THR A 71 -7.39 2.85 9.65
CA THR A 71 -7.55 2.20 10.95
C THR A 71 -6.83 2.96 12.05
N THR A 72 -5.79 3.71 11.67
CA THR A 72 -4.89 4.45 12.53
C THR A 72 -5.04 5.95 12.30
N THR A 73 -4.87 6.46 11.07
CA THR A 73 -4.96 7.89 10.83
C THR A 73 -6.41 8.38 11.02
N THR A 74 -7.41 7.54 10.83
CA THR A 74 -8.82 7.86 11.05
C THR A 74 -9.02 8.41 12.47
N THR A 75 -8.55 7.73 13.50
CA THR A 75 -8.63 8.22 14.88
C THR A 75 -7.60 9.34 15.16
N LYS A 76 -6.62 9.58 14.28
CA LYS A 76 -5.79 10.76 14.25
C LYS A 76 -6.49 11.94 13.53
N GLY A 77 -7.77 11.78 13.18
CA GLY A 77 -8.63 12.85 12.69
C GLY A 77 -8.81 12.83 11.17
N GLU A 78 -8.62 11.68 10.53
CA GLU A 78 -8.92 11.50 9.12
C GLU A 78 -10.32 11.01 8.89
N ASN A 79 -10.79 11.28 7.69
CA ASN A 79 -11.98 10.65 7.16
C ASN A 79 -11.74 10.33 5.69
N PHE A 80 -10.98 9.26 5.54
CA PHE A 80 -10.92 8.51 4.30
C PHE A 80 -12.32 8.04 3.94
N THR A 81 -12.68 8.21 2.67
CA THR A 81 -13.93 7.73 2.11
C THR A 81 -13.61 6.48 1.29
N GLU A 82 -14.57 5.57 1.17
CA GLU A 82 -14.36 4.32 0.47
C GLU A 82 -13.87 4.53 -0.97
N THR A 83 -14.30 5.59 -1.64
CA THR A 83 -13.86 5.94 -2.97
C THR A 83 -12.36 6.30 -3.00
N ASP A 84 -11.87 7.00 -1.98
CA ASP A 84 -10.45 7.37 -1.78
C ASP A 84 -9.61 6.11 -1.65
N ILE A 85 -10.19 5.05 -1.06
CA ILE A 85 -9.51 3.79 -0.83
C ILE A 85 -9.27 3.10 -2.17
N LYS A 86 -10.20 3.17 -3.11
CA LYS A 86 -10.09 2.51 -4.41
C LYS A 86 -8.88 3.03 -5.15
N ILE A 87 -8.74 4.35 -5.17
CA ILE A 87 -7.59 5.03 -5.74
C ILE A 87 -6.33 4.52 -5.06
N MET A 88 -6.25 4.65 -3.74
CA MET A 88 -5.16 4.12 -2.92
C MET A 88 -4.81 2.71 -3.29
N GLU A 89 -5.76 1.79 -3.39
CA GLU A 89 -5.48 0.39 -3.73
C GLU A 89 -4.81 0.21 -5.11
N ARG A 90 -4.64 1.27 -5.91
CA ARG A 90 -3.95 1.24 -7.20
C ARG A 90 -2.62 1.96 -7.09
N VAL A 91 -2.59 3.15 -6.51
CA VAL A 91 -1.33 3.87 -6.29
C VAL A 91 -0.44 3.05 -5.36
N VAL A 92 -0.99 2.58 -4.22
CA VAL A 92 -0.23 1.78 -3.29
C VAL A 92 0.09 0.40 -3.88
N GLU A 93 -0.61 -0.08 -4.91
CA GLU A 93 -0.20 -1.26 -5.70
C GLU A 93 1.12 -0.95 -6.42
N GLN A 94 1.19 0.16 -7.17
CA GLN A 94 2.38 0.50 -7.95
C GLN A 94 3.59 0.61 -7.03
N MET A 95 3.38 1.23 -5.86
CA MET A 95 4.36 1.35 -4.78
C MET A 95 4.75 -0.01 -4.23
N CYS A 96 3.75 -0.83 -3.88
CA CYS A 96 3.95 -2.18 -3.36
C CYS A 96 4.81 -3.01 -4.31
N ILE A 97 4.64 -2.87 -5.63
CA ILE A 97 5.45 -3.61 -6.59
C ILE A 97 6.91 -3.16 -6.50
N THR A 98 7.19 -1.86 -6.33
CA THR A 98 8.55 -1.39 -6.07
C THR A 98 9.06 -2.03 -4.78
N GLN A 99 8.21 -2.10 -3.75
CA GLN A 99 8.59 -2.52 -2.42
C GLN A 99 8.90 -4.03 -2.36
N TYR A 100 8.06 -4.89 -2.96
CA TYR A 100 8.28 -6.33 -3.06
C TYR A 100 9.68 -6.62 -3.57
N GLN A 101 10.00 -6.00 -4.71
CA GLN A 101 11.31 -6.07 -5.31
C GLN A 101 12.38 -5.61 -4.32
N ASN A 102 12.20 -4.48 -3.62
CA ASN A 102 13.22 -3.94 -2.73
C ASN A 102 13.44 -4.85 -1.53
N GLU A 103 12.50 -5.70 -1.13
CA GLU A 103 12.78 -6.71 -0.10
C GLU A 103 13.55 -7.85 -0.74
N TYR A 104 12.98 -8.52 -1.76
CA TYR A 104 13.56 -9.68 -2.44
C TYR A 104 14.99 -9.41 -2.87
N GLN A 105 15.16 -8.31 -3.59
CA GLN A 105 16.44 -7.93 -4.16
C GLN A 105 17.47 -7.62 -3.06
N ALA A 106 16.98 -7.35 -1.85
CA ALA A 106 17.74 -7.01 -0.65
C ALA A 106 17.77 -8.16 0.37
N ALA A 107 17.36 -9.35 -0.05
CA ALA A 107 17.17 -10.54 0.77
C ALA A 107 17.89 -11.71 0.11
N GLN A 108 17.60 -12.02 -1.15
CA GLN A 108 18.17 -13.17 -1.85
C GLN A 108 19.69 -13.11 -1.95
N ARG A 109 20.29 -11.94 -1.71
CA ARG A 109 21.72 -11.76 -1.64
C ARG A 109 22.38 -12.56 -0.51
N TYR A 110 21.66 -12.74 0.60
CA TYR A 110 22.14 -13.50 1.75
C TYR A 110 21.16 -14.56 2.26
N TYR A 111 19.96 -14.60 1.68
CA TYR A 111 18.81 -15.44 1.98
C TYR A 111 18.16 -14.99 3.29
N ASN A 112 16.90 -14.56 3.24
CA ASN A 112 16.18 -14.07 4.42
C ASN A 112 14.75 -14.56 4.40
N GLY A 1 -12.36 -4.99 4.53
CA GLY A 1 -11.30 -4.61 5.47
C GLY A 1 -11.28 -5.52 6.70
N SER A 2 -10.70 -5.05 7.81
CA SER A 2 -10.38 -5.78 9.03
C SER A 2 -9.29 -6.83 8.79
N VAL A 3 -8.63 -7.28 9.86
CA VAL A 3 -7.70 -8.38 9.87
C VAL A 3 -8.24 -9.39 10.91
N VAL A 4 -7.57 -10.51 11.11
CA VAL A 4 -7.86 -11.53 12.13
C VAL A 4 -7.75 -10.96 13.56
N GLY A 5 -8.72 -10.15 13.97
CA GLY A 5 -8.84 -9.57 15.30
C GLY A 5 -7.57 -8.85 15.76
N GLY A 6 -6.77 -8.30 14.85
CA GLY A 6 -5.45 -7.75 15.12
C GLY A 6 -4.49 -8.03 13.98
N LEU A 7 -3.53 -7.12 13.75
CA LEU A 7 -2.68 -7.16 12.57
C LEU A 7 -1.64 -8.25 12.69
N GLY A 8 -1.20 -8.74 11.53
CA GLY A 8 -0.44 -9.98 11.43
C GLY A 8 1.01 -9.90 11.91
N GLY A 9 1.51 -8.74 12.28
CA GLY A 9 2.95 -8.51 12.40
C GLY A 9 3.53 -8.21 11.03
N TYR A 10 3.18 -7.05 10.50
CA TYR A 10 3.75 -6.49 9.29
C TYR A 10 4.97 -5.61 9.60
N MET A 11 5.65 -5.15 8.56
CA MET A 11 6.59 -4.04 8.65
C MET A 11 6.21 -2.98 7.63
N LEU A 12 6.54 -1.73 7.96
CA LEU A 12 6.70 -0.62 7.02
C LEU A 12 8.07 -0.83 6.39
N GLY A 13 8.12 -0.88 5.06
CA GLY A 13 9.40 -1.02 4.37
C GLY A 13 10.15 0.29 4.35
N SER A 14 9.84 1.14 3.40
CA SER A 14 10.37 2.50 3.32
C SER A 14 9.33 3.39 2.69
N ALA A 15 9.54 4.70 2.79
CA ALA A 15 8.91 5.63 1.88
C ALA A 15 9.57 5.47 0.51
N MET A 16 8.80 5.79 -0.52
CA MET A 16 9.27 5.90 -1.89
C MET A 16 8.98 7.29 -2.42
N SER A 17 9.50 7.55 -3.62
CA SER A 17 9.04 8.63 -4.47
C SER A 17 7.58 8.34 -4.80
N ARG A 18 6.77 9.39 -4.88
CA ARG A 18 5.36 9.25 -5.16
C ARG A 18 5.21 8.65 -6.57
N PRO A 19 4.49 7.54 -6.74
CA PRO A 19 4.16 7.04 -8.06
C PRO A 19 3.10 7.94 -8.69
N VAL A 20 2.78 7.70 -9.95
CA VAL A 20 1.63 8.30 -10.59
C VAL A 20 0.39 7.45 -10.26
N MET A 21 -0.70 7.73 -10.96
CA MET A 21 -1.90 6.93 -10.99
C MET A 21 -2.67 7.40 -12.24
N HIS A 22 -3.11 6.48 -13.10
CA HIS A 22 -3.83 6.78 -14.33
C HIS A 22 -4.95 5.76 -14.48
N PHE A 23 -6.19 6.15 -14.15
CA PHE A 23 -7.36 5.27 -14.33
C PHE A 23 -7.70 5.25 -15.83
N GLY A 24 -7.67 6.44 -16.45
CA GLY A 24 -8.18 6.68 -17.79
C GLY A 24 -9.61 7.25 -17.77
N ASN A 25 -10.12 7.65 -16.59
CA ASN A 25 -11.20 8.63 -16.54
C ASN A 25 -10.56 9.99 -16.69
N GLU A 26 -11.35 11.02 -16.38
CA GLU A 26 -10.84 12.34 -16.10
C GLU A 26 -11.20 12.75 -14.66
N TYR A 27 -12.36 12.30 -14.17
CA TYR A 27 -12.84 12.57 -12.83
C TYR A 27 -11.89 11.95 -11.82
N GLU A 28 -11.61 10.67 -12.01
CA GLU A 28 -10.85 9.90 -11.04
C GLU A 28 -9.40 10.36 -10.99
N ASP A 29 -8.80 10.65 -12.16
CA ASP A 29 -7.41 11.11 -12.22
C ASP A 29 -7.30 12.43 -11.44
N ARG A 30 -8.31 13.29 -11.57
CA ARG A 30 -8.38 14.59 -10.92
C ARG A 30 -8.53 14.37 -9.43
N TYR A 31 -9.51 13.59 -8.99
CA TYR A 31 -9.73 13.24 -7.59
C TYR A 31 -8.41 12.79 -6.99
N TYR A 32 -7.72 11.83 -7.62
CA TYR A 32 -6.41 11.34 -7.24
C TYR A 32 -5.43 12.48 -7.00
N ARG A 33 -5.35 13.44 -7.91
CA ARG A 33 -4.38 14.53 -7.83
C ARG A 33 -4.78 15.51 -6.74
N GLU A 34 -6.07 15.84 -6.63
CA GLU A 34 -6.59 16.77 -5.64
C GLU A 34 -6.23 16.31 -4.23
N ASN A 35 -6.41 15.03 -3.92
CA ASN A 35 -6.10 14.46 -2.61
C ASN A 35 -4.78 13.67 -2.63
N GLN A 36 -3.86 13.97 -3.55
CA GLN A 36 -2.59 13.25 -3.69
C GLN A 36 -1.79 13.26 -2.39
N TYR A 37 -1.91 14.36 -1.65
CA TYR A 37 -1.21 14.59 -0.40
C TYR A 37 -1.78 13.74 0.75
N ARG A 38 -3.06 13.36 0.69
CA ARG A 38 -3.73 12.55 1.71
C ARG A 38 -3.29 11.11 1.61
N TYR A 39 -3.03 10.62 0.38
CA TYR A 39 -2.61 9.26 0.14
C TYR A 39 -1.21 9.03 0.70
N PRO A 40 -0.81 7.77 0.96
CA PRO A 40 0.51 7.47 1.48
C PRO A 40 1.57 7.66 0.38
N ASN A 41 2.84 7.61 0.77
CA ASN A 41 3.99 7.50 -0.12
C ASN A 41 4.86 6.32 0.32
N GLN A 42 4.32 5.42 1.14
CA GLN A 42 4.98 4.25 1.73
C GLN A 42 3.95 3.12 1.73
N VAL A 43 4.42 1.90 1.99
CA VAL A 43 3.61 0.68 1.95
C VAL A 43 4.12 -0.30 3.01
N MET A 44 3.24 -1.17 3.52
CA MET A 44 3.56 -2.19 4.50
C MET A 44 3.37 -3.58 3.91
N TYR A 45 4.09 -4.58 4.44
CA TYR A 45 4.20 -5.92 3.87
C TYR A 45 4.69 -6.96 4.89
N ARG A 46 4.82 -8.22 4.46
CA ARG A 46 5.32 -9.37 5.20
C ARG A 46 6.64 -9.82 4.56
N PRO A 47 7.55 -10.50 5.28
CA PRO A 47 8.77 -10.95 4.65
C PRO A 47 8.40 -11.94 3.55
N ILE A 48 9.16 -11.91 2.46
CA ILE A 48 8.95 -12.72 1.26
C ILE A 48 8.95 -14.22 1.56
N ASP A 49 9.61 -14.65 2.64
CA ASP A 49 9.49 -15.96 3.27
C ASP A 49 8.04 -16.44 3.40
N GLN A 50 7.14 -15.56 3.81
CA GLN A 50 5.74 -15.89 4.10
C GLN A 50 4.94 -16.29 2.86
N TYR A 51 5.44 -16.01 1.65
CA TYR A 51 4.69 -16.14 0.42
C TYR A 51 5.62 -16.12 -0.80
N GLY A 52 5.83 -14.97 -1.44
CA GLY A 52 6.80 -14.81 -2.51
C GLY A 52 6.16 -14.92 -3.88
N SER A 53 5.07 -14.20 -4.13
CA SER A 53 4.45 -14.03 -5.45
C SER A 53 3.97 -12.59 -5.52
N GLN A 54 4.05 -11.96 -6.70
CA GLN A 54 3.68 -10.56 -6.87
C GLN A 54 2.22 -10.38 -6.44
N ASN A 55 1.29 -11.21 -6.90
CA ASN A 55 -0.10 -11.18 -6.51
C ASN A 55 -0.31 -11.32 -5.04
N SER A 56 0.18 -12.43 -4.50
CA SER A 56 -0.08 -12.73 -3.11
C SER A 56 0.74 -11.78 -2.24
N PHE A 57 1.53 -10.88 -2.85
CA PHE A 57 2.22 -9.82 -2.13
C PHE A 57 1.30 -8.60 -2.20
N VAL A 58 1.10 -8.04 -3.40
CA VAL A 58 0.25 -6.89 -3.70
C VAL A 58 -1.06 -7.02 -2.95
N HIS A 59 -1.83 -8.09 -3.17
CA HIS A 59 -3.21 -8.16 -2.75
C HIS A 59 -3.34 -8.11 -1.22
N ASP A 60 -2.37 -8.66 -0.49
CA ASP A 60 -2.27 -8.73 0.96
C ASP A 60 -1.74 -7.40 1.53
N CYS A 61 -0.65 -6.91 0.94
CA CYS A 61 0.09 -5.72 1.35
C CYS A 61 -0.71 -4.44 1.09
N VAL A 62 -1.45 -4.39 -0.03
CA VAL A 62 -2.38 -3.34 -0.39
C VAL A 62 -3.37 -3.28 0.75
N ASN A 63 -4.02 -4.42 1.03
CA ASN A 63 -5.03 -4.61 2.06
C ASN A 63 -4.55 -4.04 3.38
N ILE A 64 -3.33 -4.39 3.80
CA ILE A 64 -2.74 -3.88 5.01
C ILE A 64 -2.59 -2.37 4.93
N THR A 65 -1.96 -1.87 3.88
CA THR A 65 -1.67 -0.46 3.76
C THR A 65 -2.99 0.33 3.81
N VAL A 66 -4.06 -0.05 3.07
CA VAL A 66 -5.35 0.62 3.17
C VAL A 66 -5.84 0.60 4.60
N LYS A 67 -5.98 -0.62 5.13
CA LYS A 67 -6.39 -0.80 6.53
C LYS A 67 -5.61 0.11 7.47
N GLN A 68 -4.29 0.18 7.41
CA GLN A 68 -3.48 0.97 8.32
C GLN A 68 -3.95 2.42 8.41
N HIS A 69 -4.41 2.97 7.28
CA HIS A 69 -5.07 4.27 7.25
C HIS A 69 -6.52 4.15 7.78
N THR A 70 -7.32 3.24 7.24
CA THR A 70 -8.73 3.05 7.57
C THR A 70 -9.01 2.29 8.89
N THR A 71 -7.98 2.16 9.73
CA THR A 71 -7.99 1.43 11.00
C THR A 71 -7.15 2.18 12.04
N THR A 72 -6.60 3.37 11.73
CA THR A 72 -5.87 4.19 12.69
C THR A 72 -5.99 5.67 12.32
N THR A 73 -5.60 6.10 11.12
CA THR A 73 -5.58 7.51 10.77
C THR A 73 -6.99 8.13 10.84
N THR A 74 -8.06 7.34 10.65
CA THR A 74 -9.42 7.80 10.74
C THR A 74 -9.73 8.43 12.10
N THR A 75 -9.58 7.72 13.22
CA THR A 75 -9.84 8.31 14.53
C THR A 75 -8.91 9.50 14.84
N LYS A 76 -7.72 9.58 14.22
CA LYS A 76 -6.83 10.72 14.36
C LYS A 76 -7.42 11.97 13.69
N GLY A 77 -8.39 11.80 12.80
CA GLY A 77 -9.19 12.87 12.23
C GLY A 77 -9.59 12.61 10.77
N GLU A 78 -9.16 11.52 10.14
CA GLU A 78 -9.54 11.20 8.78
C GLU A 78 -10.90 10.54 8.65
N ASN A 79 -11.41 10.51 7.41
CA ASN A 79 -12.77 10.05 7.14
C ASN A 79 -12.88 9.25 5.83
N PHE A 80 -11.75 8.65 5.46
CA PHE A 80 -11.48 7.92 4.23
C PHE A 80 -12.70 7.21 3.66
N THR A 81 -13.17 7.72 2.53
CA THR A 81 -14.35 7.23 1.83
C THR A 81 -13.96 6.13 0.88
N GLU A 82 -14.90 5.25 0.55
CA GLU A 82 -14.58 4.10 -0.27
C GLU A 82 -13.93 4.53 -1.60
N THR A 83 -14.43 5.56 -2.28
CA THR A 83 -13.82 6.04 -3.52
C THR A 83 -12.33 6.40 -3.33
N ASP A 84 -11.97 6.96 -2.17
CA ASP A 84 -10.60 7.30 -1.79
C ASP A 84 -9.83 6.00 -1.52
N ILE A 85 -10.51 4.93 -1.09
CA ILE A 85 -9.92 3.61 -0.85
C ILE A 85 -9.64 2.96 -2.19
N LYS A 86 -10.51 3.13 -3.19
CA LYS A 86 -10.27 2.54 -4.51
C LYS A 86 -8.98 3.12 -5.07
N ILE A 87 -8.83 4.44 -4.99
CA ILE A 87 -7.62 5.12 -5.39
C ILE A 87 -6.47 4.55 -4.55
N MET A 88 -6.51 4.59 -3.20
CA MET A 88 -5.51 3.96 -2.31
C MET A 88 -5.15 2.58 -2.83
N GLU A 89 -6.08 1.65 -2.98
CA GLU A 89 -5.80 0.28 -3.40
C GLU A 89 -5.00 0.23 -4.70
N ARG A 90 -5.34 1.04 -5.72
CA ARG A 90 -4.61 1.04 -6.99
C ARG A 90 -3.25 1.72 -6.86
N VAL A 91 -3.25 2.92 -6.26
CA VAL A 91 -2.05 3.70 -5.96
C VAL A 91 -1.07 2.78 -5.25
N VAL A 92 -1.48 2.21 -4.11
CA VAL A 92 -0.57 1.52 -3.22
C VAL A 92 -0.09 0.21 -3.87
N GLU A 93 -0.88 -0.42 -4.74
CA GLU A 93 -0.43 -1.54 -5.58
C GLU A 93 0.82 -1.15 -6.37
N GLN A 94 0.83 0.02 -7.01
CA GLN A 94 1.95 0.42 -7.86
C GLN A 94 3.26 0.54 -7.07
N MET A 95 3.16 1.05 -5.84
CA MET A 95 4.29 1.20 -4.92
C MET A 95 4.64 -0.16 -4.30
N CYS A 96 3.67 -1.00 -3.96
CA CYS A 96 3.93 -2.30 -3.35
C CYS A 96 4.60 -3.26 -4.34
N ILE A 97 4.27 -3.19 -5.65
CA ILE A 97 4.96 -3.92 -6.70
C ILE A 97 6.46 -3.67 -6.59
N THR A 98 6.86 -2.41 -6.42
CA THR A 98 8.24 -2.02 -6.25
C THR A 98 8.77 -2.52 -4.90
N GLN A 99 8.02 -2.39 -3.79
CA GLN A 99 8.47 -2.79 -2.45
C GLN A 99 8.82 -4.28 -2.37
N TYR A 100 8.04 -5.17 -2.98
CA TYR A 100 8.32 -6.60 -3.04
C TYR A 100 9.67 -6.83 -3.68
N GLN A 101 9.83 -6.28 -4.88
CA GLN A 101 11.03 -6.43 -5.67
C GLN A 101 12.22 -5.89 -4.91
N ASN A 102 12.12 -4.69 -4.34
CA ASN A 102 13.25 -4.08 -3.64
C ASN A 102 13.64 -4.83 -2.36
N GLU A 103 12.85 -5.80 -1.89
CA GLU A 103 13.25 -6.74 -0.86
C GLU A 103 13.86 -7.98 -1.50
N TYR A 104 13.09 -8.72 -2.34
CA TYR A 104 13.54 -9.96 -2.98
C TYR A 104 14.86 -9.73 -3.70
N GLN A 105 14.87 -8.77 -4.62
CA GLN A 105 16.05 -8.47 -5.41
C GLN A 105 17.23 -8.16 -4.49
N ALA A 106 16.95 -7.63 -3.30
CA ALA A 106 17.92 -7.16 -2.35
C ALA A 106 18.30 -8.17 -1.27
N ALA A 107 17.95 -9.44 -1.43
CA ALA A 107 18.13 -10.47 -0.42
C ALA A 107 18.90 -11.60 -1.08
N GLN A 108 18.27 -12.28 -2.03
CA GLN A 108 18.84 -13.41 -2.75
C GLN A 108 20.00 -13.03 -3.66
N ARG A 109 20.29 -11.74 -3.76
CA ARG A 109 21.51 -11.25 -4.39
C ARG A 109 22.77 -11.66 -3.65
N TYR A 110 22.69 -11.83 -2.32
CA TYR A 110 23.81 -12.14 -1.45
C TYR A 110 23.55 -13.31 -0.50
N TYR A 111 22.29 -13.76 -0.48
CA TYR A 111 21.72 -14.88 0.20
C TYR A 111 21.58 -14.54 1.70
N ASN A 112 20.36 -14.26 2.13
CA ASN A 112 20.06 -13.79 3.47
C ASN A 112 18.90 -14.58 4.01
N GLY A 1 -12.35 -2.46 9.11
CA GLY A 1 -11.04 -2.90 8.61
C GLY A 1 -10.10 -3.30 9.72
N SER A 2 -10.11 -4.57 10.13
CA SER A 2 -9.21 -5.14 11.13
C SER A 2 -8.59 -6.43 10.57
N VAL A 3 -7.75 -7.11 11.35
CA VAL A 3 -7.25 -8.43 11.07
C VAL A 3 -7.71 -9.34 12.21
N VAL A 4 -8.18 -10.53 11.86
CA VAL A 4 -8.83 -11.47 12.77
C VAL A 4 -7.76 -12.14 13.64
N GLY A 5 -7.26 -11.40 14.63
CA GLY A 5 -6.16 -11.78 15.52
C GLY A 5 -5.14 -10.66 15.69
N GLY A 6 -5.36 -9.47 15.11
CA GLY A 6 -4.32 -8.48 14.91
C GLY A 6 -3.48 -8.87 13.70
N LEU A 7 -2.59 -7.98 13.26
CA LEU A 7 -1.81 -8.17 12.05
C LEU A 7 -0.95 -9.44 12.16
N GLY A 8 -0.45 -9.91 11.02
CA GLY A 8 0.41 -11.08 10.88
C GLY A 8 1.88 -10.77 11.22
N GLY A 9 2.11 -9.80 12.10
CA GLY A 9 3.43 -9.24 12.38
C GLY A 9 3.99 -8.61 11.11
N TYR A 10 3.17 -7.78 10.47
CA TYR A 10 3.57 -7.03 9.29
C TYR A 10 4.68 -6.04 9.67
N MET A 11 5.32 -5.47 8.65
CA MET A 11 6.36 -4.48 8.82
C MET A 11 6.25 -3.40 7.76
N LEU A 12 6.90 -2.28 8.05
CA LEU A 12 6.86 -1.06 7.27
C LEU A 12 7.87 -1.17 6.13
N GLY A 13 7.43 -0.92 4.90
CA GLY A 13 8.18 -1.07 3.68
C GLY A 13 9.09 0.11 3.32
N SER A 14 9.76 0.70 4.31
CA SER A 14 10.32 2.04 4.30
C SER A 14 9.30 3.04 3.77
N ALA A 15 9.77 4.23 3.40
CA ALA A 15 9.02 5.22 2.65
C ALA A 15 9.70 5.52 1.32
N MET A 16 8.89 5.81 0.29
CA MET A 16 9.37 6.11 -1.05
C MET A 16 8.76 7.43 -1.52
N SER A 17 9.04 7.83 -2.76
CA SER A 17 8.50 9.04 -3.32
C SER A 17 7.06 8.77 -3.78
N ARG A 18 6.32 9.81 -4.15
CA ARG A 18 4.96 9.67 -4.66
C ARG A 18 5.00 9.23 -6.13
N PRO A 19 4.30 8.16 -6.53
CA PRO A 19 4.08 7.85 -7.96
C PRO A 19 2.96 8.73 -8.52
N VAL A 20 2.77 8.67 -9.84
CA VAL A 20 1.53 9.10 -10.45
C VAL A 20 0.47 8.00 -10.34
N MET A 21 -0.65 8.22 -11.01
CA MET A 21 -1.79 7.34 -11.14
C MET A 21 -2.50 7.81 -12.40
N HIS A 22 -2.83 6.91 -13.34
CA HIS A 22 -3.52 7.24 -14.57
C HIS A 22 -4.64 6.21 -14.81
N PHE A 23 -5.82 6.45 -14.23
CA PHE A 23 -6.98 5.56 -14.28
C PHE A 23 -7.58 5.46 -15.66
N GLY A 24 -7.45 6.50 -16.49
CA GLY A 24 -8.05 6.51 -17.82
C GLY A 24 -9.56 6.75 -17.73
N ASN A 25 -10.03 7.48 -16.72
CA ASN A 25 -11.27 8.24 -16.78
C ASN A 25 -10.85 9.70 -16.63
N GLU A 26 -11.86 10.57 -16.60
CA GLU A 26 -11.70 11.92 -16.10
C GLU A 26 -11.80 11.94 -14.59
N TYR A 27 -12.90 11.42 -14.00
CA TYR A 27 -13.30 11.85 -12.67
C TYR A 27 -12.31 11.33 -11.65
N GLU A 28 -12.01 10.04 -11.77
CA GLU A 28 -11.08 9.29 -10.95
C GLU A 28 -9.72 10.00 -10.95
N ASP A 29 -9.27 10.39 -12.15
CA ASP A 29 -7.94 10.94 -12.36
C ASP A 29 -7.85 12.33 -11.79
N ARG A 30 -8.83 13.19 -12.08
CA ARG A 30 -8.94 14.50 -11.47
C ARG A 30 -9.01 14.33 -9.96
N TYR A 31 -9.83 13.40 -9.42
CA TYR A 31 -10.00 13.22 -8.00
C TYR A 31 -8.66 12.94 -7.34
N TYR A 32 -7.90 12.00 -7.88
CA TYR A 32 -6.56 11.72 -7.39
C TYR A 32 -5.69 12.96 -7.51
N ARG A 33 -5.63 13.60 -8.69
CA ARG A 33 -4.69 14.67 -8.98
C ARG A 33 -4.94 15.87 -8.08
N GLU A 34 -6.22 16.17 -7.82
CA GLU A 34 -6.65 17.27 -6.99
C GLU A 34 -6.16 17.10 -5.55
N ASN A 35 -5.76 15.89 -5.15
CA ASN A 35 -5.45 15.56 -3.77
C ASN A 35 -4.31 14.54 -3.69
N GLN A 36 -3.36 14.56 -4.63
CA GLN A 36 -2.24 13.62 -4.73
C GLN A 36 -1.15 13.87 -3.66
N TYR A 37 -1.53 14.59 -2.61
CA TYR A 37 -0.80 14.82 -1.37
C TYR A 37 -1.53 14.24 -0.15
N ARG A 38 -2.74 13.68 -0.29
CA ARG A 38 -3.50 13.12 0.84
C ARG A 38 -3.20 11.63 1.05
N TYR A 39 -2.85 10.89 -0.01
CA TYR A 39 -2.55 9.47 0.09
C TYR A 39 -1.12 9.28 0.63
N PRO A 40 -0.86 8.19 1.39
CA PRO A 40 0.44 7.90 2.02
C PRO A 40 1.53 7.67 0.99
N ASN A 41 2.78 7.76 1.42
CA ASN A 41 3.96 7.51 0.61
C ASN A 41 4.72 6.29 1.15
N GLN A 42 4.02 5.41 1.89
CA GLN A 42 4.54 4.13 2.38
C GLN A 42 3.54 3.02 2.12
N VAL A 43 3.96 1.78 2.34
CA VAL A 43 3.12 0.58 2.41
C VAL A 43 3.64 -0.33 3.53
N MET A 44 2.88 -1.36 3.90
CA MET A 44 3.26 -2.41 4.85
C MET A 44 3.06 -3.79 4.24
N TYR A 45 3.84 -4.77 4.68
CA TYR A 45 3.94 -6.08 4.04
C TYR A 45 4.32 -7.20 5.01
N ARG A 46 4.24 -8.46 4.55
CA ARG A 46 4.74 -9.69 5.19
C ARG A 46 6.01 -10.12 4.46
N PRO A 47 6.93 -10.89 5.08
CA PRO A 47 8.20 -11.21 4.45
C PRO A 47 8.03 -12.18 3.27
N ILE A 48 8.97 -12.19 2.32
CA ILE A 48 8.94 -13.08 1.15
C ILE A 48 9.16 -14.55 1.54
N ASP A 49 9.53 -14.82 2.80
CA ASP A 49 9.47 -16.15 3.42
C ASP A 49 8.05 -16.74 3.26
N GLN A 50 7.03 -15.87 3.25
CA GLN A 50 5.63 -16.29 3.26
C GLN A 50 5.11 -16.62 1.85
N TYR A 51 5.74 -16.11 0.78
CA TYR A 51 5.17 -16.17 -0.57
C TYR A 51 6.17 -15.79 -1.67
N GLY A 52 5.84 -16.03 -2.94
CA GLY A 52 6.74 -15.81 -4.07
C GLY A 52 6.08 -15.20 -5.31
N SER A 53 4.78 -14.93 -5.27
CA SER A 53 4.07 -14.26 -6.36
C SER A 53 4.13 -12.75 -6.15
N GLN A 54 3.73 -11.96 -7.16
CA GLN A 54 3.62 -10.53 -7.01
C GLN A 54 2.22 -10.26 -6.52
N ASN A 55 1.25 -10.77 -7.25
CA ASN A 55 -0.15 -10.62 -6.97
C ASN A 55 -0.47 -10.98 -5.52
N SER A 56 -0.22 -12.20 -5.08
CA SER A 56 -0.53 -12.62 -3.70
C SER A 56 0.31 -11.91 -2.64
N PHE A 57 1.29 -11.10 -3.03
CA PHE A 57 2.00 -10.21 -2.12
C PHE A 57 1.17 -8.94 -2.05
N VAL A 58 1.07 -8.26 -3.18
CA VAL A 58 0.45 -6.97 -3.39
C VAL A 58 -0.99 -7.00 -2.89
N HIS A 59 -1.79 -8.00 -3.27
CA HIS A 59 -3.17 -8.21 -2.84
C HIS A 59 -3.35 -8.15 -1.32
N ASP A 60 -2.33 -8.52 -0.54
CA ASP A 60 -2.41 -8.60 0.92
C ASP A 60 -1.74 -7.38 1.55
N CYS A 61 -0.58 -6.98 1.00
CA CYS A 61 0.20 -5.80 1.35
C CYS A 61 -0.67 -4.54 1.25
N VAL A 62 -1.31 -4.37 0.10
CA VAL A 62 -2.26 -3.30 -0.16
C VAL A 62 -3.32 -3.37 0.91
N ASN A 63 -3.92 -4.55 1.09
CA ASN A 63 -5.08 -4.71 1.94
C ASN A 63 -4.77 -4.48 3.39
N ILE A 64 -3.52 -4.61 3.83
CA ILE A 64 -3.10 -4.22 5.16
C ILE A 64 -2.97 -2.71 5.14
N THR A 65 -2.20 -2.14 4.20
CA THR A 65 -1.87 -0.73 4.12
C THR A 65 -3.14 0.11 4.21
N VAL A 66 -4.19 -0.16 3.42
CA VAL A 66 -5.47 0.55 3.53
C VAL A 66 -5.92 0.62 4.97
N LYS A 67 -6.00 -0.53 5.61
CA LYS A 67 -6.31 -0.59 7.06
C LYS A 67 -5.39 0.31 7.87
N GLN A 68 -4.07 0.27 7.69
CA GLN A 68 -3.10 1.02 8.49
C GLN A 68 -3.35 2.54 8.49
N HIS A 69 -4.18 2.99 7.57
CA HIS A 69 -4.69 4.35 7.52
C HIS A 69 -6.15 4.39 7.99
N THR A 70 -7.01 3.53 7.46
CA THR A 70 -8.44 3.45 7.75
C THR A 70 -8.82 2.74 9.06
N THR A 71 -7.84 2.54 9.94
CA THR A 71 -7.93 1.80 11.21
C THR A 71 -7.07 2.47 12.29
N THR A 72 -6.44 3.61 11.96
CA THR A 72 -5.48 4.33 12.75
C THR A 72 -5.66 5.82 12.47
N THR A 73 -5.26 6.29 11.29
CA THR A 73 -5.18 7.70 10.96
C THR A 73 -6.55 8.38 10.95
N THR A 74 -7.63 7.62 10.85
CA THR A 74 -8.98 8.14 11.03
C THR A 74 -9.16 8.75 12.44
N THR A 75 -8.72 8.08 13.52
CA THR A 75 -8.75 8.69 14.85
C THR A 75 -7.79 9.90 14.92
N LYS A 76 -6.73 9.90 14.11
CA LYS A 76 -5.78 10.99 13.96
C LYS A 76 -6.40 12.18 13.21
N GLY A 77 -7.61 12.04 12.66
CA GLY A 77 -8.41 13.09 12.05
C GLY A 77 -8.67 12.90 10.56
N GLU A 78 -8.28 11.77 9.96
CA GLU A 78 -8.68 11.48 8.59
C GLU A 78 -10.11 10.97 8.53
N ASN A 79 -10.59 10.83 7.31
CA ASN A 79 -11.95 10.32 7.07
C ASN A 79 -12.15 9.54 5.78
N PHE A 80 -11.07 8.97 5.29
CA PHE A 80 -10.96 8.11 4.12
C PHE A 80 -12.23 7.36 3.72
N THR A 81 -12.88 7.84 2.66
CA THR A 81 -14.11 7.28 2.12
C THR A 81 -13.82 6.13 1.17
N GLU A 82 -14.82 5.31 0.84
CA GLU A 82 -14.63 4.13 0.02
C GLU A 82 -14.03 4.51 -1.35
N THR A 83 -14.54 5.56 -2.01
CA THR A 83 -13.97 6.10 -3.24
C THR A 83 -12.46 6.35 -3.10
N ASP A 84 -12.08 6.97 -1.99
CA ASP A 84 -10.71 7.36 -1.71
C ASP A 84 -9.86 6.11 -1.53
N ILE A 85 -10.46 4.98 -1.14
CA ILE A 85 -9.81 3.69 -0.95
C ILE A 85 -9.61 2.99 -2.29
N LYS A 86 -10.54 3.13 -3.24
CA LYS A 86 -10.38 2.55 -4.57
C LYS A 86 -9.13 3.15 -5.19
N ILE A 87 -9.07 4.48 -5.18
CA ILE A 87 -7.89 5.23 -5.60
C ILE A 87 -6.68 4.74 -4.81
N MET A 88 -6.74 4.80 -3.46
CA MET A 88 -5.63 4.44 -2.60
C MET A 88 -5.07 3.07 -2.95
N GLU A 89 -5.91 2.04 -3.13
CA GLU A 89 -5.50 0.69 -3.49
C GLU A 89 -4.61 0.71 -4.72
N ARG A 90 -5.05 1.37 -5.80
CA ARG A 90 -4.33 1.39 -7.06
C ARG A 90 -2.99 2.07 -6.88
N VAL A 91 -2.97 3.18 -6.14
CA VAL A 91 -1.74 3.88 -5.81
C VAL A 91 -0.79 2.92 -5.07
N VAL A 92 -1.26 2.39 -3.94
CA VAL A 92 -0.58 1.50 -3.02
C VAL A 92 -0.06 0.26 -3.75
N GLU A 93 -0.73 -0.23 -4.79
CA GLU A 93 -0.30 -1.29 -5.67
C GLU A 93 1.03 -0.96 -6.33
N GLN A 94 1.13 0.22 -6.96
CA GLN A 94 2.28 0.58 -7.81
C GLN A 94 3.57 0.61 -6.99
N MET A 95 3.44 0.94 -5.71
CA MET A 95 4.51 1.10 -4.75
C MET A 95 4.72 -0.17 -3.95
N CYS A 96 3.69 -0.98 -3.70
CA CYS A 96 3.87 -2.29 -3.09
C CYS A 96 4.63 -3.24 -4.01
N ILE A 97 4.40 -3.18 -5.33
CA ILE A 97 5.19 -3.95 -6.29
C ILE A 97 6.68 -3.61 -6.10
N THR A 98 7.01 -2.33 -6.03
CA THR A 98 8.38 -1.88 -5.80
C THR A 98 8.88 -2.33 -4.43
N GLN A 99 8.02 -2.35 -3.40
CA GLN A 99 8.38 -2.75 -2.05
C GLN A 99 8.83 -4.21 -2.01
N TYR A 100 8.03 -5.12 -2.58
CA TYR A 100 8.34 -6.54 -2.73
C TYR A 100 9.73 -6.70 -3.33
N GLN A 101 9.96 -6.00 -4.43
CA GLN A 101 11.24 -6.00 -5.12
C GLN A 101 12.33 -5.49 -4.18
N ASN A 102 12.11 -4.39 -3.44
CA ASN A 102 13.08 -3.86 -2.49
C ASN A 102 13.34 -4.80 -1.31
N GLU A 103 12.53 -5.82 -1.05
CA GLU A 103 12.94 -6.91 -0.16
C GLU A 103 13.86 -7.83 -0.94
N TYR A 104 13.32 -8.55 -1.94
CA TYR A 104 14.01 -9.61 -2.67
C TYR A 104 15.37 -9.15 -3.20
N GLN A 105 15.34 -8.07 -3.99
CA GLN A 105 16.50 -7.52 -4.67
C GLN A 105 17.59 -7.22 -3.65
N ALA A 106 17.22 -6.94 -2.40
CA ALA A 106 18.08 -6.42 -1.39
C ALA A 106 18.37 -7.42 -0.27
N ALA A 107 18.05 -8.69 -0.50
CA ALA A 107 18.14 -9.74 0.51
C ALA A 107 18.88 -10.88 -0.17
N GLN A 108 18.25 -11.45 -1.19
CA GLN A 108 18.83 -12.50 -2.01
C GLN A 108 20.02 -12.08 -2.85
N ARG A 109 20.33 -10.79 -2.85
CA ARG A 109 21.55 -10.36 -3.48
C ARG A 109 22.79 -10.92 -2.81
N TYR A 110 22.73 -11.09 -1.48
CA TYR A 110 23.84 -11.49 -0.65
C TYR A 110 23.53 -12.70 0.23
N TYR A 111 22.24 -13.09 0.24
CA TYR A 111 21.62 -14.17 0.96
C TYR A 111 21.52 -13.81 2.44
N ASN A 112 20.29 -13.72 2.96
CA ASN A 112 20.04 -13.18 4.28
C ASN A 112 18.93 -13.95 4.97
N GLY A 1 -8.28 -8.51 4.19
CA GLY A 1 -7.74 -7.58 5.18
C GLY A 1 -8.69 -7.43 6.36
N SER A 2 -8.44 -8.18 7.43
CA SER A 2 -8.89 -7.93 8.79
C SER A 2 -8.22 -8.98 9.65
N VAL A 3 -7.79 -8.61 10.86
CA VAL A 3 -7.34 -9.53 11.88
C VAL A 3 -8.25 -9.26 13.08
N VAL A 4 -8.00 -9.91 14.21
CA VAL A 4 -8.51 -9.47 15.51
C VAL A 4 -7.94 -8.07 15.83
N GLY A 5 -8.53 -7.01 15.27
CA GLY A 5 -8.37 -5.62 15.67
C GLY A 5 -6.95 -5.04 15.58
N GLY A 6 -5.98 -5.71 14.95
CA GLY A 6 -4.55 -5.39 15.01
C GLY A 6 -3.95 -5.56 13.62
N LEU A 7 -2.76 -6.17 13.50
CA LEU A 7 -2.28 -7.01 12.41
C LEU A 7 -1.46 -8.16 12.98
N GLY A 8 -1.21 -9.20 12.19
CA GLY A 8 -0.57 -10.42 12.66
C GLY A 8 0.95 -10.41 12.59
N GLY A 9 1.59 -9.23 12.55
CA GLY A 9 3.04 -9.13 12.45
C GLY A 9 3.51 -8.64 11.09
N TYR A 10 2.76 -7.74 10.46
CA TYR A 10 3.24 -6.96 9.33
C TYR A 10 4.24 -5.92 9.79
N MET A 11 5.05 -5.43 8.85
CA MET A 11 5.98 -4.32 9.03
C MET A 11 5.80 -3.32 7.89
N LEU A 12 6.41 -2.14 8.06
CA LEU A 12 6.55 -1.07 7.09
C LEU A 12 8.00 -1.13 6.58
N GLY A 13 8.23 -1.01 5.28
CA GLY A 13 9.56 -1.18 4.68
C GLY A 13 10.39 0.10 4.72
N SER A 14 10.01 1.05 3.87
CA SER A 14 10.59 2.38 3.79
C SER A 14 9.56 3.32 3.14
N ALA A 15 9.98 4.53 2.77
CA ALA A 15 9.18 5.43 1.95
C ALA A 15 9.84 5.62 0.60
N MET A 16 9.02 5.78 -0.43
CA MET A 16 9.49 5.78 -1.82
C MET A 16 9.16 7.03 -2.59
N SER A 17 9.70 7.09 -3.81
CA SER A 17 9.33 8.02 -4.79
C SER A 17 7.83 7.97 -5.00
N ARG A 18 7.17 9.13 -4.99
CA ARG A 18 5.73 9.16 -5.13
C ARG A 18 5.37 8.93 -6.60
N PRO A 19 4.52 7.94 -6.91
CA PRO A 19 4.14 7.64 -8.26
C PRO A 19 3.04 8.59 -8.72
N VAL A 20 2.79 8.58 -10.02
CA VAL A 20 1.59 9.14 -10.60
C VAL A 20 0.48 8.10 -10.53
N MET A 21 -0.66 8.40 -11.16
CA MET A 21 -1.82 7.55 -11.27
C MET A 21 -2.59 8.10 -12.46
N HIS A 22 -2.90 7.28 -13.46
CA HIS A 22 -3.55 7.67 -14.70
C HIS A 22 -4.59 6.60 -15.09
N PHE A 23 -5.75 6.60 -14.43
CA PHE A 23 -6.82 5.63 -14.66
C PHE A 23 -7.41 5.76 -16.06
N GLY A 24 -7.29 6.94 -16.68
CA GLY A 24 -7.79 7.19 -18.02
C GLY A 24 -9.24 7.68 -18.06
N ASN A 25 -9.88 7.89 -16.90
CA ASN A 25 -11.02 8.79 -16.85
C ASN A 25 -10.46 10.20 -16.82
N GLU A 26 -11.38 11.13 -16.69
CA GLU A 26 -11.04 12.51 -16.37
C GLU A 26 -11.37 12.84 -14.91
N TYR A 27 -12.32 12.11 -14.34
CA TYR A 27 -12.85 12.29 -12.99
C TYR A 27 -11.89 11.69 -11.98
N GLU A 28 -11.60 10.39 -12.14
CA GLU A 28 -10.80 9.60 -11.21
C GLU A 28 -9.42 10.23 -11.10
N ASP A 29 -8.85 10.63 -12.24
CA ASP A 29 -7.53 11.23 -12.34
C ASP A 29 -7.47 12.53 -11.53
N ARG A 30 -8.51 13.35 -11.70
CA ARG A 30 -8.64 14.63 -11.03
C ARG A 30 -8.82 14.43 -9.53
N TYR A 31 -9.72 13.52 -9.13
CA TYR A 31 -9.96 13.18 -7.73
C TYR A 31 -8.66 12.76 -7.04
N TYR A 32 -7.88 11.93 -7.71
CA TYR A 32 -6.56 11.51 -7.27
C TYR A 32 -5.65 12.72 -7.05
N ARG A 33 -5.60 13.66 -8.00
CA ARG A 33 -4.70 14.81 -7.91
C ARG A 33 -5.16 15.72 -6.77
N GLU A 34 -6.46 16.02 -6.70
CA GLU A 34 -7.07 16.86 -5.68
C GLU A 34 -6.61 16.44 -4.28
N ASN A 35 -6.61 15.13 -4.01
CA ASN A 35 -6.41 14.57 -2.68
C ASN A 35 -5.13 13.75 -2.57
N GLN A 36 -4.14 14.04 -3.43
CA GLN A 36 -2.88 13.33 -3.54
C GLN A 36 -2.06 13.33 -2.25
N TYR A 37 -2.42 14.19 -1.30
CA TYR A 37 -1.79 14.28 0.00
C TYR A 37 -2.32 13.23 0.99
N ARG A 38 -3.58 12.76 0.83
CA ARG A 38 -4.16 11.75 1.71
C ARG A 38 -3.46 10.42 1.46
N TYR A 39 -3.31 10.06 0.18
CA TYR A 39 -2.71 8.81 -0.24
C TYR A 39 -1.28 8.71 0.31
N PRO A 40 -0.87 7.55 0.86
CA PRO A 40 0.46 7.38 1.45
C PRO A 40 1.57 7.52 0.41
N ASN A 41 2.81 7.55 0.90
CA ASN A 41 4.05 7.37 0.14
C ASN A 41 4.86 6.19 0.71
N GLN A 42 4.20 5.31 1.47
CA GLN A 42 4.77 4.18 2.18
C GLN A 42 3.86 2.96 2.03
N VAL A 43 4.40 1.77 2.27
CA VAL A 43 3.72 0.48 2.06
C VAL A 43 4.22 -0.55 3.07
N MET A 44 3.28 -1.25 3.72
CA MET A 44 3.55 -2.34 4.64
C MET A 44 3.34 -3.69 3.97
N TYR A 45 3.91 -4.75 4.56
CA TYR A 45 4.01 -6.08 3.98
C TYR A 45 4.40 -7.11 5.06
N ARG A 46 4.54 -8.36 4.64
CA ARG A 46 5.07 -9.48 5.42
C ARG A 46 6.32 -9.99 4.71
N PRO A 47 7.22 -10.70 5.40
CA PRO A 47 8.48 -11.08 4.83
C PRO A 47 8.25 -12.05 3.68
N ILE A 48 8.97 -11.88 2.59
CA ILE A 48 8.93 -12.77 1.42
C ILE A 48 9.23 -14.22 1.78
N ASP A 49 9.90 -14.48 2.90
CA ASP A 49 10.16 -15.80 3.47
C ASP A 49 8.87 -16.61 3.71
N GLN A 50 7.70 -15.95 3.70
CA GLN A 50 6.39 -16.57 3.90
C GLN A 50 5.69 -17.01 2.61
N TYR A 51 6.11 -16.51 1.43
CA TYR A 51 5.29 -16.56 0.22
C TYR A 51 6.04 -16.08 -1.03
N GLY A 52 6.58 -17.00 -1.82
CA GLY A 52 7.33 -16.70 -3.05
C GLY A 52 6.40 -16.30 -4.20
N SER A 53 5.81 -15.10 -4.15
CA SER A 53 4.89 -14.62 -5.17
C SER A 53 4.84 -13.10 -5.17
N GLN A 54 4.48 -12.48 -6.30
CA GLN A 54 4.17 -11.07 -6.36
C GLN A 54 2.71 -10.82 -5.98
N ASN A 55 1.79 -11.71 -6.36
CA ASN A 55 0.35 -11.55 -6.17
C ASN A 55 -0.07 -11.69 -4.75
N SER A 56 0.14 -12.88 -4.18
CA SER A 56 -0.18 -13.13 -2.79
C SER A 56 0.62 -12.19 -1.88
N PHE A 57 1.63 -11.50 -2.43
CA PHE A 57 2.32 -10.44 -1.69
C PHE A 57 1.43 -9.21 -1.79
N VAL A 58 1.34 -8.63 -2.98
CA VAL A 58 0.72 -7.33 -3.26
C VAL A 58 -0.73 -7.30 -2.79
N HIS A 59 -1.52 -8.36 -2.95
CA HIS A 59 -2.94 -8.28 -2.65
C HIS A 59 -3.16 -8.22 -1.14
N ASP A 60 -2.31 -8.89 -0.35
CA ASP A 60 -2.34 -8.79 1.11
C ASP A 60 -1.68 -7.49 1.58
N CYS A 61 -0.66 -7.03 0.84
CA CYS A 61 0.09 -5.80 1.05
C CYS A 61 -0.85 -4.59 0.96
N VAL A 62 -1.53 -4.45 -0.18
CA VAL A 62 -2.47 -3.38 -0.50
C VAL A 62 -3.61 -3.41 0.50
N ASN A 63 -4.04 -4.61 0.90
CA ASN A 63 -5.05 -4.76 1.93
C ASN A 63 -4.54 -4.06 3.18
N ILE A 64 -3.48 -4.59 3.77
CA ILE A 64 -2.99 -4.14 5.06
C ILE A 64 -2.68 -2.65 5.03
N THR A 65 -1.97 -2.15 4.02
CA THR A 65 -1.58 -0.75 3.99
C THR A 65 -2.85 0.09 4.06
N VAL A 66 -3.84 -0.14 3.19
CA VAL A 66 -5.13 0.54 3.23
C VAL A 66 -5.69 0.48 4.65
N LYS A 67 -5.75 -0.69 5.28
CA LYS A 67 -6.19 -0.85 6.67
C LYS A 67 -5.45 0.09 7.58
N GLN A 68 -4.12 0.14 7.56
CA GLN A 68 -3.37 0.98 8.49
C GLN A 68 -3.81 2.44 8.41
N HIS A 69 -4.22 2.92 7.23
CA HIS A 69 -4.81 4.24 7.10
C HIS A 69 -6.25 4.19 7.64
N THR A 70 -7.09 3.32 7.10
CA THR A 70 -8.52 3.19 7.38
C THR A 70 -8.83 2.54 8.73
N THR A 71 -7.84 2.45 9.62
CA THR A 71 -7.93 1.83 10.93
C THR A 71 -7.17 2.63 12.01
N THR A 72 -6.38 3.65 11.62
CA THR A 72 -5.55 4.43 12.52
C THR A 72 -5.67 5.91 12.18
N THR A 73 -5.19 6.34 11.00
CA THR A 73 -5.13 7.76 10.68
C THR A 73 -6.52 8.41 10.76
N THR A 74 -7.59 7.65 10.50
CA THR A 74 -8.94 8.15 10.58
C THR A 74 -9.21 8.78 11.96
N THR A 75 -8.90 8.10 13.06
CA THR A 75 -9.09 8.67 14.38
C THR A 75 -8.10 9.83 14.66
N LYS A 76 -6.95 9.89 13.97
CA LYS A 76 -5.99 10.98 14.02
C LYS A 76 -6.50 12.24 13.29
N GLY A 77 -7.65 12.17 12.63
CA GLY A 77 -8.28 13.31 11.97
C GLY A 77 -8.53 13.07 10.48
N GLU A 78 -8.68 11.83 10.03
CA GLU A 78 -8.99 11.50 8.64
C GLU A 78 -10.37 10.87 8.48
N ASN A 79 -10.86 10.96 7.25
CA ASN A 79 -12.10 10.36 6.81
C ASN A 79 -11.97 9.88 5.37
N PHE A 80 -11.12 8.88 5.24
CA PHE A 80 -10.97 8.12 4.02
C PHE A 80 -12.29 7.49 3.64
N THR A 81 -12.76 7.84 2.45
CA THR A 81 -14.01 7.38 1.87
C THR A 81 -13.77 6.24 0.90
N GLU A 82 -14.83 5.50 0.58
CA GLU A 82 -14.69 4.30 -0.24
C GLU A 82 -14.11 4.64 -1.60
N THR A 83 -14.58 5.70 -2.26
CA THR A 83 -14.03 6.18 -3.52
C THR A 83 -12.52 6.46 -3.38
N ASP A 84 -12.12 7.00 -2.24
CA ASP A 84 -10.73 7.31 -1.93
C ASP A 84 -9.91 6.04 -1.86
N ILE A 85 -10.53 4.94 -1.42
CA ILE A 85 -9.88 3.67 -1.24
C ILE A 85 -9.67 3.04 -2.61
N LYS A 86 -10.61 3.20 -3.54
CA LYS A 86 -10.46 2.65 -4.89
C LYS A 86 -9.24 3.25 -5.56
N ILE A 87 -9.03 4.56 -5.40
CA ILE A 87 -7.84 5.24 -5.89
C ILE A 87 -6.64 4.72 -5.10
N MET A 88 -6.66 4.86 -3.77
CA MET A 88 -5.55 4.58 -2.88
C MET A 88 -5.02 3.16 -3.07
N GLU A 89 -5.89 2.18 -3.28
CA GLU A 89 -5.54 0.78 -3.55
C GLU A 89 -4.61 0.65 -4.74
N ARG A 90 -4.75 1.49 -5.77
CA ARG A 90 -3.94 1.42 -6.98
C ARG A 90 -2.61 2.10 -6.77
N VAL A 91 -2.62 3.29 -6.16
CA VAL A 91 -1.41 4.01 -5.77
C VAL A 91 -0.53 3.03 -4.96
N VAL A 92 -1.11 2.42 -3.94
CA VAL A 92 -0.44 1.49 -3.03
C VAL A 92 -0.10 0.15 -3.70
N GLU A 93 -0.82 -0.28 -4.74
CA GLU A 93 -0.47 -1.48 -5.48
C GLU A 93 0.82 -1.24 -6.24
N GLN A 94 0.91 -0.10 -6.91
CA GLN A 94 2.06 0.27 -7.72
C GLN A 94 3.28 0.41 -6.82
N MET A 95 3.13 1.14 -5.72
CA MET A 95 4.15 1.27 -4.68
C MET A 95 4.54 -0.10 -4.12
N CYS A 96 3.56 -0.91 -3.75
CA CYS A 96 3.85 -2.23 -3.20
C CYS A 96 4.60 -3.11 -4.20
N ILE A 97 4.27 -3.04 -5.50
CA ILE A 97 5.00 -3.74 -6.55
C ILE A 97 6.46 -3.27 -6.54
N THR A 98 6.71 -1.95 -6.48
CA THR A 98 8.05 -1.40 -6.31
C THR A 98 8.72 -1.97 -5.04
N GLN A 99 8.01 -2.02 -3.90
CA GLN A 99 8.57 -2.50 -2.64
C GLN A 99 8.95 -3.98 -2.76
N TYR A 100 8.04 -4.88 -3.15
CA TYR A 100 8.33 -6.32 -3.27
C TYR A 100 9.57 -6.57 -4.10
N GLN A 101 9.67 -5.92 -5.26
CA GLN A 101 10.83 -6.01 -6.13
C GLN A 101 12.06 -5.64 -5.31
N ASN A 102 12.10 -4.45 -4.68
CA ASN A 102 13.23 -4.01 -3.88
C ASN A 102 13.58 -5.07 -2.84
N GLU A 103 12.60 -5.51 -2.06
CA GLU A 103 12.73 -6.41 -0.92
C GLU A 103 13.41 -7.71 -1.34
N TYR A 104 12.81 -8.38 -2.32
CA TYR A 104 13.25 -9.66 -2.84
C TYR A 104 14.61 -9.54 -3.48
N GLN A 105 14.78 -8.56 -4.36
CA GLN A 105 16.01 -8.40 -5.11
C GLN A 105 17.16 -8.18 -4.14
N ALA A 106 16.92 -7.31 -3.15
CA ALA A 106 17.80 -6.94 -2.08
C ALA A 106 17.96 -8.02 -1.00
N ALA A 107 17.37 -9.19 -1.21
CA ALA A 107 17.47 -10.39 -0.39
C ALA A 107 18.22 -11.45 -1.18
N GLN A 108 17.74 -11.83 -2.38
CA GLN A 108 18.33 -12.83 -3.27
C GLN A 108 19.81 -12.59 -3.59
N ARG A 109 20.33 -11.39 -3.36
CA ARG A 109 21.75 -11.12 -3.50
C ARG A 109 22.62 -11.85 -2.49
N TYR A 110 22.06 -12.19 -1.34
CA TYR A 110 22.71 -12.96 -0.30
C TYR A 110 21.90 -14.14 0.23
N TYR A 111 20.62 -14.19 -0.17
CA TYR A 111 19.53 -15.11 0.16
C TYR A 111 19.00 -14.77 1.56
N ASN A 112 17.70 -14.50 1.72
CA ASN A 112 17.09 -14.15 3.01
C ASN A 112 15.60 -14.42 3.04
#